data_4XKG
#
_entry.id   4XKG
#
_cell.length_a   185.460
_cell.length_b   99.064
_cell.length_c   133.671
_cell.angle_alpha   90.000
_cell.angle_beta   126.470
_cell.angle_gamma   90.000
#
_symmetry.space_group_name_H-M   'C 1 2 1'
#
loop_
_entity.id
_entity.type
_entity.pdbx_description
1 polymer 'Hemagglutinin HA1 chain'
2 polymer 'Hemagglutinin HA2 chain'
3 non-polymer 2-acetamido-2-deoxy-beta-D-glucopyranose
4 non-polymer 'N-acetyl-alpha-neuraminic acid'
5 non-polymer beta-D-galactopyranose
6 water water
#
loop_
_entity_poly.entity_id
_entity_poly.type
_entity_poly.pdbx_seq_one_letter_code
_entity_poly.pdbx_strand_id
1 'polypeptide(L)'
;ADPGDKICIGYHANNSTTQVDTLLEKNVTVTHSVELLENQKEKRFCKIMNKAPLDLKDCTIEGWILGNPKCDLLLGDQSW
SYIVERPNAQNGICYPGVLNELEELKAFIGSGERVERFEMFPKSTWAGVDTSRGVTNACPSYTIDSSFYRNLVWIVKTDS
ATYPVIKGTYNNTGTQPILYFWGVHHPLDTTVQDNLYGSGDKYVRMGTESMNFAKSPEIAARPAVNGQRSRIDYYWSVLR
PGETLNVESNGNLIAPWYAYKFVSTNKKGAVFKSDLPIENCDATCQTITGVLRTNKTFQNVSPLWIGECPKYVKSESLRL
ATGLRNVPQIATR
;
A,C,E
2 'polypeptide(L)'
;GIFGAIAGFIEGGWTGMIDGWYGYHHENSQGSGYAADRESTQKAIDGITNKVNSIINKMNTQFEAVDHEFSNLERRIGNL
NKRMEDGFLDVWTYNAELLVLLENERTLDLHDANVKNLYEKVKSQLRDNANDLGNGCFEFWHKCDNECMESVKNGTYDYP
KYQKESKLNRQGIEGRLVPR
;
B,D,F
#
# COMPACT_ATOMS: atom_id res chain seq x y z
N PRO A 3 -64.72 -13.69 -1.42
CA PRO A 3 -66.03 -13.34 -0.86
C PRO A 3 -65.90 -12.50 0.40
N GLY A 4 -64.90 -12.79 1.22
CA GLY A 4 -64.70 -12.08 2.47
C GLY A 4 -63.70 -10.94 2.38
N ASP A 5 -63.69 -10.12 3.42
CA ASP A 5 -62.80 -9.02 3.52
C ASP A 5 -61.35 -9.47 3.60
N LYS A 6 -60.50 -8.87 2.77
CA LYS A 6 -59.07 -9.28 2.70
C LYS A 6 -58.20 -8.14 3.26
N ILE A 7 -57.17 -8.49 4.00
CA ILE A 7 -56.02 -7.60 4.11
C ILE A 7 -54.75 -8.39 3.82
N CYS A 8 -53.85 -7.76 3.04
CA CYS A 8 -52.65 -8.40 2.52
C CYS A 8 -51.38 -7.59 2.84
N ILE A 9 -50.29 -8.30 3.11
CA ILE A 9 -49.02 -7.63 3.39
C ILE A 9 -48.12 -7.80 2.18
N GLY A 10 -47.50 -6.71 1.74
CA GLY A 10 -46.71 -6.76 0.52
C GLY A 10 -45.67 -5.67 0.46
N TYR A 11 -45.09 -5.48 -0.73
CA TYR A 11 -44.01 -4.54 -0.91
C TYR A 11 -44.16 -3.84 -2.25
N HIS A 12 -43.43 -2.74 -2.35
CA HIS A 12 -43.38 -1.88 -3.52
C HIS A 12 -42.76 -2.56 -4.74
N ALA A 13 -43.27 -2.26 -5.92
CA ALA A 13 -42.57 -2.59 -7.16
C ALA A 13 -42.68 -1.41 -8.13
N ASN A 14 -41.79 -1.33 -9.09
CA ASN A 14 -41.89 -0.31 -10.08
C ASN A 14 -41.38 -0.67 -11.49
N ASN A 15 -41.28 0.30 -12.36
CA ASN A 15 -40.91 0.03 -13.76
C ASN A 15 -39.39 0.06 -13.91
N SER A 16 -38.67 0.17 -12.79
CA SER A 16 -37.21 0.12 -12.83
C SER A 16 -36.63 -1.13 -13.49
N THR A 17 -35.66 -0.94 -14.38
CA THR A 17 -34.94 -2.05 -14.97
C THR A 17 -33.47 -2.08 -14.53
N THR A 18 -33.10 -1.21 -13.60
CA THR A 18 -31.72 -1.12 -13.10
C THR A 18 -31.35 -2.28 -12.19
N GLN A 19 -30.17 -2.86 -12.43
CA GLN A 19 -29.70 -4.05 -11.70
C GLN A 19 -28.47 -3.80 -10.83
N VAL A 20 -28.34 -4.59 -9.76
CA VAL A 20 -27.12 -4.60 -8.95
C VAL A 20 -26.61 -6.04 -8.86
N ASP A 21 -25.35 -6.20 -8.47
CA ASP A 21 -24.85 -7.53 -8.10
C ASP A 21 -24.72 -7.61 -6.58
N THR A 22 -24.82 -8.82 -6.06
CA THR A 22 -24.55 -9.12 -4.66
C THR A 22 -23.64 -10.33 -4.64
N LEU A 23 -23.07 -10.65 -3.47
CA LEU A 23 -22.28 -11.86 -3.30
C LEU A 23 -22.99 -13.14 -3.77
N LEU A 24 -24.31 -13.22 -3.58
CA LEU A 24 -25.04 -14.46 -3.86
C LEU A 24 -25.65 -14.50 -5.25
N GLU A 25 -25.82 -13.35 -5.89
CA GLU A 25 -26.61 -13.32 -7.11
C GLU A 25 -26.27 -12.10 -7.96
N LYS A 26 -26.22 -12.30 -9.28
CA LYS A 26 -25.90 -11.24 -10.21
C LYS A 26 -27.14 -10.76 -10.92
N ASN A 27 -27.12 -9.53 -11.40
CA ASN A 27 -28.21 -9.02 -12.24
C ASN A 27 -29.54 -9.05 -11.52
N VAL A 28 -29.55 -8.59 -10.28
CA VAL A 28 -30.78 -8.43 -9.50
C VAL A 28 -31.41 -7.06 -9.75
N THR A 29 -32.61 -7.03 -10.34
CA THR A 29 -33.31 -5.77 -10.55
C THR A 29 -33.86 -5.24 -9.23
N VAL A 30 -33.64 -3.95 -8.95
CA VAL A 30 -34.07 -3.38 -7.68
C VAL A 30 -34.81 -2.09 -7.93
N THR A 31 -35.71 -1.73 -7.00
CA THR A 31 -36.61 -0.61 -7.19
C THR A 31 -35.90 0.73 -7.10
N HIS A 32 -34.83 0.78 -6.30
CA HIS A 32 -34.03 2.00 -6.09
C HIS A 32 -32.54 1.69 -5.89
N SER A 33 -31.66 2.52 -6.45
CA SER A 33 -30.23 2.31 -6.28
C SER A 33 -29.44 3.60 -6.48
N VAL A 34 -28.16 3.58 -6.11
CA VAL A 34 -27.30 4.74 -6.33
C VAL A 34 -25.99 4.29 -6.98
N GLU A 35 -25.63 4.95 -8.07
CA GLU A 35 -24.33 4.76 -8.71
C GLU A 35 -23.31 5.61 -7.98
N LEU A 36 -22.27 4.96 -7.46
CA LEU A 36 -21.28 5.67 -6.66
C LEU A 36 -20.05 6.06 -7.47
N LEU A 37 -19.97 5.58 -8.71
CA LEU A 37 -18.79 5.77 -9.55
C LEU A 37 -19.05 6.69 -10.74
N GLU A 38 -18.16 7.66 -10.94
CA GLU A 38 -18.18 8.58 -12.06
C GLU A 38 -17.29 8.11 -13.20
N ASN A 39 -17.82 8.08 -14.43
CA ASN A 39 -17.00 7.75 -15.58
C ASN A 39 -17.02 8.81 -16.68
N GLN A 40 -17.65 9.94 -16.43
CA GLN A 40 -17.73 11.03 -17.40
C GLN A 40 -16.70 12.10 -17.07
N LYS A 41 -16.17 12.73 -18.12
CA LYS A 41 -15.19 13.81 -17.97
C LYS A 41 -15.37 14.86 -19.06
N GLU A 42 -14.89 16.08 -18.82
CA GLU A 42 -14.78 17.05 -19.91
C GLU A 42 -13.33 17.03 -20.36
N LYS A 43 -13.12 16.73 -21.64
CA LYS A 43 -11.78 16.55 -22.16
C LYS A 43 -11.12 17.90 -22.38
N ARG A 44 -10.72 18.55 -21.28
CA ARG A 44 -10.09 19.84 -21.34
C ARG A 44 -9.46 20.19 -19.99
N PHE A 45 -8.64 21.24 -19.98
CA PHE A 45 -8.05 21.75 -18.74
C PHE A 45 -8.72 23.08 -18.37
N CYS A 46 -9.08 23.23 -17.10
CA CYS A 46 -9.73 24.45 -16.61
C CYS A 46 -8.93 25.09 -15.48
N LYS A 47 -9.37 26.26 -15.01
CA LYS A 47 -8.76 26.94 -13.87
C LYS A 47 -9.08 26.25 -12.56
N ILE A 48 -8.04 26.03 -11.75
CA ILE A 48 -8.17 25.48 -10.41
C ILE A 48 -7.99 26.62 -9.41
N MET A 49 -8.87 26.71 -8.42
CA MET A 49 -8.90 27.84 -7.48
C MET A 49 -8.83 29.17 -8.23
N ASN A 50 -9.54 29.25 -9.35
CA ASN A 50 -9.57 30.43 -10.21
C ASN A 50 -8.23 30.82 -10.79
N LYS A 51 -7.28 29.89 -10.77
CA LYS A 51 -5.96 30.16 -11.29
C LYS A 51 -5.73 29.37 -12.56
N ALA A 52 -5.30 30.07 -13.60
CA ALA A 52 -5.07 29.48 -14.89
C ALA A 52 -3.78 28.66 -14.92
N PRO A 53 -3.80 27.50 -15.59
CA PRO A 53 -2.58 26.71 -15.73
C PRO A 53 -1.64 27.37 -16.73
N LEU A 54 -0.36 27.07 -16.64
CA LEU A 54 0.61 27.57 -17.60
C LEU A 54 0.69 26.66 -18.82
N ASP A 55 0.38 27.23 -19.98
CA ASP A 55 0.48 26.50 -21.26
C ASP A 55 1.88 26.71 -21.85
N LEU A 56 2.69 25.65 -21.92
CA LEU A 56 4.06 25.80 -22.42
C LEU A 56 4.12 25.71 -23.94
N LYS A 57 2.94 25.49 -24.55
CA LYS A 57 2.78 25.50 -26.00
C LYS A 57 3.84 24.70 -26.76
N ASP A 58 4.67 25.38 -27.54
CA ASP A 58 5.69 24.65 -28.31
C ASP A 58 7.04 24.56 -27.59
N CYS A 59 7.07 24.90 -26.29
CA CYS A 59 8.28 24.80 -25.46
C CYS A 59 8.19 23.71 -24.39
N THR A 60 9.25 22.93 -24.22
CA THR A 60 9.35 22.03 -23.06
C THR A 60 9.67 22.81 -21.77
N ILE A 61 9.60 22.12 -20.63
CA ILE A 61 9.96 22.75 -19.35
C ILE A 61 11.41 23.30 -19.36
N GLU A 62 12.35 22.55 -19.93
CA GLU A 62 13.73 23.00 -20.12
C GLU A 62 13.78 24.30 -20.97
N GLY A 63 13.20 24.26 -22.17
CA GLY A 63 13.18 25.40 -23.05
C GLY A 63 12.66 26.64 -22.37
N TRP A 64 11.65 26.44 -21.51
CA TRP A 64 11.03 27.50 -20.74
C TRP A 64 12.01 28.14 -19.76
N ILE A 65 12.47 27.39 -18.76
CA ILE A 65 13.18 28.05 -17.66
C ILE A 65 14.64 28.34 -17.95
N LEU A 66 15.20 27.77 -19.02
CA LEU A 66 16.53 28.19 -19.49
C LEU A 66 16.40 29.48 -20.32
N GLY A 67 15.22 29.72 -20.86
CA GLY A 67 15.00 30.83 -21.77
C GLY A 67 15.46 30.54 -23.19
N ASN A 68 15.10 29.38 -23.75
CA ASN A 68 15.26 29.15 -25.19
C ASN A 68 14.72 30.36 -25.93
N PRO A 69 15.51 30.87 -26.90
CA PRO A 69 15.17 32.11 -27.61
C PRO A 69 13.79 32.06 -28.29
N LYS A 70 13.35 30.87 -28.68
CA LYS A 70 12.02 30.71 -29.29
C LYS A 70 10.88 30.66 -28.29
N CYS A 71 11.21 30.76 -27.00
CA CYS A 71 10.22 30.68 -25.94
C CYS A 71 9.93 32.04 -25.31
N ASP A 72 10.13 33.10 -26.09
CA ASP A 72 9.93 34.46 -25.57
C ASP A 72 8.48 34.76 -25.16
N LEU A 73 7.53 33.99 -25.70
CA LEU A 73 6.13 34.18 -25.36
C LEU A 73 5.92 33.93 -23.87
N LEU A 74 6.74 33.04 -23.32
CA LEU A 74 6.67 32.69 -21.89
C LEU A 74 7.57 33.54 -20.98
N LEU A 75 8.45 34.34 -21.58
CA LEU A 75 9.48 35.08 -20.85
C LEU A 75 8.89 35.96 -19.74
N GLY A 76 9.54 35.99 -18.58
CA GLY A 76 9.09 36.85 -17.49
C GLY A 76 8.29 36.21 -16.37
N ASP A 77 7.38 36.98 -15.78
CA ASP A 77 6.58 36.49 -14.67
C ASP A 77 5.54 35.47 -15.12
N GLN A 78 5.35 34.44 -14.29
CA GLN A 78 4.30 33.44 -14.51
C GLN A 78 3.73 33.04 -13.17
N SER A 79 2.41 32.88 -13.14
CA SER A 79 1.70 32.36 -11.99
C SER A 79 0.79 31.24 -12.51
N TRP A 80 0.77 30.10 -11.82
CA TRP A 80 -0.01 28.99 -12.33
C TRP A 80 -0.52 28.06 -11.22
N SER A 81 -1.60 27.35 -11.52
CA SER A 81 -2.15 26.35 -10.61
C SER A 81 -1.57 24.98 -10.94
N TYR A 82 -1.23 24.80 -12.20
CA TYR A 82 -0.53 23.61 -12.67
C TYR A 82 0.07 23.89 -14.04
N ILE A 83 0.93 22.99 -14.50
CA ILE A 83 1.61 23.19 -15.77
C ILE A 83 1.17 22.18 -16.81
N VAL A 84 1.06 22.62 -18.07
CA VAL A 84 0.69 21.72 -19.15
C VAL A 84 1.78 21.74 -20.23
N GLU A 85 2.37 20.58 -20.47
CA GLU A 85 3.44 20.43 -21.43
C GLU A 85 3.01 19.54 -22.59
N ARG A 86 2.97 20.10 -23.81
CA ARG A 86 2.51 19.34 -24.97
C ARG A 86 3.52 18.30 -25.37
N PRO A 87 3.05 17.07 -25.65
CA PRO A 87 3.87 15.88 -26.00
C PRO A 87 4.90 16.10 -27.10
N ASN A 88 4.64 16.99 -28.06
CA ASN A 88 5.60 17.14 -29.14
C ASN A 88 6.17 18.55 -29.28
N ALA A 89 6.23 19.26 -28.16
CA ALA A 89 6.92 20.54 -28.05
C ALA A 89 8.33 20.38 -28.63
N GLN A 90 8.76 21.36 -29.43
CA GLN A 90 10.02 21.26 -30.18
C GLN A 90 11.17 22.00 -29.52
N ASN A 91 10.81 23.03 -28.74
CA ASN A 91 11.79 24.00 -28.26
C ASN A 91 12.23 23.71 -26.84
N GLY A 92 13.30 22.93 -26.72
CA GLY A 92 13.87 22.62 -25.41
C GLY A 92 15.31 23.06 -25.32
N ILE A 93 16.20 22.09 -25.13
CA ILE A 93 17.63 22.35 -25.12
C ILE A 93 18.09 22.40 -26.55
N CYS A 94 18.49 23.58 -27.02
CA CYS A 94 18.83 23.71 -28.43
C CYS A 94 20.33 23.49 -28.70
N TYR A 95 21.19 23.93 -27.78
CA TYR A 95 22.60 23.57 -27.83
C TYR A 95 22.78 22.27 -27.05
N PRO A 96 23.23 21.20 -27.73
CA PRO A 96 23.18 19.85 -27.16
C PRO A 96 23.92 19.74 -25.85
N GLY A 97 23.33 18.99 -24.92
CA GLY A 97 23.97 18.73 -23.65
C GLY A 97 22.96 18.29 -22.62
N VAL A 98 23.43 17.92 -21.45
CA VAL A 98 22.57 17.42 -20.38
C VAL A 98 22.17 18.51 -19.38
N LEU A 99 20.89 18.58 -19.04
CA LEU A 99 20.49 19.37 -17.90
C LEU A 99 20.53 18.44 -16.68
N ASN A 100 21.57 18.61 -15.87
CA ASN A 100 21.81 17.66 -14.79
C ASN A 100 20.76 17.74 -13.69
N GLU A 101 20.48 16.59 -13.10
CA GLU A 101 19.38 16.44 -12.13
C GLU A 101 18.04 16.98 -12.71
N LEU A 102 17.69 16.50 -13.89
CA LEU A 102 16.53 17.02 -14.62
C LEU A 102 15.23 16.60 -13.95
N GLU A 103 15.15 15.36 -13.51
CA GLU A 103 13.87 14.87 -12.96
C GLU A 103 13.56 15.59 -11.66
N GLU A 104 14.62 15.95 -10.95
CA GLU A 104 14.43 16.57 -9.66
C GLU A 104 14.14 18.07 -9.88
N LEU A 105 14.64 18.62 -10.98
CA LEU A 105 14.26 19.99 -11.36
C LEU A 105 12.79 20.04 -11.77
N LYS A 106 12.36 19.10 -12.61
CA LYS A 106 10.96 19.07 -13.05
C LYS A 106 10.08 18.94 -11.77
N ALA A 107 10.48 18.08 -10.85
CA ALA A 107 9.77 17.95 -9.56
C ALA A 107 9.72 19.25 -8.74
N PHE A 108 10.83 19.99 -8.72
CA PHE A 108 10.89 21.24 -7.95
C PHE A 108 10.01 22.32 -8.57
N ILE A 109 10.10 22.45 -9.89
CA ILE A 109 9.23 23.39 -10.62
C ILE A 109 7.73 23.07 -10.45
N GLY A 110 7.38 21.79 -10.44
CA GLY A 110 6.01 21.39 -10.20
C GLY A 110 5.44 21.88 -8.89
N SER A 111 6.38 22.12 -7.96
CA SER A 111 6.15 22.59 -6.60
C SER A 111 5.64 24.01 -6.52
N GLY A 112 6.18 24.85 -7.39
CA GLY A 112 5.92 26.26 -7.36
C GLY A 112 4.54 26.64 -7.81
N GLU A 113 4.05 27.76 -7.28
CA GLU A 113 2.89 28.41 -7.83
C GLU A 113 3.24 29.69 -8.57
N ARG A 114 4.52 30.07 -8.61
CA ARG A 114 4.82 31.35 -9.24
C ARG A 114 6.32 31.67 -9.31
N VAL A 115 6.77 32.26 -10.41
CA VAL A 115 8.15 32.76 -10.51
C VAL A 115 8.20 34.23 -10.96
N GLU A 116 9.28 34.93 -10.56
CA GLU A 116 9.55 36.31 -11.00
C GLU A 116 10.91 36.38 -11.66
N ARG A 117 10.94 36.74 -12.94
CA ARG A 117 12.21 36.79 -13.61
C ARG A 117 12.90 38.10 -13.23
N PHE A 118 14.23 38.04 -13.14
CA PHE A 118 15.01 39.21 -12.76
C PHE A 118 16.47 38.99 -13.09
N GLU A 119 17.18 40.06 -13.37
CA GLU A 119 18.60 39.98 -13.67
C GLU A 119 19.43 39.69 -12.42
N MET A 120 20.08 38.55 -12.41
CA MET A 120 20.81 38.12 -11.23
C MET A 120 22.29 38.52 -11.30
N PHE A 121 22.93 38.21 -12.41
CA PHE A 121 24.28 38.68 -12.69
C PHE A 121 24.26 39.53 -13.94
N PRO A 122 24.44 40.85 -13.77
CA PRO A 122 24.57 41.78 -14.90
C PRO A 122 25.82 41.44 -15.68
N LYS A 123 25.78 41.62 -17.00
CA LYS A 123 26.93 41.28 -17.86
C LYS A 123 28.23 41.94 -17.41
N SER A 124 28.12 43.10 -16.78
CA SER A 124 29.27 43.85 -16.29
C SER A 124 30.02 43.13 -15.15
N THR A 125 29.29 42.32 -14.38
CA THR A 125 29.85 41.48 -13.30
C THR A 125 31.22 40.87 -13.66
N TRP A 126 31.37 40.37 -14.87
CA TRP A 126 32.59 39.69 -15.28
C TRP A 126 33.55 40.63 -15.99
N ALA A 127 34.80 40.66 -15.55
CA ALA A 127 35.77 41.64 -16.04
C ALA A 127 36.88 41.00 -16.84
N GLY A 128 37.16 41.58 -18.01
CA GLY A 128 38.28 41.16 -18.82
C GLY A 128 37.86 40.12 -19.83
N VAL A 129 36.56 39.92 -19.95
CA VAL A 129 36.06 38.91 -20.88
C VAL A 129 35.04 39.51 -21.84
N ASP A 130 34.80 38.81 -22.94
CA ASP A 130 33.80 39.25 -23.89
C ASP A 130 32.44 38.55 -23.69
N THR A 131 31.42 39.38 -23.61
CA THR A 131 30.07 38.90 -23.49
C THR A 131 29.43 38.63 -24.84
N SER A 132 29.37 39.68 -25.67
CA SER A 132 28.45 39.78 -26.81
C SER A 132 28.69 38.84 -27.98
N ARG A 133 29.52 37.82 -27.82
CA ARG A 133 29.73 36.85 -28.88
C ARG A 133 29.14 35.48 -28.52
N GLY A 134 28.44 35.42 -27.38
CA GLY A 134 27.92 34.17 -26.84
C GLY A 134 26.63 33.72 -27.50
N VAL A 135 26.74 33.24 -28.74
CA VAL A 135 25.60 33.04 -29.61
C VAL A 135 25.85 31.85 -30.55
N THR A 136 24.81 31.13 -30.95
CA THR A 136 25.00 29.93 -31.76
C THR A 136 23.88 29.64 -32.75
N ASN A 137 24.20 28.93 -33.81
CA ASN A 137 23.24 28.60 -34.83
C ASN A 137 22.30 27.49 -34.38
N ALA A 138 22.58 26.85 -33.27
CA ALA A 138 21.75 25.77 -32.82
C ALA A 138 20.67 26.34 -31.95
N CYS A 139 20.76 27.63 -31.71
CA CYS A 139 19.78 28.34 -30.90
C CYS A 139 19.18 29.56 -31.58
N PRO A 140 18.59 29.39 -32.76
CA PRO A 140 17.97 30.58 -33.35
C PRO A 140 16.80 31.07 -32.51
N SER A 141 16.49 32.36 -32.60
CA SER A 141 15.18 32.84 -32.19
C SER A 141 14.33 32.75 -33.45
N TYR A 142 13.12 33.30 -33.41
CA TYR A 142 12.28 33.24 -34.60
C TYR A 142 12.75 34.32 -35.57
N THR A 143 13.39 35.35 -35.03
CA THR A 143 13.85 36.47 -35.83
C THR A 143 15.31 36.35 -36.28
N ILE A 144 16.18 35.82 -35.41
CA ILE A 144 17.62 35.78 -35.69
C ILE A 144 18.16 34.34 -35.71
N ASP A 145 19.07 34.05 -36.64
CA ASP A 145 19.54 32.68 -36.86
C ASP A 145 20.54 32.21 -35.80
N SER A 146 21.16 33.15 -35.13
CA SER A 146 22.15 32.82 -34.12
C SER A 146 21.88 33.60 -32.85
N SER A 147 21.44 32.89 -31.83
CA SER A 147 21.06 33.52 -30.56
C SER A 147 21.53 32.63 -29.41
N PHE A 148 20.95 32.82 -28.23
CA PHE A 148 21.29 32.01 -27.07
C PHE A 148 20.21 32.16 -26.05
N TYR A 149 20.18 31.24 -25.08
CA TYR A 149 19.20 31.27 -24.00
C TYR A 149 19.13 32.64 -23.34
N ARG A 150 17.94 33.08 -22.96
CA ARG A 150 17.79 34.43 -22.43
C ARG A 150 18.26 34.52 -20.97
N ASN A 151 18.60 33.40 -20.36
CA ASN A 151 18.97 33.41 -18.93
C ASN A 151 20.44 33.03 -18.68
N LEU A 152 21.23 32.98 -19.75
CA LEU A 152 22.61 32.59 -19.61
C LEU A 152 23.50 33.42 -20.54
N VAL A 153 24.71 33.68 -20.09
CA VAL A 153 25.71 34.34 -20.92
C VAL A 153 26.77 33.31 -21.25
N TRP A 154 26.96 33.05 -22.54
CA TRP A 154 28.10 32.27 -23.00
C TRP A 154 29.32 33.20 -23.07
N ILE A 155 30.21 33.12 -22.08
CA ILE A 155 31.33 34.04 -22.00
C ILE A 155 32.54 33.54 -22.80
N VAL A 156 33.17 34.48 -23.52
CA VAL A 156 34.32 34.17 -24.34
C VAL A 156 35.46 35.13 -23.99
N LYS A 157 36.69 34.66 -24.05
CA LYS A 157 37.83 35.54 -23.85
C LYS A 157 37.84 36.63 -24.92
N THR A 158 38.35 37.79 -24.56
CA THR A 158 38.43 38.88 -25.52
C THR A 158 39.68 38.67 -26.40
N ASP A 159 40.03 39.65 -27.21
CA ASP A 159 41.06 39.46 -28.22
C ASP A 159 42.43 39.09 -27.65
N SER A 160 42.69 39.50 -26.40
CA SER A 160 43.88 39.06 -25.68
C SER A 160 43.83 37.56 -25.44
N ALA A 161 44.92 36.85 -25.66
CA ALA A 161 44.88 35.40 -25.59
C ALA A 161 44.42 34.93 -24.23
N THR A 162 44.83 35.61 -23.17
CA THR A 162 44.41 35.23 -21.82
C THR A 162 42.92 35.42 -21.54
N TYR A 163 42.34 34.47 -20.81
CA TYR A 163 41.00 34.59 -20.28
C TYR A 163 41.20 34.75 -18.78
N PRO A 164 40.77 35.98 -18.25
CA PRO A 164 41.13 36.16 -16.84
C PRO A 164 40.25 35.41 -15.88
N VAL A 165 40.71 35.27 -14.64
CA VAL A 165 39.84 34.75 -13.62
C VAL A 165 38.73 35.77 -13.48
N ILE A 166 37.50 35.28 -13.44
CA ILE A 166 36.35 36.14 -13.24
C ILE A 166 35.61 35.67 -12.01
N LYS A 167 34.97 36.61 -11.31
CA LYS A 167 34.29 36.31 -10.07
C LYS A 167 32.97 37.03 -10.10
N GLY A 168 32.00 36.49 -9.36
CA GLY A 168 30.70 37.11 -9.26
C GLY A 168 30.04 36.74 -7.95
N THR A 169 29.33 37.70 -7.37
CA THR A 169 28.68 37.43 -6.12
C THR A 169 27.23 37.86 -6.20
N TYR A 170 26.36 37.07 -5.61
CA TYR A 170 24.98 37.48 -5.42
C TYR A 170 24.54 36.99 -4.07
N ASN A 171 23.91 37.90 -3.34
CA ASN A 171 23.53 37.72 -1.96
C ASN A 171 22.01 37.80 -1.81
N ASN A 172 21.34 36.69 -1.52
CA ASN A 172 19.88 36.69 -1.46
C ASN A 172 19.36 37.33 -0.18
N THR A 173 19.25 38.66 -0.21
CA THR A 173 18.67 39.42 0.88
C THR A 173 17.13 39.33 0.92
N GLY A 174 16.55 38.52 0.04
CA GLY A 174 15.10 38.41 -0.06
C GLY A 174 14.49 37.35 0.85
N THR A 175 13.16 37.24 0.80
CA THR A 175 12.42 36.23 1.55
C THR A 175 12.07 34.99 0.73
N GLN A 176 12.45 34.98 -0.55
CA GLN A 176 12.12 33.90 -1.46
C GLN A 176 13.35 33.17 -1.97
N PRO A 177 13.21 31.85 -2.17
CA PRO A 177 14.35 31.13 -2.75
C PRO A 177 14.51 31.57 -4.20
N ILE A 178 15.74 31.50 -4.70
CA ILE A 178 15.99 31.86 -6.08
C ILE A 178 16.48 30.64 -6.85
N LEU A 179 15.80 30.38 -7.97
CA LEU A 179 16.10 29.27 -8.85
C LEU A 179 16.93 29.81 -9.98
N TYR A 180 18.09 29.23 -10.21
CA TYR A 180 19.00 29.79 -11.19
C TYR A 180 19.78 28.69 -11.85
N PHE A 181 20.38 29.02 -12.99
CA PHE A 181 21.01 28.05 -13.87
C PHE A 181 22.37 28.54 -14.31
N TRP A 182 23.27 27.59 -14.57
CA TRP A 182 24.54 27.93 -15.20
C TRP A 182 24.91 26.74 -16.06
N GLY A 183 26.14 26.78 -16.58
CA GLY A 183 26.63 25.71 -17.43
C GLY A 183 28.14 25.68 -17.57
N VAL A 184 28.64 24.58 -18.12
CA VAL A 184 30.05 24.42 -18.44
C VAL A 184 30.19 23.93 -19.88
N HIS A 185 30.94 24.66 -20.70
CA HIS A 185 31.03 24.31 -22.11
C HIS A 185 32.10 23.28 -22.34
N HIS A 186 31.80 22.29 -23.19
CA HIS A 186 32.76 21.26 -23.57
C HIS A 186 32.99 21.25 -25.08
N PRO A 187 34.07 21.91 -25.54
CA PRO A 187 34.49 21.90 -26.95
C PRO A 187 34.78 20.53 -27.50
N LEU A 188 34.48 20.32 -28.77
CA LEU A 188 34.87 19.10 -29.47
C LEU A 188 36.39 19.07 -29.73
N ASP A 189 37.04 20.23 -29.61
CA ASP A 189 38.45 20.44 -30.01
C ASP A 189 39.31 21.07 -28.94
N THR A 190 40.60 20.74 -28.91
CA THR A 190 41.57 21.57 -28.18
C THR A 190 41.76 22.87 -28.96
N THR A 191 41.56 22.80 -30.28
CA THR A 191 41.63 23.98 -31.15
C THR A 191 40.57 25.00 -30.80
N VAL A 192 39.31 24.53 -30.81
CA VAL A 192 38.17 25.34 -30.41
C VAL A 192 38.30 25.83 -28.96
N GLN A 193 38.79 24.95 -28.08
CA GLN A 193 39.10 25.36 -26.71
C GLN A 193 40.05 26.55 -26.67
N ASP A 194 41.12 26.50 -27.46
CA ASP A 194 42.10 27.59 -27.49
C ASP A 194 41.46 28.85 -28.04
N ASN A 195 40.78 28.68 -29.16
CA ASN A 195 40.12 29.79 -29.82
C ASN A 195 39.20 30.60 -28.91
N LEU A 196 38.33 29.90 -28.17
CA LEU A 196 37.32 30.54 -27.31
C LEU A 196 37.84 30.97 -25.92
N TYR A 197 38.70 30.15 -25.31
CA TYR A 197 39.15 30.45 -23.95
C TYR A 197 40.68 30.57 -23.92
N GLY A 198 41.29 30.55 -22.74
CA GLY A 198 42.73 30.66 -22.69
C GLY A 198 43.42 29.40 -23.16
N SER A 199 44.69 29.25 -22.77
CA SER A 199 45.39 27.98 -22.82
C SER A 199 45.34 27.41 -21.40
N GLY A 200 45.75 26.15 -21.21
CA GLY A 200 45.92 25.60 -19.87
C GLY A 200 44.66 25.26 -19.08
N ASP A 201 44.86 24.61 -17.93
CA ASP A 201 43.77 24.01 -17.15
C ASP A 201 42.66 25.01 -16.78
N LYS A 202 41.44 24.73 -17.23
CA LYS A 202 40.32 25.64 -16.96
C LYS A 202 39.37 25.08 -15.93
N TYR A 203 38.65 25.95 -15.21
CA TYR A 203 37.68 25.49 -14.21
C TYR A 203 36.47 26.41 -14.06
N VAL A 204 35.45 25.87 -13.41
CA VAL A 204 34.26 26.59 -13.03
C VAL A 204 33.95 26.18 -11.60
N ARG A 205 34.07 27.12 -10.67
CA ARG A 205 33.81 26.78 -9.27
C ARG A 205 32.73 27.70 -8.72
N MET A 206 31.88 27.16 -7.88
CA MET A 206 30.81 27.96 -7.29
C MET A 206 30.50 27.49 -5.90
N GLY A 207 29.98 28.38 -5.06
CA GLY A 207 29.62 27.98 -3.73
C GLY A 207 28.67 28.89 -3.00
N THR A 208 28.06 28.32 -1.97
CA THR A 208 27.18 29.03 -1.08
C THR A 208 27.55 28.55 0.31
N GLU A 209 26.77 28.98 1.31
CA GLU A 209 27.00 28.55 2.67
C GLU A 209 26.75 27.06 2.87
N SER A 210 26.08 26.43 1.90
CA SER A 210 25.69 25.03 2.03
C SER A 210 25.90 24.21 0.76
N MET A 211 26.65 24.74 -0.20
CA MET A 211 26.83 24.08 -1.48
C MET A 211 28.16 24.38 -2.15
N ASN A 212 28.80 23.34 -2.68
CA ASN A 212 29.98 23.48 -3.53
C ASN A 212 29.73 22.93 -4.92
N PHE A 213 30.45 23.47 -5.87
CA PHE A 213 30.45 22.94 -7.22
C PHE A 213 31.80 23.27 -7.84
N ALA A 214 32.40 22.26 -8.48
CA ALA A 214 33.63 22.40 -9.24
C ALA A 214 33.59 21.52 -10.47
N LYS A 215 33.76 22.12 -11.64
CA LYS A 215 33.80 21.33 -12.87
C LYS A 215 34.86 21.90 -13.81
N SER A 216 35.54 21.03 -14.53
CA SER A 216 36.46 21.49 -15.57
C SER A 216 36.03 20.92 -16.93
N PRO A 217 36.56 21.47 -18.04
CA PRO A 217 36.11 20.97 -19.33
C PRO A 217 36.54 19.53 -19.64
N GLU A 218 35.68 18.84 -20.38
CA GLU A 218 35.90 17.47 -20.83
C GLU A 218 35.83 17.48 -22.33
N ILE A 219 36.99 17.52 -22.97
CA ILE A 219 37.07 17.84 -24.39
C ILE A 219 37.10 16.59 -25.27
N ALA A 220 36.16 16.53 -26.22
CA ALA A 220 36.03 15.40 -27.14
C ALA A 220 34.93 15.67 -28.18
N ALA A 221 35.10 15.10 -29.37
CA ALA A 221 34.08 15.18 -30.40
C ALA A 221 32.91 14.20 -30.12
N ARG A 222 31.72 14.75 -29.94
CA ARG A 222 30.51 13.94 -29.78
C ARG A 222 29.69 13.92 -31.07
N PRO A 223 28.83 12.90 -31.25
CA PRO A 223 27.95 12.85 -32.43
C PRO A 223 27.18 14.16 -32.60
N ALA A 224 27.08 14.65 -33.82
CA ALA A 224 26.49 15.96 -34.07
C ALA A 224 25.02 16.01 -33.65
N VAL A 225 24.61 17.10 -33.00
CA VAL A 225 23.22 17.37 -32.66
C VAL A 225 22.98 18.86 -32.87
N ASN A 226 21.94 19.22 -33.61
CA ASN A 226 21.70 20.61 -34.02
C ASN A 226 22.95 21.22 -34.68
N GLY A 227 23.77 20.38 -35.31
CA GLY A 227 24.97 20.83 -35.98
C GLY A 227 26.11 21.08 -35.03
N GLN A 228 26.06 20.47 -33.84
CA GLN A 228 27.09 20.68 -32.83
C GLN A 228 27.69 19.36 -32.37
N ARG A 229 29.02 19.29 -32.35
CA ARG A 229 29.72 18.10 -31.85
C ARG A 229 30.27 18.39 -30.45
N SER A 230 30.27 19.66 -30.07
CA SER A 230 30.52 20.10 -28.70
C SER A 230 29.25 19.87 -27.83
N ARG A 231 29.41 19.93 -26.51
CA ARG A 231 28.30 19.80 -25.55
C ARG A 231 28.34 20.92 -24.53
N ILE A 232 27.19 21.24 -23.95
CA ILE A 232 27.13 22.02 -22.71
C ILE A 232 26.47 21.23 -21.56
N ASP A 233 27.16 21.14 -20.43
CA ASP A 233 26.56 20.65 -19.20
C ASP A 233 25.79 21.79 -18.54
N TYR A 234 24.49 21.61 -18.40
CA TYR A 234 23.65 22.60 -17.74
C TYR A 234 23.45 22.19 -16.29
N TYR A 235 23.29 23.16 -15.40
CA TYR A 235 23.11 22.88 -13.98
C TYR A 235 22.04 23.83 -13.43
N TRP A 236 21.38 23.42 -12.35
CA TRP A 236 20.41 24.26 -11.70
C TRP A 236 20.62 24.21 -10.18
N SER A 237 20.15 25.24 -9.49
CA SER A 237 20.21 25.27 -8.03
C SER A 237 19.25 26.28 -7.44
N VAL A 238 19.15 26.24 -6.12
CA VAL A 238 18.20 27.07 -5.41
C VAL A 238 18.91 27.78 -4.28
N LEU A 239 18.96 29.10 -4.39
CA LEU A 239 19.66 29.92 -3.42
C LEU A 239 18.66 30.33 -2.35
N ARG A 240 18.80 29.73 -1.17
CA ARG A 240 17.88 29.96 -0.07
C ARG A 240 17.90 31.42 0.38
N PRO A 241 16.82 31.90 1.02
CA PRO A 241 16.80 33.24 1.63
C PRO A 241 17.96 33.45 2.57
N GLY A 242 18.80 34.44 2.31
CA GLY A 242 19.87 34.79 3.24
C GLY A 242 21.19 34.16 2.84
N GLU A 243 21.15 33.33 1.79
CA GLU A 243 22.38 32.73 1.30
C GLU A 243 23.03 33.57 0.21
N THR A 244 24.33 33.36 0.03
CA THR A 244 25.12 34.12 -0.91
C THR A 244 25.74 33.17 -1.93
N LEU A 245 25.81 33.60 -3.18
CA LEU A 245 26.46 32.78 -4.20
C LEU A 245 27.78 33.44 -4.64
N ASN A 246 28.85 32.64 -4.74
CA ASN A 246 30.12 33.10 -5.31
C ASN A 246 30.46 32.29 -6.55
N VAL A 247 30.64 32.99 -7.67
CA VAL A 247 30.99 32.36 -8.94
C VAL A 247 32.44 32.68 -9.28
N GLU A 248 33.23 31.66 -9.60
CA GLU A 248 34.61 31.89 -9.98
C GLU A 248 34.96 30.99 -11.13
N SER A 249 35.52 31.57 -12.19
CA SER A 249 35.88 30.76 -13.34
C SER A 249 37.13 31.23 -14.11
N ASN A 250 37.93 30.24 -14.47
CA ASN A 250 39.08 30.33 -15.39
C ASN A 250 38.69 30.46 -16.86
N GLY A 251 37.57 29.84 -17.21
CA GLY A 251 37.11 29.72 -18.60
C GLY A 251 36.01 28.67 -18.70
N ASN A 252 35.41 28.57 -19.88
CA ASN A 252 34.34 27.61 -20.18
C ASN A 252 33.05 27.82 -19.38
N LEU A 253 32.94 28.97 -18.72
CA LEU A 253 31.74 29.29 -17.97
C LEU A 253 30.66 29.78 -18.90
N ILE A 254 29.49 29.13 -18.83
CA ILE A 254 28.24 29.72 -19.31
C ILE A 254 27.60 30.24 -18.05
N ALA A 255 27.46 31.56 -17.95
CA ALA A 255 27.17 32.19 -16.67
C ALA A 255 25.68 32.44 -16.43
N PRO A 256 25.26 32.48 -15.15
CA PRO A 256 23.88 32.88 -14.90
C PRO A 256 23.71 34.33 -15.28
N TRP A 257 22.59 34.68 -15.92
CA TRP A 257 22.30 36.05 -16.30
C TRP A 257 21.00 36.49 -15.67
N TYR A 258 19.91 35.81 -16.01
CA TYR A 258 18.63 36.03 -15.32
C TYR A 258 18.27 34.78 -14.50
N ALA A 259 17.51 34.97 -13.44
CA ALA A 259 17.10 33.89 -12.56
C ALA A 259 15.70 34.18 -12.01
N TYR A 260 15.15 33.29 -11.20
CA TYR A 260 13.77 33.47 -10.75
C TYR A 260 13.59 33.47 -9.23
N LYS A 261 12.89 34.48 -8.73
CA LYS A 261 12.35 34.39 -7.38
C LYS A 261 11.24 33.35 -7.43
N PHE A 262 11.22 32.45 -6.46
CA PHE A 262 10.39 31.28 -6.55
C PHE A 262 9.39 31.16 -5.40
N VAL A 263 8.11 31.11 -5.72
CA VAL A 263 7.08 30.95 -4.69
C VAL A 263 6.57 29.52 -4.64
N SER A 264 6.90 28.80 -3.57
CA SER A 264 6.43 27.44 -3.39
C SER A 264 4.95 27.41 -3.06
N THR A 265 4.28 26.31 -3.35
CA THR A 265 2.83 26.27 -3.25
C THR A 265 2.25 25.47 -2.09
N ASN A 266 1.16 26.00 -1.53
CA ASN A 266 0.31 25.29 -0.59
C ASN A 266 -0.35 24.09 -1.28
N LYS A 267 -0.71 24.29 -2.54
CA LYS A 267 -1.32 23.27 -3.36
C LYS A 267 -0.32 22.16 -3.64
N LYS A 268 -0.80 20.97 -3.93
CA LYS A 268 0.08 19.83 -4.18
C LYS A 268 0.99 20.08 -5.39
N GLY A 269 0.42 20.63 -6.45
CA GLY A 269 1.15 20.97 -7.66
C GLY A 269 1.12 19.85 -8.67
N ALA A 270 1.17 20.20 -9.95
CA ALA A 270 1.20 19.18 -10.98
C ALA A 270 1.82 19.62 -12.31
N VAL A 271 2.45 18.68 -12.99
CA VAL A 271 2.84 18.86 -14.39
C VAL A 271 2.14 17.81 -15.24
N PHE A 272 1.21 18.24 -16.08
CA PHE A 272 0.47 17.34 -16.96
C PHE A 272 1.06 17.31 -18.38
N LYS A 273 1.54 16.15 -18.81
CA LYS A 273 1.95 15.97 -20.19
C LYS A 273 0.71 15.58 -20.99
N SER A 274 0.26 16.48 -21.86
CA SER A 274 -1.01 16.27 -22.57
C SER A 274 -1.22 17.25 -23.70
N ASP A 275 -2.05 16.86 -24.67
CA ASP A 275 -2.41 17.77 -25.75
C ASP A 275 -3.88 18.26 -25.68
N LEU A 276 -4.53 18.09 -24.55
CA LEU A 276 -5.91 18.58 -24.39
C LEU A 276 -5.94 20.10 -24.37
N PRO A 277 -7.04 20.70 -24.85
CA PRO A 277 -7.21 22.16 -24.84
C PRO A 277 -7.29 22.79 -23.45
N ILE A 278 -6.78 24.02 -23.33
CA ILE A 278 -7.01 24.85 -22.16
C ILE A 278 -8.06 25.91 -22.52
N GLU A 279 -9.10 26.03 -21.70
CA GLU A 279 -10.22 26.95 -21.98
C GLU A 279 -10.53 27.85 -20.79
N ASN A 280 -11.32 28.91 -21.01
CA ASN A 280 -11.67 29.83 -19.92
C ASN A 280 -12.78 29.25 -19.02
N CYS A 281 -12.46 28.17 -18.33
CA CYS A 281 -13.43 27.51 -17.47
C CYS A 281 -12.87 27.27 -16.09
N ASP A 282 -13.74 26.91 -15.15
CA ASP A 282 -13.35 26.61 -13.79
C ASP A 282 -13.63 25.17 -13.44
N ALA A 283 -12.80 24.63 -12.55
CA ALA A 283 -12.95 23.25 -12.12
C ALA A 283 -12.57 23.10 -10.65
N THR A 284 -13.08 22.03 -10.05
CA THR A 284 -12.83 21.67 -8.65
C THR A 284 -11.90 20.47 -8.65
N CYS A 285 -12.05 19.70 -9.72
CA CYS A 285 -11.31 18.47 -9.90
C CYS A 285 -10.78 18.41 -11.33
N GLN A 286 -9.47 18.45 -11.47
CA GLN A 286 -8.82 18.37 -12.78
C GLN A 286 -7.91 17.15 -12.90
N THR A 287 -8.31 16.17 -13.70
CA THR A 287 -7.44 15.04 -14.01
C THR A 287 -6.65 15.32 -15.29
N ILE A 288 -5.66 14.46 -15.55
CA ILE A 288 -4.77 14.64 -16.68
C ILE A 288 -5.54 14.36 -17.99
N THR A 289 -6.62 13.57 -17.90
CA THR A 289 -7.44 13.31 -19.09
C THR A 289 -8.76 14.10 -19.09
N GLY A 290 -9.02 14.89 -18.05
CA GLY A 290 -10.18 15.75 -18.05
C GLY A 290 -10.69 16.26 -16.71
N VAL A 291 -11.61 17.20 -16.81
CA VAL A 291 -12.33 17.72 -15.67
C VAL A 291 -13.45 16.77 -15.22
N LEU A 292 -13.42 16.40 -13.95
CA LEU A 292 -14.56 15.70 -13.39
C LEU A 292 -15.44 16.74 -12.72
N ARG A 293 -16.72 16.73 -13.02
CA ARG A 293 -17.66 17.68 -12.46
C ARG A 293 -18.73 16.85 -11.78
N THR A 294 -18.50 16.45 -10.53
CA THR A 294 -19.31 15.37 -9.98
C THR A 294 -19.45 15.37 -8.44
N ASN A 295 -20.46 14.62 -7.97
CA ASN A 295 -20.75 14.36 -6.56
C ASN A 295 -20.30 12.96 -6.15
N LYS A 296 -20.07 12.10 -7.14
CA LYS A 296 -19.81 10.70 -6.86
C LYS A 296 -18.56 10.49 -6.00
N THR A 297 -18.47 9.31 -5.41
CA THR A 297 -17.45 8.93 -4.45
C THR A 297 -16.21 8.37 -5.13
N PHE A 298 -16.44 7.71 -6.27
CA PHE A 298 -15.40 7.00 -6.98
C PHE A 298 -15.35 7.53 -8.41
N GLN A 299 -14.23 7.31 -9.09
CA GLN A 299 -14.12 7.67 -10.48
C GLN A 299 -13.24 6.72 -11.26
N ASN A 300 -13.49 6.53 -12.53
CA ASN A 300 -12.59 5.64 -13.25
C ASN A 300 -11.79 6.33 -14.33
N VAL A 301 -11.73 7.65 -14.24
CA VAL A 301 -11.15 8.43 -15.30
C VAL A 301 -9.60 8.48 -15.26
N SER A 302 -9.02 8.81 -14.11
CA SER A 302 -7.57 8.87 -13.97
C SER A 302 -7.14 8.96 -12.50
N PRO A 303 -6.02 8.30 -12.17
CA PRO A 303 -5.28 8.39 -10.89
C PRO A 303 -4.49 9.69 -10.73
N LEU A 304 -4.25 10.40 -11.81
CA LEU A 304 -3.42 11.61 -11.78
C LEU A 304 -4.30 12.86 -11.82
N TRP A 305 -4.22 13.68 -10.78
CA TRP A 305 -5.05 14.89 -10.74
C TRP A 305 -4.57 15.95 -9.74
N ILE A 306 -5.09 17.16 -9.90
CA ILE A 306 -4.94 18.24 -8.93
C ILE A 306 -6.37 18.70 -8.53
N GLY A 307 -6.49 19.30 -7.34
CA GLY A 307 -7.79 19.62 -6.79
C GLY A 307 -8.45 18.48 -6.02
N GLU A 308 -9.76 18.61 -5.81
CA GLU A 308 -10.54 17.65 -5.02
C GLU A 308 -11.29 16.67 -5.92
N CYS A 309 -10.79 15.45 -6.00
CA CYS A 309 -11.36 14.45 -6.89
C CYS A 309 -11.85 13.24 -6.11
N PRO A 310 -12.80 12.49 -6.70
CA PRO A 310 -13.20 11.21 -6.11
C PRO A 310 -12.05 10.20 -6.18
N LYS A 311 -12.10 9.18 -5.33
CA LYS A 311 -11.10 8.12 -5.31
C LYS A 311 -11.11 7.31 -6.62
N TYR A 312 -9.92 7.06 -7.16
CA TYR A 312 -9.77 6.33 -8.42
C TYR A 312 -9.80 4.82 -8.20
N VAL A 313 -10.61 4.13 -8.99
CA VAL A 313 -10.69 2.67 -8.94
C VAL A 313 -10.78 2.12 -10.37
N LYS A 314 -10.53 0.84 -10.56
CA LYS A 314 -10.62 0.23 -11.87
C LYS A 314 -12.05 -0.15 -12.27
N SER A 315 -12.99 -0.07 -11.34
CA SER A 315 -14.34 -0.52 -11.58
C SER A 315 -15.00 0.12 -12.80
N GLU A 316 -15.85 -0.64 -13.47
CA GLU A 316 -16.71 -0.06 -14.50
C GLU A 316 -17.92 0.61 -13.84
N SER A 317 -18.39 0.03 -12.73
CA SER A 317 -19.59 0.53 -12.03
C SER A 317 -19.63 0.07 -10.57
N LEU A 318 -20.13 0.95 -9.70
CA LEU A 318 -20.30 0.60 -8.28
C LEU A 318 -21.70 0.99 -7.81
N ARG A 319 -22.69 0.22 -8.22
CA ARG A 319 -24.06 0.60 -7.90
C ARG A 319 -24.52 -0.08 -6.62
N LEU A 320 -24.91 0.73 -5.64
CA LEU A 320 -25.45 0.26 -4.36
C LEU A 320 -26.96 0.17 -4.43
N ALA A 321 -27.50 -0.99 -4.09
CA ALA A 321 -28.95 -1.12 -3.89
C ALA A 321 -29.40 -0.30 -2.67
N THR A 322 -30.50 0.42 -2.81
CA THR A 322 -31.11 1.12 -1.68
C THR A 322 -32.55 0.63 -1.47
N GLY A 323 -33.27 0.40 -2.57
CA GLY A 323 -34.58 -0.20 -2.52
C GLY A 323 -34.48 -1.72 -2.48
N LEU A 324 -35.58 -2.36 -2.81
CA LEU A 324 -35.66 -3.81 -2.72
C LEU A 324 -35.75 -4.46 -4.09
N ARG A 325 -35.62 -5.77 -4.08
CA ARG A 325 -35.84 -6.61 -5.24
C ARG A 325 -37.15 -6.25 -5.93
N ASN A 326 -37.05 -5.81 -7.18
CA ASN A 326 -38.18 -5.32 -7.93
C ASN A 326 -38.97 -6.41 -8.65
N VAL A 327 -40.15 -6.76 -8.12
CA VAL A 327 -40.91 -7.86 -8.70
C VAL A 327 -42.28 -7.37 -9.14
N PRO A 328 -42.34 -6.62 -10.23
CA PRO A 328 -43.62 -6.08 -10.71
C PRO A 328 -44.51 -7.15 -11.34
N GLN A 329 -45.82 -6.96 -11.28
CA GLN A 329 -46.76 -7.90 -11.90
C GLN A 329 -46.65 -7.89 -13.42
N ILE A 330 -46.83 -9.05 -14.03
CA ILE A 330 -46.76 -9.17 -15.47
C ILE A 330 -48.07 -8.68 -16.07
N ALA A 331 -47.98 -7.63 -16.88
CA ALA A 331 -49.15 -6.96 -17.45
C ALA A 331 -49.98 -7.73 -18.47
N THR A 332 -49.32 -8.43 -19.39
CA THR A 332 -50.02 -9.03 -20.54
C THR A 332 -51.07 -8.07 -21.09
N GLY B 1 -35.60 -15.38 -0.64
CA GLY B 1 -34.81 -14.27 -0.20
C GLY B 1 -34.52 -14.89 1.14
N ILE B 2 -33.56 -14.41 1.92
CA ILE B 2 -33.22 -15.07 3.19
C ILE B 2 -34.30 -15.15 4.32
N PHE B 3 -35.13 -14.11 4.47
CA PHE B 3 -36.24 -14.15 5.41
C PHE B 3 -37.47 -14.77 4.71
N GLY B 4 -37.32 -15.10 3.42
CA GLY B 4 -38.32 -15.88 2.69
C GLY B 4 -39.62 -15.21 2.27
N ALA B 5 -39.74 -13.92 2.54
CA ALA B 5 -40.94 -13.18 2.21
C ALA B 5 -40.93 -12.64 0.76
N ILE B 6 -39.97 -11.77 0.45
CA ILE B 6 -39.90 -11.11 -0.86
C ILE B 6 -39.49 -12.12 -1.92
N ALA B 7 -40.26 -12.16 -3.02
CA ALA B 7 -40.13 -13.22 -4.01
C ALA B 7 -40.15 -14.57 -3.32
N GLY B 8 -40.96 -14.68 -2.28
CA GLY B 8 -40.94 -15.85 -1.42
C GLY B 8 -42.36 -16.32 -1.16
N PHE B 9 -42.78 -16.36 0.10
CA PHE B 9 -44.18 -16.69 0.34
C PHE B 9 -45.10 -15.55 -0.08
N ILE B 10 -44.52 -14.37 -0.31
CA ILE B 10 -45.22 -13.29 -1.01
C ILE B 10 -44.57 -13.11 -2.40
N GLU B 11 -45.27 -13.59 -3.43
CA GLU B 11 -44.72 -13.83 -4.77
C GLU B 11 -44.18 -12.61 -5.50
N GLY B 12 -44.96 -11.54 -5.51
CA GLY B 12 -44.63 -10.35 -6.27
C GLY B 12 -44.87 -9.05 -5.53
N GLY B 13 -44.38 -7.95 -6.09
CA GLY B 13 -44.58 -6.62 -5.52
C GLY B 13 -45.84 -5.91 -6.03
N TRP B 14 -46.10 -4.73 -5.48
CA TRP B 14 -47.24 -3.93 -5.93
C TRP B 14 -46.82 -2.61 -6.57
N THR B 15 -47.09 -2.44 -7.86
CA THR B 15 -46.84 -1.17 -8.53
C THR B 15 -47.84 -0.13 -8.07
N GLY B 16 -48.95 -0.60 -7.50
CA GLY B 16 -50.02 0.27 -7.05
C GLY B 16 -49.74 0.91 -5.70
N MET B 17 -48.89 0.28 -4.90
CA MET B 17 -48.51 0.89 -3.64
C MET B 17 -47.35 1.89 -3.84
N ILE B 18 -47.71 3.14 -4.12
CA ILE B 18 -46.78 4.13 -4.68
C ILE B 18 -46.07 4.99 -3.64
N ASP B 19 -46.48 4.89 -2.37
CA ASP B 19 -45.98 5.82 -1.36
C ASP B 19 -45.18 5.16 -0.25
N GLY B 20 -44.56 4.02 -0.51
CA GLY B 20 -43.75 3.39 0.52
C GLY B 20 -43.16 2.09 0.02
N TRP B 21 -42.12 1.63 0.71
CA TRP B 21 -41.50 0.31 0.45
C TRP B 21 -42.32 -0.92 0.86
N TYR B 22 -42.96 -0.85 2.01
CA TYR B 22 -43.72 -1.95 2.57
C TYR B 22 -45.11 -1.47 2.89
N GLY B 23 -46.09 -2.36 2.82
CA GLY B 23 -47.47 -1.94 2.84
C GLY B 23 -48.56 -2.97 3.02
N TYR B 24 -49.77 -2.44 3.07
CA TYR B 24 -50.99 -3.25 3.12
C TYR B 24 -51.81 -3.08 1.88
N HIS B 25 -52.38 -4.20 1.43
CA HIS B 25 -53.43 -4.13 0.44
C HIS B 25 -54.71 -4.64 1.07
N HIS B 26 -55.81 -3.92 0.90
CA HIS B 26 -57.05 -4.29 1.55
C HIS B 26 -58.26 -4.32 0.61
N GLU B 27 -59.19 -5.20 0.91
CA GLU B 27 -60.50 -5.19 0.28
C GLU B 27 -61.63 -5.39 1.28
N ASN B 28 -62.67 -4.58 1.14
CA ASN B 28 -63.85 -4.68 1.97
C ASN B 28 -65.05 -4.13 1.23
N SER B 29 -66.23 -4.18 1.85
CA SER B 29 -67.44 -3.74 1.21
C SER B 29 -67.31 -2.27 0.83
N GLN B 30 -66.67 -1.50 1.70
CA GLN B 30 -66.43 -0.09 1.42
C GLN B 30 -65.58 0.14 0.18
N GLY B 31 -64.55 -0.68 -0.03
CA GLY B 31 -63.65 -0.49 -1.15
C GLY B 31 -62.35 -1.30 -1.12
N SER B 32 -61.43 -0.91 -1.97
CA SER B 32 -60.14 -1.58 -2.06
C SER B 32 -59.02 -0.56 -2.38
N GLY B 33 -57.80 -0.88 -1.98
CA GLY B 33 -56.65 -0.02 -2.26
C GLY B 33 -55.34 -0.43 -1.60
N TYR B 34 -54.33 0.44 -1.75
CA TYR B 34 -52.99 0.20 -1.23
C TYR B 34 -52.61 1.28 -0.21
N ALA B 35 -51.89 0.87 0.83
CA ALA B 35 -51.33 1.86 1.76
C ALA B 35 -49.98 1.42 2.31
N ALA B 36 -49.00 2.31 2.26
CA ALA B 36 -47.70 2.02 2.82
C ALA B 36 -47.79 2.01 4.31
N ASP B 37 -47.07 1.08 4.93
CA ASP B 37 -46.84 1.22 6.34
C ASP B 37 -45.71 2.25 6.55
N ARG B 38 -46.10 3.44 7.01
CA ARG B 38 -45.18 4.58 7.12
C ARG B 38 -44.04 4.34 8.08
N GLU B 39 -44.36 3.92 9.28
CA GLU B 39 -43.36 3.71 10.30
C GLU B 39 -42.22 2.78 9.85
N SER B 40 -42.53 1.59 9.30
CA SER B 40 -41.44 0.68 8.92
C SER B 40 -40.67 1.21 7.70
N THR B 41 -41.38 1.86 6.78
CA THR B 41 -40.74 2.40 5.61
C THR B 41 -39.77 3.52 5.97
N GLN B 42 -40.16 4.39 6.89
CA GLN B 42 -39.34 5.53 7.25
C GLN B 42 -38.13 5.08 8.06
N LYS B 43 -38.29 4.08 8.91
CA LYS B 43 -37.13 3.49 9.58
C LYS B 43 -36.12 2.86 8.60
N ALA B 44 -36.61 2.15 7.58
CA ALA B 44 -35.73 1.56 6.58
C ALA B 44 -35.01 2.64 5.78
N ILE B 45 -35.75 3.69 5.39
CA ILE B 45 -35.15 4.81 4.66
C ILE B 45 -34.00 5.45 5.47
N ASP B 46 -34.25 5.74 6.76
CA ASP B 46 -33.23 6.32 7.65
C ASP B 46 -31.98 5.40 7.71
N GLY B 47 -32.22 4.11 7.93
CA GLY B 47 -31.17 3.12 8.02
C GLY B 47 -30.34 3.02 6.74
N ILE B 48 -31.02 2.87 5.59
CA ILE B 48 -30.34 2.77 4.29
C ILE B 48 -29.54 4.04 3.97
N THR B 49 -30.12 5.19 4.29
CA THR B 49 -29.49 6.49 4.07
C THR B 49 -28.23 6.61 4.94
N ASN B 50 -28.34 6.26 6.22
CA ASN B 50 -27.17 6.23 7.08
C ASN B 50 -26.10 5.30 6.50
N LYS B 51 -26.50 4.15 5.95
CA LYS B 51 -25.55 3.21 5.41
C LYS B 51 -24.83 3.85 4.23
N VAL B 52 -25.60 4.43 3.31
CA VAL B 52 -24.98 5.06 2.15
C VAL B 52 -24.00 6.20 2.57
N ASN B 53 -24.38 6.97 3.59
CA ASN B 53 -23.56 8.11 3.98
C ASN B 53 -22.34 7.67 4.76
N SER B 54 -22.49 6.59 5.52
CA SER B 54 -21.34 5.97 6.17
C SER B 54 -20.31 5.50 5.15
N ILE B 55 -20.77 4.78 4.12
CA ILE B 55 -19.88 4.27 3.12
C ILE B 55 -19.17 5.40 2.39
N ILE B 56 -19.93 6.44 2.02
CA ILE B 56 -19.36 7.58 1.34
C ILE B 56 -18.31 8.22 2.26
N ASN B 57 -18.66 8.28 3.53
CA ASN B 57 -17.77 8.87 4.53
C ASN B 57 -16.45 8.14 4.66
N LYS B 58 -16.51 6.82 4.73
CA LYS B 58 -15.35 6.04 5.02
C LYS B 58 -14.48 5.98 3.78
N MET B 59 -15.09 6.22 2.63
CA MET B 59 -14.40 6.14 1.34
C MET B 59 -13.89 7.51 0.90
N ASN B 60 -13.89 8.44 1.84
CA ASN B 60 -13.64 9.84 1.51
C ASN B 60 -12.17 10.28 1.57
N THR B 61 -11.24 9.34 1.45
CA THR B 61 -9.83 9.69 1.30
C THR B 61 -9.31 9.21 -0.04
N GLN B 62 -8.23 9.81 -0.51
CA GLN B 62 -7.74 9.46 -1.84
C GLN B 62 -6.25 9.21 -1.83
N PHE B 63 -5.84 8.12 -2.47
CA PHE B 63 -4.44 7.91 -2.68
C PHE B 63 -4.04 8.87 -3.78
N GLU B 64 -2.85 9.42 -3.64
CA GLU B 64 -2.33 10.43 -4.54
C GLU B 64 -1.33 9.79 -5.49
N ALA B 65 -1.60 9.77 -6.79
CA ALA B 65 -0.55 9.37 -7.73
C ALA B 65 0.17 10.62 -8.23
N VAL B 66 1.43 10.47 -8.66
CA VAL B 66 2.17 11.65 -9.12
C VAL B 66 2.87 11.47 -10.46
N ASP B 67 3.01 12.61 -11.13
CA ASP B 67 3.59 12.75 -12.46
C ASP B 67 5.13 12.74 -12.56
N HIS B 68 5.84 12.25 -11.54
CA HIS B 68 7.29 12.38 -11.55
C HIS B 68 7.98 11.58 -12.65
N GLU B 69 8.99 12.21 -13.24
CA GLU B 69 9.84 11.57 -14.23
C GLU B 69 10.99 10.83 -13.58
N PHE B 70 11.40 9.74 -14.21
CA PHE B 70 12.58 8.96 -13.82
C PHE B 70 13.59 8.81 -14.99
N SER B 71 14.89 8.77 -14.67
CA SER B 71 15.93 8.72 -15.70
C SER B 71 16.29 7.27 -16.02
N ASN B 72 17.17 7.05 -16.99
CA ASN B 72 17.53 5.68 -17.37
C ASN B 72 18.45 5.01 -16.35
N LEU B 73 18.87 5.71 -15.31
CA LEU B 73 19.52 5.05 -14.16
C LEU B 73 18.59 4.93 -12.94
N GLU B 74 17.29 5.12 -13.17
CA GLU B 74 16.30 5.04 -12.08
C GLU B 74 15.17 4.03 -12.33
N ARG B 75 15.52 2.91 -12.94
CA ARG B 75 14.58 1.84 -13.26
C ARG B 75 14.01 1.25 -12.00
N ARG B 76 14.84 1.05 -10.97
CA ARG B 76 14.37 0.38 -9.76
C ARG B 76 13.39 1.26 -8.96
N ILE B 77 13.66 2.55 -8.83
CA ILE B 77 12.76 3.39 -8.06
C ILE B 77 11.54 3.77 -8.90
N GLY B 78 11.70 3.96 -10.21
CA GLY B 78 10.57 4.10 -11.12
C GLY B 78 9.59 2.94 -11.02
N ASN B 79 10.09 1.71 -11.07
CA ASN B 79 9.24 0.55 -10.87
C ASN B 79 8.69 0.44 -9.44
N LEU B 80 9.42 0.99 -8.47
CA LEU B 80 8.99 0.97 -7.08
C LEU B 80 7.73 1.85 -6.95
N ASN B 81 7.81 3.04 -7.52
CA ASN B 81 6.68 3.95 -7.60
C ASN B 81 5.49 3.30 -8.30
N LYS B 82 5.78 2.66 -9.42
CA LYS B 82 4.75 1.99 -10.20
C LYS B 82 4.05 0.91 -9.40
N ARG B 83 4.80 -0.03 -8.82
CA ARG B 83 4.18 -1.10 -8.05
C ARG B 83 3.46 -0.59 -6.78
N MET B 84 3.92 0.53 -6.26
CA MET B 84 3.34 1.14 -5.08
C MET B 84 1.97 1.68 -5.44
N GLU B 85 1.91 2.48 -6.49
CA GLU B 85 0.66 3.11 -6.91
C GLU B 85 -0.38 2.10 -7.38
N ASP B 86 0.04 1.13 -8.19
CA ASP B 86 -0.81 0.02 -8.61
C ASP B 86 -1.27 -0.76 -7.41
N GLY B 87 -0.39 -0.86 -6.42
CA GLY B 87 -0.66 -1.62 -5.22
C GLY B 87 -1.86 -1.06 -4.51
N PHE B 88 -1.87 0.25 -4.29
CA PHE B 88 -2.97 0.92 -3.61
C PHE B 88 -4.23 0.98 -4.50
N LEU B 89 -4.04 1.15 -5.80
CA LEU B 89 -5.14 1.07 -6.74
C LEU B 89 -5.85 -0.29 -6.65
N ASP B 90 -5.09 -1.38 -6.56
CA ASP B 90 -5.73 -2.69 -6.50
C ASP B 90 -6.43 -2.94 -5.15
N VAL B 91 -5.85 -2.43 -4.08
CA VAL B 91 -6.46 -2.59 -2.75
C VAL B 91 -7.77 -1.82 -2.64
N TRP B 92 -7.81 -0.61 -3.19
CA TRP B 92 -9.00 0.20 -3.10
C TRP B 92 -10.11 -0.28 -4.03
N THR B 93 -9.73 -0.73 -5.22
CA THR B 93 -10.68 -1.37 -6.13
C THR B 93 -11.32 -2.60 -5.46
N TYR B 94 -10.50 -3.42 -4.81
CA TYR B 94 -11.00 -4.56 -4.09
C TYR B 94 -11.98 -4.15 -3.00
N ASN B 95 -11.60 -3.16 -2.19
CA ASN B 95 -12.42 -2.76 -1.08
C ASN B 95 -13.78 -2.23 -1.50
N ALA B 96 -13.81 -1.36 -2.50
CA ALA B 96 -15.05 -0.82 -3.00
C ALA B 96 -15.92 -1.89 -3.63
N GLU B 97 -15.32 -2.74 -4.46
CA GLU B 97 -16.12 -3.78 -5.15
C GLU B 97 -16.67 -4.85 -4.21
N LEU B 98 -15.87 -5.30 -3.25
CA LEU B 98 -16.35 -6.32 -2.32
C LEU B 98 -17.40 -5.74 -1.40
N LEU B 99 -17.18 -4.50 -0.96
CA LEU B 99 -18.13 -3.82 -0.09
C LEU B 99 -19.50 -3.70 -0.74
N VAL B 100 -19.54 -3.27 -2.00
CA VAL B 100 -20.82 -3.13 -2.70
C VAL B 100 -21.54 -4.48 -2.82
N LEU B 101 -20.82 -5.54 -3.17
CA LEU B 101 -21.45 -6.87 -3.28
C LEU B 101 -22.05 -7.33 -1.94
N LEU B 102 -21.27 -7.14 -0.88
CA LEU B 102 -21.68 -7.55 0.47
C LEU B 102 -22.84 -6.69 0.99
N GLU B 103 -22.69 -5.38 0.89
CA GLU B 103 -23.76 -4.51 1.37
C GLU B 103 -25.02 -4.66 0.54
N ASN B 104 -24.87 -4.99 -0.74
CA ASN B 104 -26.04 -5.22 -1.56
C ASN B 104 -26.82 -6.46 -1.13
N GLU B 105 -26.11 -7.52 -0.76
CA GLU B 105 -26.79 -8.69 -0.21
C GLU B 105 -27.55 -8.37 1.10
N ARG B 106 -26.91 -7.61 1.98
CA ARG B 106 -27.48 -7.36 3.29
C ARG B 106 -28.64 -6.36 3.24
N THR B 107 -28.55 -5.43 2.29
CA THR B 107 -29.59 -4.44 2.12
C THR B 107 -30.86 -5.15 1.59
N LEU B 108 -30.71 -6.12 0.70
CA LEU B 108 -31.90 -6.85 0.24
C LEU B 108 -32.50 -7.70 1.36
N ASP B 109 -31.65 -8.28 2.22
CA ASP B 109 -32.14 -9.06 3.35
C ASP B 109 -32.91 -8.21 4.36
N LEU B 110 -32.43 -6.99 4.58
CA LEU B 110 -33.10 -6.07 5.49
C LEU B 110 -34.55 -5.79 5.05
N HIS B 111 -34.73 -5.48 3.76
CA HIS B 111 -36.03 -5.27 3.17
C HIS B 111 -36.92 -6.51 3.34
N ASP B 112 -36.33 -7.68 3.14
CA ASP B 112 -37.02 -8.97 3.24
C ASP B 112 -37.47 -9.22 4.67
N ALA B 113 -36.67 -8.72 5.61
CA ALA B 113 -36.93 -8.87 7.03
C ALA B 113 -38.05 -7.93 7.48
N ASN B 114 -38.05 -6.70 6.97
CA ASN B 114 -39.08 -5.74 7.31
C ASN B 114 -40.44 -6.17 6.76
N VAL B 115 -40.45 -6.76 5.57
CA VAL B 115 -41.72 -7.30 5.01
C VAL B 115 -42.23 -8.45 5.88
N LYS B 116 -41.34 -9.40 6.13
CA LYS B 116 -41.65 -10.54 6.98
C LYS B 116 -42.16 -10.14 8.39
N ASN B 117 -41.56 -9.11 8.96
CA ASN B 117 -41.93 -8.65 10.29
C ASN B 117 -43.29 -7.96 10.28
N LEU B 118 -43.56 -7.22 9.21
CA LEU B 118 -44.81 -6.55 9.02
C LEU B 118 -45.91 -7.61 8.91
N TYR B 119 -45.60 -8.70 8.20
CA TYR B 119 -46.55 -9.79 8.08
C TYR B 119 -46.76 -10.53 9.40
N GLU B 120 -45.69 -10.72 10.17
CA GLU B 120 -45.85 -11.46 11.42
C GLU B 120 -46.61 -10.62 12.44
N LYS B 121 -46.45 -9.30 12.36
CA LYS B 121 -47.13 -8.38 13.24
C LYS B 121 -48.66 -8.49 13.06
N VAL B 122 -49.10 -8.49 11.80
CA VAL B 122 -50.52 -8.57 11.49
C VAL B 122 -51.08 -9.93 11.89
N LYS B 123 -50.36 -10.96 11.47
CA LYS B 123 -50.74 -12.33 11.77
C LYS B 123 -51.08 -12.55 13.25
N SER B 124 -50.28 -11.98 14.15
CA SER B 124 -50.47 -12.24 15.59
C SER B 124 -51.60 -11.41 16.23
N GLN B 125 -51.95 -10.27 15.64
CA GLN B 125 -53.14 -9.55 16.09
C GLN B 125 -54.41 -10.32 15.72
N LEU B 126 -54.44 -10.82 14.49
CA LEU B 126 -55.64 -11.40 13.91
C LEU B 126 -56.01 -12.75 14.53
N ARG B 127 -54.99 -13.52 14.92
CA ARG B 127 -55.24 -14.82 15.53
C ARG B 127 -56.16 -15.62 14.61
N ASP B 128 -57.17 -16.28 15.17
CA ASP B 128 -58.08 -17.05 14.32
C ASP B 128 -59.35 -16.27 13.95
N ASN B 129 -59.31 -14.95 14.04
CA ASN B 129 -60.37 -14.11 13.50
C ASN B 129 -60.21 -13.92 11.99
N ALA B 130 -59.10 -14.42 11.44
CA ALA B 130 -58.92 -14.43 10.00
C ALA B 130 -58.28 -15.73 9.50
N ASN B 131 -58.45 -15.96 8.21
CA ASN B 131 -58.01 -17.18 7.58
C ASN B 131 -56.82 -16.88 6.67
N ASP B 132 -55.73 -17.64 6.81
CA ASP B 132 -54.63 -17.43 5.87
C ASP B 132 -55.00 -17.99 4.49
N LEU B 133 -55.19 -17.09 3.53
CA LEU B 133 -55.00 -17.43 2.15
C LEU B 133 -53.48 -17.58 2.04
N GLY B 134 -52.93 -17.76 0.85
CA GLY B 134 -51.49 -17.81 0.81
C GLY B 134 -51.12 -16.40 0.39
N ASN B 135 -49.85 -16.21 0.05
CA ASN B 135 -49.33 -14.96 -0.52
C ASN B 135 -49.42 -13.74 0.40
N GLY B 136 -49.40 -13.96 1.70
CA GLY B 136 -49.43 -12.86 2.65
C GLY B 136 -50.77 -12.19 2.85
N CYS B 137 -51.83 -12.83 2.38
CA CYS B 137 -53.20 -12.33 2.48
C CYS B 137 -53.99 -13.07 3.56
N PHE B 138 -54.75 -12.31 4.35
CA PHE B 138 -55.71 -12.87 5.31
C PHE B 138 -57.14 -12.53 4.93
N GLU B 139 -58.00 -13.54 4.93
CA GLU B 139 -59.43 -13.31 4.83
C GLU B 139 -60.11 -13.32 6.22
N PHE B 140 -60.75 -12.21 6.57
CA PHE B 140 -61.42 -12.06 7.85
C PHE B 140 -62.62 -12.99 7.98
N TRP B 141 -62.78 -13.56 9.15
CA TRP B 141 -63.95 -14.38 9.45
C TRP B 141 -65.12 -13.51 9.91
N HIS B 142 -64.93 -12.19 9.85
CA HIS B 142 -65.97 -11.23 10.23
C HIS B 142 -65.93 -10.07 9.25
N LYS B 143 -66.91 -9.18 9.30
CA LYS B 143 -66.83 -7.95 8.54
C LYS B 143 -65.73 -7.07 9.12
N CYS B 144 -64.87 -6.54 8.26
CA CYS B 144 -63.84 -5.61 8.70
C CYS B 144 -63.99 -4.37 7.87
N ASP B 145 -64.64 -3.34 8.40
CA ASP B 145 -64.75 -2.07 7.70
C ASP B 145 -63.46 -1.24 7.79
N ASN B 146 -63.50 -0.04 7.23
CA ASN B 146 -62.34 0.84 7.16
C ASN B 146 -61.67 1.11 8.52
N GLU B 147 -62.47 1.32 9.56
CA GLU B 147 -61.88 1.59 10.89
C GLU B 147 -61.20 0.33 11.41
N CYS B 148 -61.81 -0.81 11.15
CA CYS B 148 -61.21 -2.07 11.56
C CYS B 148 -59.91 -2.35 10.79
N MET B 149 -59.91 -2.01 9.49
CA MET B 149 -58.72 -2.14 8.67
C MET B 149 -57.61 -1.25 9.25
N GLU B 150 -57.95 -0.01 9.56
CA GLU B 150 -56.97 0.93 10.12
C GLU B 150 -56.36 0.45 11.44
N SER B 151 -57.15 -0.22 12.26
CA SER B 151 -56.67 -0.68 13.57
C SER B 151 -55.71 -1.85 13.42
N VAL B 152 -55.84 -2.64 12.33
CA VAL B 152 -54.86 -3.67 12.03
C VAL B 152 -53.54 -2.97 11.68
N LYS B 153 -53.65 -1.98 10.80
CA LYS B 153 -52.49 -1.21 10.35
C LYS B 153 -51.84 -0.44 11.50
N ASN B 154 -52.65 0.00 12.46
CA ASN B 154 -52.19 0.79 13.62
C ASN B 154 -51.62 -0.04 14.73
N GLY B 155 -51.94 -1.33 14.75
CA GLY B 155 -51.52 -2.21 15.82
C GLY B 155 -52.51 -2.22 16.99
N THR B 156 -53.72 -1.73 16.76
CA THR B 156 -54.74 -1.67 17.83
C THR B 156 -55.97 -2.53 17.55
N TYR B 157 -55.82 -3.56 16.72
CA TYR B 157 -56.98 -4.39 16.35
C TYR B 157 -57.55 -5.11 17.57
N ASP B 158 -58.87 -5.18 17.63
CA ASP B 158 -59.58 -5.66 18.81
C ASP B 158 -60.11 -7.06 18.60
N TYR B 159 -59.27 -8.05 18.88
CA TYR B 159 -59.65 -9.44 18.68
C TYR B 159 -60.88 -9.86 19.51
N PRO B 160 -60.94 -9.50 20.83
CA PRO B 160 -62.17 -9.86 21.57
C PRO B 160 -63.46 -9.32 20.94
N LYS B 161 -63.43 -8.08 20.45
CA LYS B 161 -64.60 -7.45 19.84
C LYS B 161 -65.26 -8.29 18.74
N TYR B 162 -64.45 -8.89 17.87
CA TYR B 162 -64.95 -9.67 16.73
C TYR B 162 -64.91 -11.20 16.90
N GLN B 163 -64.39 -11.66 18.02
CA GLN B 163 -64.27 -13.10 18.26
C GLN B 163 -65.56 -13.91 18.08
N LYS B 164 -66.64 -13.53 18.77
CA LYS B 164 -67.91 -14.29 18.64
C LYS B 164 -68.41 -14.43 17.20
N GLU B 165 -68.47 -13.33 16.47
CA GLU B 165 -68.81 -13.30 15.04
C GLU B 165 -67.91 -14.19 14.18
N SER B 166 -66.61 -14.12 14.42
CA SER B 166 -65.62 -14.92 13.70
C SER B 166 -65.85 -16.41 13.93
N LYS B 167 -66.17 -16.78 15.16
CA LYS B 167 -66.36 -18.18 15.54
C LYS B 167 -67.60 -18.77 14.88
N LEU B 168 -68.66 -17.96 14.78
CA LEU B 168 -69.89 -18.45 14.17
C LEU B 168 -69.70 -18.69 12.68
N ASN B 169 -68.94 -17.80 12.02
CA ASN B 169 -68.68 -17.94 10.60
C ASN B 169 -67.74 -19.11 10.28
N ARG B 170 -66.74 -19.30 11.15
CA ARG B 170 -65.74 -20.34 10.96
C ARG B 170 -66.38 -21.73 11.06
N GLN B 171 -67.49 -21.81 11.78
CA GLN B 171 -68.20 -23.07 11.95
C GLN B 171 -69.00 -23.46 10.70
N GLY B 172 -69.97 -22.62 10.35
CA GLY B 172 -70.87 -22.86 9.22
C GLY B 172 -70.19 -23.24 7.91
N ILE B 173 -68.97 -22.73 7.72
CA ILE B 173 -68.14 -23.09 6.57
C ILE B 173 -67.42 -24.40 6.84
N GLY C 4 -54.33 -14.08 34.65
CA GLY C 4 -53.68 -15.38 34.84
C GLY C 4 -52.17 -15.28 35.00
N ASP C 5 -51.53 -16.40 35.31
CA ASP C 5 -50.07 -16.51 35.36
C ASP C 5 -49.41 -16.07 34.02
N LYS C 6 -48.37 -15.23 34.08
CA LYS C 6 -47.57 -14.78 32.89
C LYS C 6 -46.23 -15.54 32.80
N ILE C 7 -45.81 -15.84 31.59
CA ILE C 7 -44.37 -15.98 31.34
C ILE C 7 -44.06 -15.07 30.15
N CYS C 8 -42.95 -14.34 30.26
CA CYS C 8 -42.59 -13.31 29.32
C CYS C 8 -41.16 -13.58 28.87
N ILE C 9 -40.83 -13.24 27.63
CA ILE C 9 -39.47 -13.40 27.14
C ILE C 9 -38.90 -12.00 27.02
N GLY C 10 -37.64 -11.82 27.37
CA GLY C 10 -37.04 -10.49 27.27
C GLY C 10 -35.53 -10.44 27.39
N TYR C 11 -35.03 -9.22 27.56
CA TYR C 11 -33.60 -8.98 27.50
C TYR C 11 -33.16 -7.97 28.53
N HIS C 12 -31.86 -8.01 28.79
CA HIS C 12 -31.16 -7.21 29.78
C HIS C 12 -31.12 -5.72 29.45
N ALA C 13 -31.21 -4.91 30.49
CA ALA C 13 -31.04 -3.47 30.40
C ALA C 13 -30.19 -2.99 31.56
N ASN C 14 -29.56 -1.83 31.41
CA ASN C 14 -28.73 -1.27 32.47
C ASN C 14 -28.57 0.25 32.43
N ASN C 15 -27.82 0.78 33.38
CA ASN C 15 -27.63 2.23 33.51
C ASN C 15 -26.71 2.86 32.47
N SER C 16 -26.09 2.02 31.64
CA SER C 16 -25.08 2.48 30.71
C SER C 16 -25.61 3.53 29.74
N THR C 17 -24.77 4.53 29.52
CA THR C 17 -25.05 5.64 28.62
C THR C 17 -23.98 5.67 27.52
N THR C 18 -23.20 4.59 27.42
CA THR C 18 -22.16 4.45 26.40
C THR C 18 -22.74 4.00 25.03
N GLN C 19 -22.33 4.71 23.97
CA GLN C 19 -22.89 4.52 22.64
C GLN C 19 -21.88 3.99 21.61
N VAL C 20 -22.40 3.28 20.60
CA VAL C 20 -21.61 2.85 19.46
C VAL C 20 -22.29 3.35 18.19
N ASP C 21 -21.57 3.40 17.08
CA ASP C 21 -22.19 3.65 15.77
C ASP C 21 -22.34 2.36 14.95
N THR C 22 -23.27 2.39 14.01
CA THR C 22 -23.61 1.23 13.23
C THR C 22 -23.69 1.73 11.78
N LEU C 23 -23.53 0.85 10.78
CA LEU C 23 -23.82 1.26 9.40
C LEU C 23 -25.22 1.85 9.25
N LEU C 24 -26.19 1.28 9.97
CA LEU C 24 -27.57 1.70 9.89
C LEU C 24 -27.90 2.87 10.81
N GLU C 25 -27.25 2.92 11.97
CA GLU C 25 -27.63 3.87 13.01
C GLU C 25 -26.44 4.48 13.74
N LYS C 26 -26.61 5.72 14.17
CA LYS C 26 -25.57 6.41 14.93
C LYS C 26 -26.04 6.57 16.37
N ASN C 27 -25.10 6.69 17.29
CA ASN C 27 -25.44 6.97 18.68
C ASN C 27 -26.39 5.99 19.34
N VAL C 28 -26.13 4.70 19.16
CA VAL C 28 -26.93 3.67 19.80
C VAL C 28 -26.35 3.29 21.14
N THR C 29 -27.13 3.44 22.20
CA THR C 29 -26.71 3.04 23.55
C THR C 29 -26.79 1.53 23.72
N VAL C 30 -25.71 0.94 24.24
CA VAL C 30 -25.62 -0.50 24.41
C VAL C 30 -25.23 -0.86 25.85
N THR C 31 -25.62 -2.05 26.27
CA THR C 31 -25.45 -2.46 27.67
C THR C 31 -23.98 -2.69 28.03
N HIS C 32 -23.21 -3.18 27.04
CA HIS C 32 -21.79 -3.50 27.21
C HIS C 32 -21.03 -3.16 25.93
N SER C 33 -19.79 -2.72 26.06
CA SER C 33 -18.95 -2.48 24.87
C SER C 33 -17.46 -2.35 25.23
N VAL C 34 -16.58 -2.49 24.22
CA VAL C 34 -15.13 -2.35 24.38
C VAL C 34 -14.54 -1.31 23.42
N GLU C 35 -13.83 -0.34 23.99
CA GLU C 35 -13.02 0.63 23.24
C GLU C 35 -11.72 -0.03 22.84
N LEU C 36 -11.44 -0.04 21.53
CA LEU C 36 -10.23 -0.72 21.05
C LEU C 36 -9.09 0.26 20.84
N LEU C 37 -9.38 1.56 20.98
CA LEU C 37 -8.40 2.57 20.62
C LEU C 37 -7.85 3.30 21.85
N GLU C 38 -6.54 3.59 21.75
CA GLU C 38 -5.83 4.28 22.80
C GLU C 38 -5.45 5.66 22.30
N ASN C 39 -5.92 6.69 23.01
CA ASN C 39 -5.55 8.07 22.71
C ASN C 39 -4.68 8.77 23.78
N GLN C 40 -4.19 8.03 24.78
CA GLN C 40 -3.41 8.62 25.89
C GLN C 40 -1.92 8.25 25.85
N LYS C 41 -1.06 9.09 26.45
CA LYS C 41 0.39 9.07 26.25
C LYS C 41 1.10 9.81 27.40
N GLU C 42 2.19 9.25 27.89
CA GLU C 42 3.04 9.92 28.86
C GLU C 42 4.01 10.75 28.05
N LYS C 43 4.08 12.05 28.29
CA LYS C 43 4.91 12.89 27.45
C LYS C 43 6.39 12.88 27.88
N ARG C 44 7.04 11.74 27.71
CA ARG C 44 8.46 11.55 28.06
C ARG C 44 9.07 10.39 27.31
N PHE C 45 10.40 10.29 27.39
CA PHE C 45 11.15 9.16 26.81
C PHE C 45 11.59 8.23 27.95
N CYS C 46 11.44 6.93 27.77
CA CYS C 46 11.74 5.92 28.78
C CYS C 46 12.74 4.90 28.23
N LYS C 47 13.23 4.03 29.10
CA LYS C 47 14.08 2.92 28.67
C LYS C 47 13.21 1.93 27.90
N ILE C 48 13.81 1.33 26.87
CA ILE C 48 13.20 0.24 26.14
C ILE C 48 14.09 -1.00 26.27
N MET C 49 13.49 -2.11 26.71
CA MET C 49 14.24 -3.34 26.99
C MET C 49 15.30 -3.11 28.08
N ASN C 50 14.94 -2.35 29.11
CA ASN C 50 15.87 -1.96 30.17
C ASN C 50 17.18 -1.36 29.66
N LYS C 51 17.07 -0.53 28.63
CA LYS C 51 18.21 0.05 27.94
C LYS C 51 17.86 1.52 27.67
N ALA C 52 18.67 2.41 28.21
CA ALA C 52 18.43 3.86 28.11
C ALA C 52 18.66 4.34 26.68
N PRO C 53 17.99 5.45 26.31
CA PRO C 53 18.29 6.08 25.01
C PRO C 53 19.50 7.00 25.12
N LEU C 54 20.08 7.31 23.97
CA LEU C 54 21.19 8.25 23.91
C LEU C 54 20.64 9.65 23.69
N ASP C 55 20.89 10.54 24.67
CA ASP C 55 20.50 11.92 24.55
C ASP C 55 21.70 12.72 23.97
N LEU C 56 21.54 13.21 22.75
CA LEU C 56 22.60 13.98 22.10
C LEU C 56 22.74 15.40 22.66
N LYS C 57 21.72 15.84 23.42
CA LYS C 57 21.73 17.13 24.13
C LYS C 57 21.89 18.29 23.15
N ASP C 58 22.98 19.04 23.31
CA ASP C 58 23.25 20.20 22.48
C ASP C 58 23.96 19.83 21.15
N CYS C 59 24.21 18.54 20.92
CA CYS C 59 24.89 18.14 19.69
C CYS C 59 23.95 17.46 18.67
N THR C 60 24.23 17.63 17.37
CA THR C 60 23.53 16.84 16.37
C THR C 60 24.30 15.56 16.16
N ILE C 61 23.76 14.70 15.30
CA ILE C 61 24.41 13.43 14.94
C ILE C 61 25.79 13.65 14.30
N GLU C 62 25.92 14.67 13.45
CA GLU C 62 27.22 15.05 12.86
C GLU C 62 28.25 15.48 13.94
N GLY C 63 27.81 16.30 14.90
CA GLY C 63 28.68 16.78 15.97
C GLY C 63 29.18 15.65 16.84
N TRP C 64 28.28 14.74 17.20
CA TRP C 64 28.63 13.55 17.95
C TRP C 64 29.69 12.71 17.24
N ILE C 65 29.31 12.24 16.06
CA ILE C 65 30.03 11.14 15.46
C ILE C 65 31.35 11.61 14.80
N LEU C 66 31.42 12.88 14.40
CA LEU C 66 32.71 13.45 13.93
C LEU C 66 33.56 13.88 15.13
N GLY C 67 32.92 14.13 16.27
CA GLY C 67 33.63 14.55 17.47
C GLY C 67 33.89 16.03 17.48
N ASN C 68 32.87 16.83 17.21
CA ASN C 68 32.94 18.26 17.52
C ASN C 68 33.48 18.40 18.97
N PRO C 69 34.48 19.28 19.15
CA PRO C 69 35.12 19.48 20.46
C PRO C 69 34.12 19.86 21.56
N LYS C 70 33.02 20.49 21.21
CA LYS C 70 32.01 20.79 22.24
C LYS C 70 31.07 19.61 22.53
N CYS C 71 31.38 18.45 21.97
CA CYS C 71 30.57 17.25 22.18
C CYS C 71 31.31 16.21 22.99
N ASP C 72 32.29 16.67 23.76
CA ASP C 72 33.18 15.74 24.45
C ASP C 72 32.45 14.86 25.49
N LEU C 73 31.30 15.32 25.98
CA LEU C 73 30.50 14.53 26.92
C LEU C 73 30.06 13.18 26.28
N LEU C 74 29.77 13.24 24.98
CA LEU C 74 29.38 12.06 24.18
C LEU C 74 30.53 11.13 23.78
N LEU C 75 31.76 11.60 23.93
CA LEU C 75 32.93 10.91 23.40
C LEU C 75 33.11 9.50 24.01
N GLY C 76 33.66 8.58 23.20
CA GLY C 76 33.80 7.19 23.63
C GLY C 76 32.68 6.24 23.22
N ASP C 77 32.58 5.12 23.92
CA ASP C 77 31.56 4.11 23.70
C ASP C 77 30.13 4.53 24.06
N GLN C 78 29.16 4.11 23.25
CA GLN C 78 27.75 4.32 23.57
C GLN C 78 26.96 3.04 23.26
N SER C 79 25.95 2.75 24.09
CA SER C 79 24.92 1.72 23.85
C SER C 79 23.59 2.39 24.00
N TRP C 80 22.72 2.22 23.00
CA TRP C 80 21.44 2.89 23.04
C TRP C 80 20.31 1.99 22.55
N SER C 81 19.11 2.27 23.04
CA SER C 81 17.93 1.55 22.57
C SER C 81 17.30 2.37 21.45
N TYR C 82 17.58 3.67 21.48
CA TYR C 82 17.23 4.60 20.42
C TYR C 82 17.94 5.91 20.66
N ILE C 83 17.96 6.78 19.65
CA ILE C 83 18.61 8.06 19.76
C ILE C 83 17.60 9.21 19.83
N VAL C 84 17.87 10.17 20.71
CA VAL C 84 17.09 11.40 20.80
C VAL C 84 17.96 12.59 20.39
N GLU C 85 17.63 13.21 19.25
CA GLU C 85 18.33 14.40 18.81
C GLU C 85 17.45 15.61 19.05
N ARG C 86 17.92 16.54 19.88
CA ARG C 86 17.21 17.78 20.18
C ARG C 86 17.23 18.70 18.98
N PRO C 87 16.07 19.30 18.67
CA PRO C 87 15.92 20.10 17.44
C PRO C 87 16.71 21.40 17.49
N ASN C 88 17.08 21.84 18.68
CA ASN C 88 17.80 23.09 18.83
C ASN C 88 19.33 22.97 18.91
N ALA C 89 19.83 21.76 18.72
CA ALA C 89 21.23 21.43 18.96
C ALA C 89 22.16 22.31 18.12
N GLN C 90 23.08 23.03 18.78
CA GLN C 90 23.95 23.96 18.05
C GLN C 90 25.25 23.33 17.53
N ASN C 91 25.71 22.24 18.14
CA ASN C 91 27.01 21.73 17.78
C ASN C 91 26.99 20.60 16.75
N GLY C 92 27.32 20.94 15.51
CA GLY C 92 27.47 19.94 14.47
C GLY C 92 28.78 20.08 13.74
N ILE C 93 28.69 20.28 12.43
CA ILE C 93 29.87 20.53 11.61
C ILE C 93 30.31 21.97 11.86
N CYS C 94 31.41 22.12 12.58
CA CYS C 94 31.88 23.45 12.98
C CYS C 94 32.69 24.09 11.84
N TYR C 95 33.63 23.35 11.25
CA TYR C 95 34.33 23.85 10.09
C TYR C 95 33.49 23.56 8.85
N PRO C 96 33.00 24.63 8.19
CA PRO C 96 32.00 24.58 7.11
C PRO C 96 32.32 23.61 5.97
N GLY C 97 31.30 22.90 5.51
CA GLY C 97 31.41 21.98 4.39
C GLY C 97 30.33 20.91 4.44
N VAL C 98 30.32 20.07 3.40
CA VAL C 98 29.32 19.03 3.21
C VAL C 98 29.76 17.72 3.86
N LEU C 99 28.87 17.09 4.62
CA LEU C 99 29.09 15.69 4.99
C LEU C 99 28.42 14.85 3.89
N ASN C 100 29.21 14.31 3.00
CA ASN C 100 28.69 13.66 1.82
C ASN C 100 27.92 12.39 2.20
N GLU C 101 26.80 12.16 1.51
CA GLU C 101 25.86 11.09 1.84
C GLU C 101 25.40 11.12 3.31
N LEU C 102 24.97 12.31 3.73
CA LEU C 102 24.55 12.55 5.10
C LEU C 102 23.36 11.69 5.54
N GLU C 103 22.34 11.60 4.69
CA GLU C 103 21.07 10.92 5.03
C GLU C 103 21.29 9.40 5.20
N GLU C 104 22.15 8.87 4.35
CA GLU C 104 22.55 7.48 4.36
C GLU C 104 23.37 7.16 5.62
N LEU C 105 24.22 8.10 6.03
CA LEU C 105 24.96 8.00 7.29
C LEU C 105 23.99 8.00 8.48
N LYS C 106 23.07 8.99 8.52
CA LYS C 106 22.09 9.06 9.61
C LYS C 106 21.28 7.71 9.69
N ALA C 107 20.93 7.12 8.54
CA ALA C 107 20.15 5.87 8.57
C ALA C 107 20.97 4.68 9.05
N PHE C 108 22.24 4.62 8.65
CA PHE C 108 23.14 3.57 9.14
C PHE C 108 23.37 3.69 10.66
N ILE C 109 23.59 4.91 11.16
CA ILE C 109 23.74 5.09 12.60
C ILE C 109 22.47 4.71 13.35
N GLY C 110 21.31 5.11 12.81
CA GLY C 110 20.02 4.68 13.37
C GLY C 110 19.83 3.17 13.46
N SER C 111 20.50 2.41 12.58
CA SER C 111 20.34 0.95 12.58
C SER C 111 21.26 0.27 13.58
N GLY C 112 22.01 1.05 14.35
CA GLY C 112 22.91 0.46 15.31
C GLY C 112 22.36 0.48 16.72
N GLU C 113 23.03 -0.26 17.60
CA GLU C 113 22.73 -0.21 19.02
C GLU C 113 23.98 0.07 19.84
N ARG C 114 25.15 0.01 19.20
CA ARG C 114 26.41 0.27 19.91
C ARG C 114 27.57 0.71 19.02
N VAL C 115 28.42 1.61 19.52
CA VAL C 115 29.71 1.90 18.90
C VAL C 115 30.78 1.88 19.97
N GLU C 116 31.99 1.45 19.61
CA GLU C 116 33.14 1.55 20.48
C GLU C 116 34.20 2.37 19.75
N ARG C 117 34.57 3.50 20.34
CA ARG C 117 35.59 4.38 19.77
C ARG C 117 36.98 3.80 19.94
N PHE C 118 37.82 3.95 18.91
CA PHE C 118 39.16 3.43 18.95
C PHE C 118 40.02 4.19 17.94
N GLU C 119 41.29 4.41 18.30
CA GLU C 119 42.25 5.06 17.41
C GLU C 119 42.55 4.19 16.20
N MET C 120 42.19 4.65 15.01
CA MET C 120 42.39 3.85 13.83
C MET C 120 43.78 4.14 13.24
N PHE C 121 44.05 5.41 13.01
CA PHE C 121 45.34 5.85 12.50
C PHE C 121 46.01 6.80 13.48
N PRO C 122 46.94 6.26 14.29
CA PRO C 122 47.79 7.07 15.16
C PRO C 122 48.49 8.15 14.32
N LYS C 123 48.78 9.30 14.93
CA LYS C 123 49.38 10.40 14.19
C LYS C 123 50.74 10.03 13.58
N SER C 124 51.41 9.07 14.21
CA SER C 124 52.72 8.59 13.74
C SER C 124 52.62 7.85 12.41
N THR C 125 51.40 7.57 11.96
CA THR C 125 51.16 6.91 10.69
C THR C 125 51.84 7.68 9.55
N TRP C 126 51.68 8.99 9.56
CA TRP C 126 52.07 9.81 8.43
C TRP C 126 53.45 10.42 8.68
N ALA C 127 54.46 9.88 8.01
CA ALA C 127 55.83 10.30 8.21
C ALA C 127 56.08 11.61 7.49
N GLY C 128 56.81 12.50 8.14
CA GLY C 128 57.35 13.68 7.49
C GLY C 128 56.40 14.84 7.41
N VAL C 129 55.29 14.76 8.13
CA VAL C 129 54.32 15.85 8.14
C VAL C 129 54.02 16.30 9.55
N ASP C 130 53.38 17.45 9.67
CA ASP C 130 53.00 18.00 10.98
C ASP C 130 51.56 17.65 11.36
N THR C 131 51.41 16.79 12.36
CA THR C 131 50.11 16.36 12.86
C THR C 131 49.63 17.10 14.11
N SER C 132 50.41 18.06 14.59
CA SER C 132 50.05 18.78 15.81
C SER C 132 49.47 20.17 15.59
N ARG C 133 49.54 20.68 14.37
CA ARG C 133 49.17 22.06 14.09
C ARG C 133 47.75 22.24 13.55
N GLY C 134 46.99 21.17 13.41
CA GLY C 134 45.73 21.26 12.70
C GLY C 134 44.54 21.71 13.53
N VAL C 135 44.52 23.00 13.86
CA VAL C 135 43.41 23.56 14.64
C VAL C 135 42.87 24.80 13.97
N THR C 136 41.62 25.11 14.25
CA THR C 136 40.97 26.24 13.65
C THR C 136 40.08 26.96 14.66
N ASN C 137 39.92 28.26 14.49
CA ASN C 137 39.01 29.04 15.34
C ASN C 137 37.53 28.69 15.06
N ALA C 138 37.26 28.04 13.94
CA ALA C 138 35.87 27.63 13.61
C ALA C 138 35.38 26.47 14.49
N CYS C 139 36.29 25.76 15.15
CA CYS C 139 35.91 24.67 16.05
C CYS C 139 36.47 24.85 17.47
N PRO C 140 35.97 25.84 18.22
CA PRO C 140 36.37 25.93 19.63
C PRO C 140 35.83 24.78 20.47
N SER C 141 36.58 24.39 21.49
CA SER C 141 35.98 23.60 22.57
C SER C 141 35.40 24.63 23.52
N TYR C 142 35.02 24.23 24.72
CA TYR C 142 34.47 25.19 25.67
C TYR C 142 35.62 25.89 26.41
N THR C 143 36.84 25.40 26.22
CA THR C 143 38.01 25.96 26.87
C THR C 143 39.07 26.44 25.92
N ILE C 144 39.16 25.86 24.73
CA ILE C 144 40.16 26.32 23.79
C ILE C 144 39.50 26.94 22.56
N ASP C 145 39.96 28.13 22.19
CA ASP C 145 39.32 28.87 21.11
C ASP C 145 39.63 28.26 19.75
N SER C 146 40.72 27.50 19.65
CA SER C 146 41.05 26.81 18.40
C SER C 146 41.35 25.34 18.63
N SER C 147 40.43 24.50 18.17
CA SER C 147 40.57 23.07 18.33
C SER C 147 40.16 22.38 17.02
N PHE C 148 39.95 21.08 17.05
CA PHE C 148 39.47 20.40 15.86
C PHE C 148 38.66 19.20 16.29
N TYR C 149 38.02 18.55 15.33
CA TYR C 149 37.36 17.27 15.56
C TYR C 149 38.28 16.26 16.23
N ARG C 150 37.72 15.54 17.20
CA ARG C 150 38.48 14.54 17.95
C ARG C 150 38.79 13.31 17.10
N ASN C 151 38.09 13.14 15.99
CA ASN C 151 38.18 11.90 15.24
C ASN C 151 38.96 12.06 13.95
N LEU C 152 39.42 13.27 13.70
CA LEU C 152 40.13 13.61 12.49
C LEU C 152 41.41 14.37 12.86
N VAL C 153 42.44 14.26 12.03
CA VAL C 153 43.67 15.05 12.15
C VAL C 153 43.84 15.88 10.88
N TRP C 154 43.86 17.19 11.03
CA TRP C 154 44.13 18.09 9.92
C TRP C 154 45.64 18.25 9.76
N ILE C 155 46.20 17.45 8.85
CA ILE C 155 47.62 17.41 8.60
C ILE C 155 48.13 18.57 7.73
N VAL C 156 49.29 19.11 8.08
CA VAL C 156 49.90 20.22 7.33
C VAL C 156 51.40 19.92 7.16
N LYS C 157 52.01 20.54 6.17
CA LYS C 157 53.44 20.34 5.90
C LYS C 157 54.29 20.85 7.08
N THR C 158 55.39 20.15 7.34
CA THR C 158 56.33 20.51 8.40
C THR C 158 56.96 21.89 8.15
N ASP C 159 57.55 22.46 9.20
CA ASP C 159 58.00 23.86 9.22
C ASP C 159 58.71 24.30 7.94
N SER C 160 59.49 23.40 7.34
CA SER C 160 60.07 23.65 6.03
C SER C 160 59.53 22.65 5.02
N ALA C 161 59.20 23.12 3.83
CA ALA C 161 58.57 22.30 2.80
C ALA C 161 59.52 21.15 2.48
N THR C 162 59.00 20.02 2.00
CA THR C 162 57.75 19.94 1.26
C THR C 162 56.84 18.89 1.89
N TYR C 163 55.59 18.85 1.44
CA TYR C 163 54.63 17.86 1.94
C TYR C 163 54.82 16.58 1.10
N PRO C 164 55.41 15.53 1.69
CA PRO C 164 55.69 14.31 0.93
C PRO C 164 54.49 13.38 0.81
N VAL C 165 54.58 12.38 -0.06
CA VAL C 165 53.50 11.41 -0.13
C VAL C 165 53.44 10.72 1.21
N ILE C 166 52.23 10.58 1.76
CA ILE C 166 52.06 9.93 3.05
C ILE C 166 51.12 8.79 2.81
N LYS C 167 51.27 7.72 3.58
CA LYS C 167 50.49 6.50 3.34
C LYS C 167 50.14 5.85 4.65
N GLY C 168 49.08 5.07 4.64
CA GLY C 168 48.69 4.36 5.85
C GLY C 168 47.75 3.24 5.53
N THR C 169 47.86 2.17 6.31
CA THR C 169 46.98 1.04 6.16
C THR C 169 46.33 0.66 7.48
N TYR C 170 45.10 0.17 7.40
CA TYR C 170 44.50 -0.44 8.55
C TYR C 170 43.81 -1.72 8.10
N ASN C 171 44.12 -2.83 8.76
CA ASN C 171 43.53 -4.10 8.42
C ASN C 171 42.46 -4.46 9.46
N ASN C 172 41.20 -4.63 9.02
CA ASN C 172 40.16 -4.94 9.98
C ASN C 172 40.16 -6.44 10.24
N THR C 173 40.84 -6.83 11.31
CA THR C 173 40.94 -8.23 11.71
C THR C 173 39.85 -8.58 12.72
N GLY C 174 39.02 -7.60 13.06
CA GLY C 174 37.90 -7.74 13.98
C GLY C 174 36.64 -8.41 13.42
N THR C 175 35.68 -8.69 14.30
CA THR C 175 34.40 -9.26 13.89
C THR C 175 33.33 -8.21 13.57
N GLN C 176 33.69 -6.94 13.72
CA GLN C 176 32.72 -5.84 13.68
C GLN C 176 33.02 -4.85 12.57
N PRO C 177 31.97 -4.30 11.93
CA PRO C 177 32.18 -3.28 10.92
C PRO C 177 32.74 -2.01 11.57
N ILE C 178 33.69 -1.36 10.92
CA ILE C 178 34.20 -0.08 11.40
C ILE C 178 33.65 1.12 10.62
N LEU C 179 32.93 2.00 11.29
CA LEU C 179 32.55 3.28 10.71
C LEU C 179 33.67 4.31 10.92
N TYR C 180 34.16 4.92 9.84
CA TYR C 180 35.25 5.88 9.92
C TYR C 180 35.04 7.08 9.00
N PHE C 181 35.83 8.12 9.19
CA PHE C 181 35.61 9.40 8.52
C PHE C 181 36.91 9.98 8.00
N TRP C 182 36.82 10.78 6.95
CA TRP C 182 37.96 11.54 6.52
C TRP C 182 37.43 12.77 5.83
N GLY C 183 38.34 13.56 5.30
CA GLY C 183 37.93 14.77 4.64
C GLY C 183 38.97 15.29 3.68
N VAL C 184 38.57 16.28 2.88
CA VAL C 184 39.49 16.92 1.96
C VAL C 184 39.37 18.43 2.11
N HIS C 185 40.48 19.11 2.37
CA HIS C 185 40.47 20.56 2.58
C HIS C 185 40.47 21.31 1.25
N HIS C 186 39.56 22.27 1.11
CA HIS C 186 39.49 23.11 -0.08
C HIS C 186 39.81 24.56 0.27
N PRO C 187 41.09 24.97 0.19
CA PRO C 187 41.42 26.35 0.57
C PRO C 187 40.73 27.40 -0.30
N LEU C 188 40.48 28.56 0.27
CA LEU C 188 39.87 29.68 -0.43
C LEU C 188 40.74 30.20 -1.57
N ASP C 189 42.04 30.23 -1.36
CA ASP C 189 42.95 30.72 -2.38
C ASP C 189 44.25 29.93 -2.43
N THR C 190 45.02 30.16 -3.49
CA THR C 190 46.25 29.44 -3.77
C THR C 190 47.31 29.65 -2.69
N THR C 191 47.26 30.82 -2.07
CA THR C 191 48.23 31.21 -1.05
C THR C 191 48.14 30.30 0.18
N VAL C 192 46.93 30.04 0.64
CA VAL C 192 46.73 29.12 1.76
C VAL C 192 47.06 27.69 1.32
N GLN C 193 46.75 27.34 0.07
CA GLN C 193 47.16 26.04 -0.46
C GLN C 193 48.67 25.85 -0.36
N ASP C 194 49.44 26.91 -0.62
CA ASP C 194 50.89 26.79 -0.74
C ASP C 194 51.49 26.87 0.66
N ASN C 195 50.90 27.67 1.53
CA ASN C 195 51.34 27.71 2.92
C ASN C 195 51.16 26.38 3.66
N LEU C 196 49.94 25.85 3.63
CA LEU C 196 49.57 24.61 4.29
C LEU C 196 50.19 23.35 3.68
N TYR C 197 50.27 23.32 2.35
CA TYR C 197 50.67 22.13 1.64
C TYR C 197 51.75 22.50 0.65
N GLY C 198 52.24 21.50 -0.08
CA GLY C 198 53.22 21.75 -1.10
C GLY C 198 52.64 22.46 -2.31
N SER C 199 53.53 22.98 -3.14
CA SER C 199 53.15 23.49 -4.45
C SER C 199 52.74 22.30 -5.32
N GLY C 200 51.91 22.57 -6.32
CA GLY C 200 51.56 21.56 -7.31
C GLY C 200 50.33 20.71 -7.04
N ASP C 201 50.02 19.83 -7.98
CA ASP C 201 48.80 19.04 -7.91
C ASP C 201 48.79 18.11 -6.70
N LYS C 202 47.66 18.04 -6.02
CA LYS C 202 47.54 17.29 -4.78
C LYS C 202 46.36 16.34 -4.85
N TYR C 203 46.48 15.20 -4.20
CA TYR C 203 45.42 14.20 -4.24
C TYR C 203 45.19 13.57 -2.87
N VAL C 204 43.98 13.09 -2.68
CA VAL C 204 43.66 12.18 -1.61
C VAL C 204 43.16 10.93 -2.29
N ARG C 205 43.76 9.79 -1.99
CA ARG C 205 43.30 8.53 -2.56
C ARG C 205 43.19 7.49 -1.46
N MET C 206 42.08 6.75 -1.50
CA MET C 206 41.82 5.69 -0.54
C MET C 206 41.16 4.52 -1.26
N GLY C 207 41.39 3.32 -0.75
CA GLY C 207 40.77 2.17 -1.35
C GLY C 207 40.75 1.00 -0.39
N THR C 208 39.78 0.13 -0.59
CA THR C 208 39.70 -1.15 0.09
C THR C 208 39.53 -2.23 -0.98
N GLU C 209 39.32 -3.47 -0.58
CA GLU C 209 38.98 -4.53 -1.52
C GLU C 209 37.74 -4.20 -2.36
N SER C 210 36.79 -3.43 -1.81
CA SER C 210 35.51 -3.19 -2.51
C SER C 210 35.18 -1.72 -2.84
N MET C 211 36.02 -0.79 -2.42
CA MET C 211 35.74 0.64 -2.57
C MET C 211 36.98 1.44 -2.98
N ASN C 212 36.79 2.41 -3.88
CA ASN C 212 37.84 3.34 -4.25
C ASN C 212 37.39 4.78 -4.04
N PHE C 213 38.35 5.66 -3.80
CA PHE C 213 38.07 7.07 -3.61
C PHE C 213 39.24 7.88 -4.10
N ALA C 214 38.95 8.97 -4.80
CA ALA C 214 39.99 9.88 -5.27
C ALA C 214 39.41 11.28 -5.34
N LYS C 215 40.16 12.26 -4.84
CA LYS C 215 39.69 13.64 -4.85
C LYS C 215 40.88 14.59 -4.75
N SER C 216 40.78 15.73 -5.42
CA SER C 216 41.80 16.76 -5.33
C SER C 216 41.16 18.08 -4.93
N PRO C 217 41.95 19.01 -4.37
CA PRO C 217 41.42 20.29 -3.87
C PRO C 217 40.72 21.16 -4.93
N GLU C 218 39.54 21.67 -4.59
CA GLU C 218 38.80 22.65 -5.37
C GLU C 218 38.97 24.02 -4.75
N ILE C 219 39.97 24.77 -5.19
CA ILE C 219 40.36 26.01 -4.54
C ILE C 219 39.52 27.18 -5.03
N ALA C 220 38.79 27.82 -4.10
CA ALA C 220 37.97 28.99 -4.38
C ALA C 220 37.38 29.58 -3.07
N ALA C 221 37.09 30.87 -3.07
CA ALA C 221 36.52 31.51 -1.90
C ALA C 221 34.99 31.37 -1.88
N ARG C 222 34.48 30.80 -0.80
CA ARG C 222 33.05 30.64 -0.60
C ARG C 222 32.60 31.66 0.44
N PRO C 223 31.28 31.93 0.54
CA PRO C 223 30.79 32.86 1.57
C PRO C 223 31.27 32.46 2.97
N ALA C 224 31.71 33.42 3.77
CA ALA C 224 32.24 33.11 5.09
C ALA C 224 31.21 32.39 5.96
N VAL C 225 31.65 31.30 6.57
CA VAL C 225 30.84 30.53 7.51
C VAL C 225 31.73 30.19 8.70
N ASN C 226 31.34 30.67 9.88
CA ASN C 226 32.21 30.65 11.07
C ASN C 226 33.60 31.17 10.78
N GLY C 227 33.67 32.28 10.03
CA GLY C 227 34.92 32.94 9.71
C GLY C 227 35.71 32.26 8.59
N GLN C 228 35.14 31.22 7.99
CA GLN C 228 35.89 30.47 6.97
C GLN C 228 35.32 30.63 5.56
N ARG C 229 36.17 31.06 4.63
CA ARG C 229 35.85 31.08 3.21
C ARG C 229 36.32 29.79 2.51
N SER C 230 37.16 29.03 3.20
CA SER C 230 37.52 27.69 2.75
C SER C 230 36.43 26.68 3.08
N ARG C 231 36.64 25.43 2.69
CA ARG C 231 35.68 24.36 2.96
C ARG C 231 36.38 23.05 3.24
N ILE C 232 35.72 22.17 4.00
CA ILE C 232 36.09 20.76 4.03
C ILE C 232 34.97 19.89 3.46
N ASP C 233 35.34 18.98 2.56
CA ASP C 233 34.49 17.88 2.11
C ASP C 233 34.66 16.71 3.06
N TYR C 234 33.62 16.38 3.83
CA TYR C 234 33.74 15.24 4.74
C TYR C 234 33.20 13.97 4.07
N TYR C 235 33.73 12.81 4.47
CA TYR C 235 33.28 11.54 3.92
C TYR C 235 33.21 10.49 5.01
N TRP C 236 32.38 9.48 4.79
CA TRP C 236 32.32 8.36 5.70
C TRP C 236 32.28 7.03 4.91
N SER C 237 32.65 5.94 5.58
CA SER C 237 32.54 4.62 5.01
C SER C 237 32.52 3.58 6.10
N VAL C 238 32.21 2.35 5.70
CA VAL C 238 32.19 1.19 6.58
C VAL C 238 33.21 0.12 6.09
N LEU C 239 34.24 -0.06 6.90
CA LEU C 239 35.28 -1.05 6.65
C LEU C 239 34.77 -2.40 7.12
N ARG C 240 34.49 -3.29 6.18
CA ARG C 240 33.88 -4.59 6.49
C ARG C 240 34.87 -5.47 7.24
N PRO C 241 34.37 -6.38 8.08
CA PRO C 241 35.27 -7.34 8.74
C PRO C 241 36.08 -8.12 7.71
N GLY C 242 37.40 -8.12 7.85
CA GLY C 242 38.27 -8.77 6.91
C GLY C 242 38.80 -7.85 5.82
N GLU C 243 38.28 -6.62 5.78
CA GLU C 243 38.74 -5.66 4.79
C GLU C 243 39.93 -4.83 5.31
N THR C 244 40.65 -4.25 4.36
CA THR C 244 41.84 -3.48 4.59
C THR C 244 41.65 -2.12 3.94
N LEU C 245 42.11 -1.08 4.60
CA LEU C 245 42.04 0.27 4.06
C LEU C 245 43.45 0.85 3.78
N ASN C 246 43.69 1.27 2.54
CA ASN C 246 44.93 1.99 2.18
C ASN C 246 44.58 3.45 1.96
N VAL C 247 45.36 4.31 2.60
CA VAL C 247 45.21 5.76 2.46
C VAL C 247 46.49 6.35 1.88
N GLU C 248 46.37 7.27 0.94
CA GLU C 248 47.54 7.85 0.31
C GLU C 248 47.22 9.27 -0.15
N SER C 249 48.09 10.21 0.20
CA SER C 249 47.85 11.60 -0.15
C SER C 249 49.17 12.35 -0.16
N ASN C 250 49.27 13.37 -1.02
CA ASN C 250 50.39 14.31 -0.96
C ASN C 250 49.94 15.67 -0.44
N GLY C 251 48.71 15.75 0.11
CA GLY C 251 48.23 16.99 0.67
C GLY C 251 46.72 17.14 0.69
N ASN C 252 46.25 18.11 1.49
CA ASN C 252 44.81 18.41 1.65
C ASN C 252 44.00 17.30 2.31
N LEU C 253 44.66 16.30 2.86
CA LEU C 253 44.00 15.21 3.57
C LEU C 253 43.62 15.60 5.01
N ILE C 254 42.32 15.57 5.32
CA ILE C 254 41.88 15.57 6.71
C ILE C 254 41.75 14.09 7.12
N ALA C 255 42.74 13.62 7.85
CA ALA C 255 42.95 12.19 8.03
C ALA C 255 42.02 11.58 9.07
N PRO C 256 41.66 10.31 8.87
CA PRO C 256 40.98 9.59 9.95
C PRO C 256 41.93 9.42 11.10
N TRP C 257 41.43 9.61 12.30
CA TRP C 257 42.23 9.40 13.49
C TRP C 257 41.57 8.31 14.30
N TYR C 258 40.39 8.62 14.85
CA TYR C 258 39.61 7.65 15.61
C TYR C 258 38.40 7.19 14.80
N ALA C 259 37.94 5.99 15.07
CA ALA C 259 36.81 5.42 14.35
C ALA C 259 35.98 4.56 15.28
N TYR C 260 34.87 4.01 14.80
CA TYR C 260 34.00 3.22 15.66
C TYR C 260 33.77 1.79 15.17
N LYS C 261 34.03 0.82 16.04
CA LYS C 261 33.49 -0.50 15.85
C LYS C 261 31.98 -0.39 16.07
N PHE C 262 31.20 -0.85 15.11
CA PHE C 262 29.78 -0.56 15.07
C PHE C 262 29.01 -1.85 15.24
N VAL C 263 28.04 -1.85 16.14
CA VAL C 263 27.25 -3.04 16.34
C VAL C 263 25.80 -2.81 15.93
N SER C 264 25.37 -3.52 14.89
CA SER C 264 23.98 -3.45 14.42
C SER C 264 23.19 -4.67 14.89
N LYS C 268 16.33 -1.81 13.18
CA LYS C 268 15.27 -0.87 13.53
C LYS C 268 15.43 -0.28 14.89
N GLY C 269 16.26 0.73 14.93
CA GLY C 269 16.30 1.56 16.08
C GLY C 269 15.62 2.71 15.47
N ALA C 270 15.69 3.83 16.14
CA ALA C 270 15.02 4.97 15.70
C ALA C 270 15.81 6.13 16.13
N VAL C 271 15.55 7.21 15.46
CA VAL C 271 16.10 8.51 15.81
C VAL C 271 14.95 9.50 15.97
N PHE C 272 14.69 9.88 17.20
CA PHE C 272 13.63 10.84 17.53
C PHE C 272 14.20 12.26 17.68
N LYS C 273 13.80 13.15 16.77
CA LYS C 273 13.98 14.58 16.96
C LYS C 273 12.84 15.14 17.81
N SER C 274 13.16 15.49 19.06
CA SER C 274 12.12 15.86 20.01
C SER C 274 12.64 16.67 21.21
N ASP C 275 11.79 17.43 21.86
CA ASP C 275 12.23 18.06 23.10
C ASP C 275 11.72 17.41 24.40
N LEU C 276 11.07 16.26 24.31
CA LEU C 276 10.58 15.58 25.53
C LEU C 276 11.71 15.17 26.45
N PRO C 277 11.45 15.19 27.78
CA PRO C 277 12.48 14.83 28.76
C PRO C 277 12.72 13.33 28.81
N ILE C 278 13.94 12.92 29.17
CA ILE C 278 14.24 11.51 29.39
C ILE C 278 14.22 11.30 30.90
N GLU C 279 13.51 10.27 31.37
CA GLU C 279 13.21 10.12 32.78
C GLU C 279 13.56 8.72 33.25
N ASN C 280 13.69 8.53 34.57
CA ASN C 280 14.02 7.20 35.10
C ASN C 280 12.76 6.34 35.14
N CYS C 281 12.35 5.95 33.95
CA CYS C 281 11.12 5.23 33.70
C CYS C 281 11.34 4.11 32.66
N ASP C 282 10.49 3.11 32.71
CA ASP C 282 10.59 1.96 31.81
C ASP C 282 9.35 1.81 30.95
N ALA C 283 9.55 1.49 29.67
CA ALA C 283 8.44 1.33 28.75
C ALA C 283 8.60 0.10 27.87
N THR C 284 7.46 -0.48 27.54
CA THR C 284 7.30 -1.45 26.47
C THR C 284 7.17 -0.78 25.09
N CYS C 285 6.47 0.34 25.05
CA CYS C 285 6.18 1.09 23.83
C CYS C 285 6.54 2.54 23.92
N GLN C 286 7.31 3.02 22.94
CA GLN C 286 7.71 4.41 22.93
C GLN C 286 7.49 5.06 21.59
N THR C 287 6.67 6.10 21.53
CA THR C 287 6.47 6.83 20.29
C THR C 287 7.23 8.14 20.41
N ILE C 288 7.34 8.87 19.30
CA ILE C 288 8.10 10.10 19.29
C ILE C 288 7.47 11.23 20.13
N THR C 289 6.19 11.05 20.49
CA THR C 289 5.46 12.03 21.29
C THR C 289 5.12 11.48 22.66
N GLY C 290 5.58 10.27 22.94
CA GLY C 290 5.40 9.72 24.26
C GLY C 290 5.31 8.22 24.38
N VAL C 291 5.25 7.76 25.63
CA VAL C 291 5.06 6.36 25.99
C VAL C 291 3.59 5.97 25.92
N LEU C 292 3.31 4.79 25.35
CA LEU C 292 2.00 4.19 25.45
C LEU C 292 2.06 3.09 26.48
N ARG C 293 1.21 3.17 27.49
CA ARG C 293 1.08 2.11 28.48
C ARG C 293 -0.35 1.61 28.40
N THR C 294 -0.53 0.52 27.66
CA THR C 294 -1.85 0.16 27.19
C THR C 294 -1.90 -1.28 26.71
N ASN C 295 -3.12 -1.79 26.60
CA ASN C 295 -3.40 -3.12 26.08
C ASN C 295 -4.28 -3.01 24.84
N LYS C 296 -4.62 -1.78 24.47
CA LYS C 296 -5.51 -1.53 23.34
C LYS C 296 -4.87 -2.00 22.03
N THR C 297 -5.70 -2.13 21.00
CA THR C 297 -5.29 -2.69 19.73
C THR C 297 -4.84 -1.62 18.72
N PHE C 298 -5.41 -0.43 18.87
CA PHE C 298 -5.17 0.70 17.99
C PHE C 298 -4.75 1.92 18.78
N GLN C 299 -3.92 2.76 18.17
CA GLN C 299 -3.58 4.04 18.75
C GLN C 299 -3.58 5.19 17.73
N ASN C 300 -4.04 6.35 18.16
CA ASN C 300 -3.96 7.53 17.33
C ASN C 300 -2.86 8.49 17.74
N VAL C 301 -2.03 8.08 18.70
CA VAL C 301 -0.93 8.94 19.11
C VAL C 301 0.17 9.20 18.08
N SER C 302 0.69 8.14 17.45
CA SER C 302 1.76 8.31 16.47
C SER C 302 2.02 7.10 15.58
N PRO C 303 2.46 7.35 14.35
CA PRO C 303 3.01 6.33 13.44
C PRO C 303 4.50 6.04 13.70
N LEU C 304 5.18 6.92 14.43
CA LEU C 304 6.62 6.77 14.64
C LEU C 304 6.93 6.20 16.03
N TRP C 305 7.48 5.00 16.09
CA TRP C 305 7.73 4.39 17.40
C TRP C 305 8.78 3.29 17.40
N ILE C 306 9.14 2.86 18.61
CA ILE C 306 10.08 1.77 18.84
C ILE C 306 9.45 0.90 19.95
N GLY C 307 9.73 -0.40 19.94
CA GLY C 307 9.07 -1.31 20.86
C GLY C 307 7.84 -1.96 20.24
N GLU C 308 6.97 -2.50 21.10
CA GLU C 308 5.75 -3.16 20.65
C GLU C 308 4.54 -2.23 20.87
N CYS C 309 4.04 -1.63 19.80
CA CYS C 309 3.00 -0.61 19.90
C CYS C 309 1.80 -1.08 19.11
N PRO C 310 0.60 -0.66 19.53
CA PRO C 310 -0.58 -1.00 18.71
C PRO C 310 -0.58 -0.24 17.39
N LYS C 311 -1.44 -0.68 16.48
CA LYS C 311 -1.54 -0.15 15.12
C LYS C 311 -1.99 1.32 15.17
N TYR C 312 -1.30 2.18 14.41
CA TYR C 312 -1.67 3.57 14.27
C TYR C 312 -2.78 3.79 13.21
N VAL C 313 -3.84 4.48 13.61
CA VAL C 313 -4.96 4.85 12.75
C VAL C 313 -5.37 6.30 13.04
N LYS C 314 -6.11 6.94 12.14
CA LYS C 314 -6.50 8.33 12.36
C LYS C 314 -7.84 8.48 13.16
N SER C 315 -8.42 7.37 13.62
CA SER C 315 -9.73 7.37 14.29
C SER C 315 -9.74 8.01 15.70
N GLU C 316 -10.88 8.58 16.08
CA GLU C 316 -11.01 9.16 17.43
C GLU C 316 -11.40 8.09 18.45
N SER C 317 -12.11 7.08 17.98
CA SER C 317 -12.65 6.06 18.85
C SER C 317 -12.99 4.85 18.01
N LEU C 318 -12.71 3.65 18.51
CA LEU C 318 -13.13 2.45 17.81
C LEU C 318 -13.84 1.53 18.79
N ARG C 319 -15.05 1.89 19.17
CA ARG C 319 -15.79 1.15 20.18
C ARG C 319 -16.66 0.04 19.60
N LEU C 320 -16.38 -1.18 20.04
CA LEU C 320 -17.04 -2.37 19.56
C LEU C 320 -18.19 -2.72 20.51
N ALA C 321 -19.42 -2.75 20.00
CA ALA C 321 -20.54 -3.20 20.81
C ALA C 321 -20.31 -4.68 21.11
N THR C 322 -20.51 -5.07 22.37
CA THR C 322 -20.50 -6.48 22.74
C THR C 322 -21.86 -6.89 23.31
N GLY C 323 -22.45 -5.96 24.06
CA GLY C 323 -23.78 -6.06 24.63
C GLY C 323 -24.87 -5.70 23.63
N LEU C 324 -26.11 -5.89 24.03
CA LEU C 324 -27.27 -5.49 23.22
C LEU C 324 -27.73 -4.03 23.39
N ARG C 325 -28.65 -3.60 22.53
CA ARG C 325 -29.20 -2.25 22.63
C ARG C 325 -29.86 -2.07 23.99
N ASN C 326 -29.59 -0.91 24.59
CA ASN C 326 -30.00 -0.64 25.95
C ASN C 326 -31.33 0.11 25.94
N VAL C 327 -32.37 -0.55 26.40
CA VAL C 327 -33.70 0.09 26.47
C VAL C 327 -34.28 -0.04 27.89
N PRO C 328 -33.66 0.61 28.91
CA PRO C 328 -34.09 0.46 30.30
C PRO C 328 -35.46 1.11 30.59
N GLN C 329 -36.24 0.57 31.54
CA GLN C 329 -37.55 1.16 31.90
C GLN C 329 -37.43 2.60 32.36
N ILE C 330 -38.38 3.43 31.93
CA ILE C 330 -38.39 4.83 32.33
C ILE C 330 -38.91 4.98 33.76
N ALA C 331 -38.07 5.55 34.62
CA ALA C 331 -38.43 5.72 36.02
C ALA C 331 -38.69 7.20 36.31
N THR C 332 -39.85 7.49 36.87
CA THR C 332 -40.30 8.85 37.09
C THR C 332 -40.26 9.24 38.57
N GLY D 1 -35.73 -3.52 15.00
CA GLY D 1 -34.79 -4.58 15.19
C GLY D 1 -34.94 -5.29 13.88
N ILE D 2 -33.92 -5.96 13.35
CA ILE D 2 -34.12 -6.65 12.06
C ILE D 2 -34.87 -7.98 12.24
N PHE D 3 -34.70 -8.62 13.39
CA PHE D 3 -35.51 -9.76 13.77
C PHE D 3 -36.74 -9.31 14.55
N GLY D 4 -36.85 -8.00 14.79
CA GLY D 4 -38.05 -7.39 15.32
C GLY D 4 -38.37 -7.50 16.81
N ALA D 5 -37.56 -8.21 17.57
CA ALA D 5 -37.81 -8.41 18.99
C ALA D 5 -37.37 -7.22 19.83
N ILE D 6 -36.05 -7.00 19.87
CA ILE D 6 -35.45 -5.95 20.68
C ILE D 6 -35.86 -4.57 20.20
N ALA D 7 -36.32 -3.75 21.14
CA ALA D 7 -36.92 -2.46 20.84
C ALA D 7 -37.89 -2.58 19.69
N GLY D 8 -38.66 -3.68 19.69
CA GLY D 8 -39.55 -4.05 18.60
C GLY D 8 -40.86 -4.57 19.15
N PHE D 9 -41.21 -5.83 18.91
CA PHE D 9 -42.45 -6.34 19.50
C PHE D 9 -42.27 -6.61 21.00
N ILE D 10 -41.01 -6.62 21.46
CA ILE D 10 -40.69 -6.51 22.88
C ILE D 10 -40.08 -5.14 23.14
N GLU D 11 -40.89 -4.25 23.69
CA GLU D 11 -40.63 -2.81 23.67
C GLU D 11 -39.43 -2.37 24.49
N GLY D 12 -39.16 -3.06 25.59
CA GLY D 12 -38.09 -2.65 26.48
C GLY D 12 -37.33 -3.80 27.11
N GLY D 13 -36.18 -3.48 27.68
CA GLY D 13 -35.35 -4.44 28.37
C GLY D 13 -35.66 -4.41 29.86
N TRP D 14 -35.03 -5.30 30.60
CA TRP D 14 -35.29 -5.42 32.04
C TRP D 14 -34.07 -5.09 32.88
N THR D 15 -34.09 -3.95 33.57
CA THR D 15 -33.00 -3.63 34.51
C THR D 15 -33.01 -4.61 35.67
N GLY D 16 -34.14 -5.27 35.89
CA GLY D 16 -34.25 -6.24 36.96
C GLY D 16 -33.63 -7.60 36.67
N MET D 17 -33.45 -7.96 35.40
CA MET D 17 -32.76 -9.21 35.07
C MET D 17 -31.25 -8.96 34.91
N ILE D 18 -30.47 -9.30 35.94
CA ILE D 18 -29.08 -8.88 36.03
C ILE D 18 -28.05 -9.97 35.82
N ASP D 19 -28.49 -11.20 35.59
CA ASP D 19 -27.51 -12.27 35.48
C ASP D 19 -27.47 -12.90 34.10
N GLY D 20 -28.01 -12.21 33.11
CA GLY D 20 -27.97 -12.69 31.73
C GLY D 20 -28.33 -11.63 30.73
N TRP D 21 -27.98 -11.85 29.47
CA TRP D 21 -28.47 -11.03 28.37
C TRP D 21 -29.93 -11.22 27.98
N TYR D 22 -30.36 -12.48 27.94
CA TYR D 22 -31.69 -12.87 27.51
C TYR D 22 -32.35 -13.73 28.57
N GLY D 23 -33.65 -13.55 28.72
CA GLY D 23 -34.34 -14.09 29.87
C GLY D 23 -35.85 -14.28 29.89
N TYR D 24 -36.31 -14.88 30.98
CA TYR D 24 -37.74 -15.07 31.23
C TYR D 24 -38.22 -14.25 32.43
N HIS D 25 -39.34 -13.56 32.25
CA HIS D 25 -40.02 -12.98 33.39
C HIS D 25 -41.34 -13.74 33.67
N HIS D 26 -41.49 -14.29 34.87
CA HIS D 26 -42.68 -15.06 35.21
C HIS D 26 -43.50 -14.40 36.31
N GLU D 27 -44.82 -14.58 36.31
CA GLU D 27 -45.59 -14.25 37.51
C GLU D 27 -46.57 -15.38 37.85
N ASN D 28 -46.60 -15.79 39.10
CA ASN D 28 -47.54 -16.82 39.48
C ASN D 28 -47.95 -16.73 40.93
N SER D 29 -48.90 -17.57 41.30
CA SER D 29 -49.50 -17.49 42.63
C SER D 29 -48.37 -17.65 43.67
N GLN D 30 -47.28 -18.33 43.30
CA GLN D 30 -46.12 -18.47 44.20
C GLN D 30 -45.11 -17.32 44.16
N GLY D 31 -45.38 -16.28 43.37
CA GLY D 31 -44.42 -15.20 43.25
C GLY D 31 -44.08 -14.77 41.83
N SER D 32 -43.12 -13.86 41.70
CA SER D 32 -42.70 -13.41 40.36
C SER D 32 -41.22 -13.06 40.31
N GLY D 33 -40.71 -12.90 39.09
CA GLY D 33 -39.32 -12.52 38.95
C GLY D 33 -38.72 -12.61 37.56
N TYR D 34 -37.41 -12.43 37.52
CA TYR D 34 -36.62 -12.33 36.29
C TYR D 34 -35.49 -13.31 36.36
N ALA D 35 -35.48 -14.28 35.44
CA ALA D 35 -34.39 -15.25 35.39
C ALA D 35 -33.82 -15.40 33.97
N ALA D 36 -32.50 -15.28 33.85
CA ALA D 36 -31.82 -15.41 32.57
C ALA D 36 -31.81 -16.85 32.07
N ASP D 37 -31.91 -17.02 30.76
CA ASP D 37 -31.65 -18.32 30.18
C ASP D 37 -30.14 -18.47 29.98
N ARG D 38 -29.54 -19.34 30.79
CA ARG D 38 -28.09 -19.42 30.91
C ARG D 38 -27.42 -19.87 29.61
N GLU D 39 -28.04 -20.83 28.94
CA GLU D 39 -27.43 -21.44 27.79
C GLU D 39 -27.30 -20.48 26.61
N SER D 40 -28.35 -19.70 26.36
CA SER D 40 -28.35 -18.84 25.20
C SER D 40 -27.52 -17.60 25.50
N THR D 41 -27.49 -17.22 26.78
CA THR D 41 -26.64 -16.13 27.24
C THR D 41 -25.17 -16.52 27.10
N GLN D 42 -24.81 -17.71 27.54
CA GLN D 42 -23.41 -18.13 27.52
C GLN D 42 -22.92 -18.32 26.09
N LYS D 43 -23.74 -18.94 25.23
CA LYS D 43 -23.38 -19.10 23.81
C LYS D 43 -23.09 -17.75 23.17
N ALA D 44 -23.96 -16.76 23.41
CA ALA D 44 -23.72 -15.41 22.88
C ALA D 44 -22.44 -14.78 23.47
N ILE D 45 -22.17 -15.02 24.75
CA ILE D 45 -20.94 -14.47 25.35
C ILE D 45 -19.68 -15.09 24.73
N ASP D 46 -19.69 -16.42 24.53
CA ASP D 46 -18.61 -17.12 23.83
C ASP D 46 -18.45 -16.60 22.41
N GLY D 47 -19.58 -16.50 21.69
CA GLY D 47 -19.56 -15.98 20.35
C GLY D 47 -19.02 -14.55 20.26
N ILE D 48 -19.52 -13.66 21.10
CA ILE D 48 -19.11 -12.27 21.02
C ILE D 48 -17.65 -12.08 21.44
N THR D 49 -17.20 -12.83 22.44
CA THR D 49 -15.81 -12.76 22.90
C THR D 49 -14.87 -13.26 21.80
N ASN D 50 -15.30 -14.30 21.08
CA ASN D 50 -14.51 -14.82 19.98
C ASN D 50 -14.41 -13.79 18.86
N LYS D 51 -15.50 -13.08 18.60
CA LYS D 51 -15.46 -12.06 17.55
C LYS D 51 -14.46 -10.93 17.92
N VAL D 52 -14.47 -10.51 19.18
CA VAL D 52 -13.56 -9.47 19.63
C VAL D 52 -12.11 -9.95 19.52
N ASN D 53 -11.83 -11.20 19.92
CA ASN D 53 -10.48 -11.73 19.86
C ASN D 53 -10.00 -11.97 18.44
N SER D 54 -10.91 -12.39 17.56
CA SER D 54 -10.54 -12.61 16.17
C SER D 54 -10.16 -11.28 15.56
N ILE D 55 -10.95 -10.25 15.83
CA ILE D 55 -10.66 -8.92 15.27
C ILE D 55 -9.33 -8.40 15.84
N ILE D 56 -9.15 -8.57 17.13
CA ILE D 56 -7.91 -8.14 17.77
C ILE D 56 -6.75 -8.92 17.15
N ASN D 57 -6.94 -10.21 16.92
CA ASN D 57 -5.87 -11.02 16.36
C ASN D 57 -5.52 -10.57 14.94
N LYS D 58 -6.54 -10.42 14.10
CA LYS D 58 -6.36 -10.07 12.71
C LYS D 58 -5.81 -8.67 12.56
N MET D 59 -5.96 -7.84 13.59
CA MET D 59 -5.39 -6.50 13.57
C MET D 59 -3.98 -6.41 14.20
N ASN D 60 -3.38 -7.55 14.50
CA ASN D 60 -2.13 -7.60 15.29
C ASN D 60 -0.85 -7.38 14.48
N THR D 61 -0.95 -6.78 13.32
CA THR D 61 0.26 -6.36 12.61
C THR D 61 0.27 -4.84 12.61
N GLN D 62 1.45 -4.25 12.50
CA GLN D 62 1.57 -2.82 12.35
C GLN D 62 2.29 -2.49 11.06
N PHE D 63 1.93 -1.37 10.45
CA PHE D 63 2.79 -0.77 9.45
C PHE D 63 3.69 0.22 10.21
N GLU D 64 4.98 0.24 9.89
CA GLU D 64 5.90 1.11 10.60
C GLU D 64 6.43 2.21 9.70
N ALA D 65 6.15 3.46 10.05
CA ALA D 65 6.70 4.58 9.32
C ALA D 65 8.12 4.87 9.82
N VAL D 66 8.89 5.64 9.07
CA VAL D 66 10.31 5.84 9.44
C VAL D 66 10.76 7.28 9.45
N ASP D 67 11.76 7.53 10.29
CA ASP D 67 12.33 8.84 10.53
C ASP D 67 13.36 9.33 9.48
N HIS D 68 13.45 8.66 8.34
CA HIS D 68 14.53 8.96 7.38
C HIS D 68 14.49 10.36 6.82
N GLU D 69 15.67 10.95 6.66
CA GLU D 69 15.80 12.26 6.06
C GLU D 69 16.04 12.14 4.56
N PHE D 70 15.69 13.19 3.84
CA PHE D 70 15.94 13.25 2.42
C PHE D 70 16.59 14.59 2.10
N SER D 71 17.43 14.64 1.08
CA SER D 71 18.14 15.88 0.81
C SER D 71 17.33 16.73 -0.17
N ASN D 72 17.90 17.84 -0.63
CA ASN D 72 17.19 18.72 -1.56
C ASN D 72 17.25 18.25 -3.01
N LEU D 73 17.97 17.16 -3.25
CA LEU D 73 17.91 16.41 -4.50
C LEU D 73 17.13 15.08 -4.36
N GLU D 74 16.33 14.97 -3.30
CA GLU D 74 15.61 13.73 -3.03
C GLU D 74 14.12 13.99 -2.77
N ARG D 75 13.58 15.00 -3.44
CA ARG D 75 12.19 15.36 -3.33
C ARG D 75 11.30 14.21 -3.81
N ARG D 76 11.67 13.56 -4.92
CA ARG D 76 10.84 12.50 -5.47
C ARG D 76 10.78 11.30 -4.52
N ILE D 77 11.92 10.80 -4.05
CA ILE D 77 11.83 9.63 -3.17
C ILE D 77 11.29 9.99 -1.79
N GLY D 78 11.55 11.21 -1.34
CA GLY D 78 10.98 11.70 -0.09
C GLY D 78 9.47 11.73 -0.19
N ASN D 79 8.95 12.19 -1.32
CA ASN D 79 7.51 12.21 -1.52
C ASN D 79 6.96 10.81 -1.80
N LEU D 80 7.77 9.93 -2.40
CA LEU D 80 7.34 8.54 -2.56
C LEU D 80 7.04 7.95 -1.16
N ASN D 81 8.01 8.07 -0.25
CA ASN D 81 7.89 7.58 1.12
C ASN D 81 6.68 8.15 1.87
N LYS D 82 6.38 9.42 1.67
CA LYS D 82 5.26 10.04 2.37
C LYS D 82 3.95 9.48 1.84
N ARG D 83 3.77 9.47 0.53
CA ARG D 83 2.52 8.93 -0.06
C ARG D 83 2.28 7.46 0.32
N MET D 84 3.35 6.67 0.34
CA MET D 84 3.25 5.28 0.76
C MET D 84 2.77 5.14 2.21
N GLU D 85 3.42 5.89 3.13
CA GLU D 85 3.05 5.84 4.54
C GLU D 85 1.62 6.35 4.77
N ASP D 86 1.28 7.48 4.15
CA ASP D 86 -0.08 8.00 4.16
C ASP D 86 -1.08 7.01 3.58
N GLY D 87 -0.69 6.33 2.49
CA GLY D 87 -1.55 5.36 1.82
C GLY D 87 -1.85 4.19 2.73
N PHE D 88 -0.84 3.71 3.44
CA PHE D 88 -1.09 2.56 4.30
C PHE D 88 -1.89 3.01 5.52
N LEU D 89 -1.67 4.22 6.00
CA LEU D 89 -2.47 4.77 7.07
C LEU D 89 -3.95 4.88 6.69
N ASP D 90 -4.24 5.37 5.48
CA ASP D 90 -5.61 5.52 5.03
C ASP D 90 -6.32 4.19 4.85
N VAL D 91 -5.57 3.21 4.39
CA VAL D 91 -6.09 1.86 4.22
C VAL D 91 -6.46 1.21 5.56
N TRP D 92 -5.60 1.34 6.57
CA TRP D 92 -5.86 0.67 7.85
C TRP D 92 -6.93 1.42 8.65
N THR D 93 -7.00 2.75 8.50
CA THR D 93 -8.02 3.55 9.14
C THR D 93 -9.39 3.16 8.56
N TYR D 94 -9.41 2.99 7.24
CA TYR D 94 -10.63 2.58 6.57
C TYR D 94 -11.02 1.18 7.06
N ASN D 95 -10.09 0.23 6.99
CA ASN D 95 -10.42 -1.13 7.43
C ASN D 95 -10.98 -1.15 8.87
N ALA D 96 -10.34 -0.44 9.81
CA ALA D 96 -10.80 -0.49 11.20
C ALA D 96 -12.16 0.16 11.40
N GLU D 97 -12.35 1.35 10.85
CA GLU D 97 -13.62 2.07 10.97
C GLU D 97 -14.80 1.39 10.29
N LEU D 98 -14.59 0.87 9.07
CA LEU D 98 -15.68 0.17 8.40
C LEU D 98 -15.98 -1.13 9.11
N LEU D 99 -14.94 -1.83 9.57
CA LEU D 99 -15.17 -3.07 10.31
C LEU D 99 -16.00 -2.83 11.57
N VAL D 100 -15.75 -1.73 12.28
CA VAL D 100 -16.49 -1.48 13.50
C VAL D 100 -17.97 -1.19 13.25
N LEU D 101 -18.26 -0.38 12.24
CA LEU D 101 -19.63 -0.06 11.88
C LEU D 101 -20.39 -1.32 11.43
N LEU D 102 -19.72 -2.14 10.62
CA LEU D 102 -20.35 -3.36 10.12
C LEU D 102 -20.55 -4.39 11.23
N GLU D 103 -19.57 -4.58 12.11
CA GLU D 103 -19.71 -5.62 13.12
C GLU D 103 -20.64 -5.19 14.26
N ASN D 104 -20.81 -3.90 14.48
CA ASN D 104 -21.75 -3.45 15.48
C ASN D 104 -23.18 -3.72 15.01
N GLU D 105 -23.45 -3.46 13.73
CA GLU D 105 -24.75 -3.77 13.13
C GLU D 105 -25.06 -5.25 13.28
N ARG D 106 -24.09 -6.09 13.00
CA ARG D 106 -24.37 -7.53 13.00
C ARG D 106 -24.43 -8.13 14.43
N THR D 107 -23.69 -7.53 15.34
CA THR D 107 -23.72 -7.93 16.75
C THR D 107 -25.11 -7.66 17.37
N LEU D 108 -25.66 -6.48 17.12
CA LEU D 108 -27.00 -6.13 17.63
C LEU D 108 -28.06 -7.06 17.03
N ASP D 109 -27.87 -7.46 15.76
CA ASP D 109 -28.80 -8.40 15.09
C ASP D 109 -28.75 -9.75 15.74
N LEU D 110 -27.55 -10.17 16.12
CA LEU D 110 -27.33 -11.46 16.76
C LEU D 110 -28.15 -11.52 18.07
N HIS D 111 -28.02 -10.49 18.90
CA HIS D 111 -28.83 -10.35 20.10
C HIS D 111 -30.33 -10.34 19.82
N ASP D 112 -30.75 -9.58 18.81
CA ASP D 112 -32.13 -9.56 18.40
C ASP D 112 -32.63 -10.96 18.04
N ALA D 113 -31.82 -11.73 17.31
CA ALA D 113 -32.22 -13.09 16.89
C ALA D 113 -32.28 -14.04 18.07
N ASN D 114 -31.35 -13.91 19.00
CA ASN D 114 -31.37 -14.80 20.15
C ASN D 114 -32.63 -14.58 21.01
N VAL D 115 -33.11 -13.34 21.10
CA VAL D 115 -34.32 -13.04 21.84
C VAL D 115 -35.53 -13.60 21.08
N LYS D 116 -35.59 -13.34 19.78
CA LYS D 116 -36.67 -13.83 18.91
C LYS D 116 -36.80 -15.35 18.97
N ASN D 117 -35.67 -16.05 19.04
CA ASN D 117 -35.72 -17.51 19.08
C ASN D 117 -36.11 -18.09 20.45
N LEU D 118 -35.76 -17.40 21.53
CA LEU D 118 -36.30 -17.79 22.84
C LEU D 118 -37.81 -17.63 22.82
N TYR D 119 -38.27 -16.50 22.30
CA TYR D 119 -39.69 -16.23 22.24
C TYR D 119 -40.46 -17.28 21.41
N GLU D 120 -39.85 -17.79 20.34
CA GLU D 120 -40.53 -18.78 19.52
C GLU D 120 -40.47 -20.15 20.17
N LYS D 121 -39.38 -20.47 20.85
CA LYS D 121 -39.28 -21.71 21.59
C LYS D 121 -40.42 -21.86 22.61
N VAL D 122 -40.86 -20.74 23.21
CA VAL D 122 -41.91 -20.82 24.23
C VAL D 122 -43.27 -20.89 23.56
N LYS D 123 -43.47 -20.08 22.54
CA LYS D 123 -44.73 -19.99 21.84
C LYS D 123 -45.16 -21.32 21.19
N SER D 124 -44.24 -22.07 20.58
CA SER D 124 -44.58 -23.39 20.02
C SER D 124 -44.95 -24.39 21.13
N GLN D 125 -44.26 -24.33 22.26
CA GLN D 125 -44.58 -25.24 23.36
C GLN D 125 -45.99 -25.04 23.91
N LEU D 126 -46.39 -23.78 24.06
CA LEU D 126 -47.63 -23.44 24.77
C LEU D 126 -48.88 -23.61 23.91
N ARG D 127 -48.74 -23.40 22.60
CA ARG D 127 -49.88 -23.49 21.68
C ARG D 127 -51.06 -22.68 22.21
N ASP D 128 -52.25 -23.27 22.17
CA ASP D 128 -53.46 -22.58 22.63
C ASP D 128 -53.71 -22.74 24.15
N ASN D 129 -52.78 -23.35 24.88
CA ASN D 129 -52.82 -23.40 26.35
C ASN D 129 -52.51 -22.05 27.00
N ALA D 130 -52.17 -21.07 26.18
CA ALA D 130 -51.87 -19.75 26.68
C ALA D 130 -52.24 -18.69 25.68
N ASN D 131 -52.50 -17.52 26.19
CA ASN D 131 -52.91 -16.38 25.40
C ASN D 131 -51.75 -15.42 25.18
N ASP D 132 -51.51 -15.07 23.93
CA ASP D 132 -50.47 -14.12 23.60
C ASP D 132 -50.98 -12.71 23.93
N LEU D 133 -50.43 -12.12 24.99
CA LEU D 133 -50.57 -10.69 25.22
C LEU D 133 -49.58 -10.07 24.24
N GLY D 134 -49.43 -8.75 24.24
CA GLY D 134 -48.33 -8.17 23.47
C GLY D 134 -47.01 -8.30 24.24
N ASN D 135 -45.94 -7.74 23.66
CA ASN D 135 -44.68 -7.55 24.38
C ASN D 135 -43.95 -8.82 24.80
N GLY D 136 -44.16 -9.91 24.08
CA GLY D 136 -43.47 -11.15 24.38
C GLY D 136 -43.98 -11.89 25.61
N CYS D 137 -45.14 -11.48 26.14
CA CYS D 137 -45.78 -12.13 27.27
C CYS D 137 -46.92 -13.11 26.92
N PHE D 138 -46.96 -14.21 27.65
CA PHE D 138 -48.04 -15.17 27.50
C PHE D 138 -48.83 -15.31 28.79
N GLU D 139 -50.16 -15.33 28.69
CA GLU D 139 -50.99 -15.65 29.86
C GLU D 139 -51.54 -17.05 29.73
N PHE D 140 -51.15 -17.92 30.65
CA PHE D 140 -51.64 -19.29 30.66
C PHE D 140 -53.17 -19.36 30.89
N TRP D 141 -53.83 -20.27 30.18
CA TRP D 141 -55.26 -20.55 30.40
C TRP D 141 -55.43 -21.56 31.54
N HIS D 142 -54.34 -21.96 32.14
CA HIS D 142 -54.35 -22.91 33.24
C HIS D 142 -53.49 -22.40 34.36
N LYS D 143 -53.40 -23.17 35.44
CA LYS D 143 -52.61 -22.77 36.59
C LYS D 143 -51.20 -23.23 36.36
N CYS D 144 -50.27 -22.30 36.31
CA CYS D 144 -48.89 -22.64 35.99
C CYS D 144 -47.98 -22.60 37.19
N ASP D 145 -47.49 -23.77 37.56
CA ASP D 145 -46.66 -24.02 38.74
C ASP D 145 -45.25 -23.41 38.55
N ASN D 146 -44.50 -23.30 39.64
CA ASN D 146 -43.10 -22.95 39.52
C ASN D 146 -42.43 -24.05 38.72
N GLU D 147 -42.86 -25.28 39.00
CA GLU D 147 -42.42 -26.47 38.30
C GLU D 147 -42.86 -26.43 36.84
N CYS D 148 -44.09 -25.96 36.61
CA CYS D 148 -44.56 -25.73 35.25
C CYS D 148 -43.77 -24.63 34.55
N MET D 149 -43.46 -23.54 35.25
CA MET D 149 -42.62 -22.49 34.67
C MET D 149 -41.28 -23.06 34.24
N GLU D 150 -40.71 -23.93 35.08
CA GLU D 150 -39.43 -24.53 34.77
C GLU D 150 -39.52 -25.40 33.54
N SER D 151 -40.64 -26.07 33.36
CA SER D 151 -40.81 -26.98 32.23
C SER D 151 -40.92 -26.17 30.94
N VAL D 152 -41.47 -24.97 31.01
CA VAL D 152 -41.51 -24.12 29.84
C VAL D 152 -40.09 -23.64 29.50
N LYS D 153 -39.32 -23.29 30.53
CA LYS D 153 -37.98 -22.75 30.34
C LYS D 153 -36.99 -23.79 29.81
N ASN D 154 -37.04 -25.01 30.36
CA ASN D 154 -36.05 -26.01 30.01
C ASN D 154 -36.50 -26.87 28.83
N GLY D 155 -37.70 -26.62 28.31
CA GLY D 155 -38.13 -27.25 27.08
C GLY D 155 -38.94 -28.54 27.19
N THR D 156 -39.49 -28.82 28.37
CA THR D 156 -40.23 -30.07 28.58
C THR D 156 -41.68 -29.82 29.02
N TYR D 157 -42.25 -28.72 28.53
CA TYR D 157 -43.61 -28.33 28.88
C TYR D 157 -44.58 -29.36 28.35
N ASP D 158 -45.49 -29.79 29.22
CA ASP D 158 -46.42 -30.86 28.92
C ASP D 158 -47.79 -30.31 28.51
N TYR D 159 -47.99 -30.15 27.20
CA TYR D 159 -49.23 -29.60 26.66
C TYR D 159 -50.45 -30.50 26.90
N PRO D 160 -50.32 -31.83 26.72
CA PRO D 160 -51.51 -32.64 26.99
C PRO D 160 -52.00 -32.46 28.43
N LYS D 161 -51.05 -32.35 29.36
CA LYS D 161 -51.34 -32.40 30.79
C LYS D 161 -52.30 -31.27 31.23
N TYR D 162 -52.33 -30.16 30.49
CA TYR D 162 -53.15 -29.00 30.87
C TYR D 162 -54.19 -28.63 29.82
N GLN D 163 -54.30 -29.43 28.77
CA GLN D 163 -55.19 -29.10 27.65
C GLN D 163 -56.68 -28.98 28.03
N LYS D 164 -57.15 -29.84 28.94
CA LYS D 164 -58.56 -29.82 29.32
C LYS D 164 -58.86 -28.63 30.24
N GLU D 165 -58.09 -28.48 31.31
CA GLU D 165 -58.22 -27.31 32.18
C GLU D 165 -58.19 -26.01 31.39
N SER D 166 -57.23 -25.94 30.47
CA SER D 166 -57.02 -24.76 29.64
C SER D 166 -58.20 -24.47 28.72
N LYS D 167 -58.72 -25.50 28.04
CA LYS D 167 -59.84 -25.32 27.11
C LYS D 167 -61.09 -24.84 27.83
N LEU D 168 -61.38 -25.43 28.99
CA LEU D 168 -62.54 -25.04 29.78
C LEU D 168 -62.45 -23.60 30.24
N ASN D 169 -61.22 -23.14 30.50
CA ASN D 169 -61.01 -21.74 30.87
C ASN D 169 -61.07 -20.86 29.64
N ARG D 170 -60.32 -21.27 28.62
CA ARG D 170 -60.18 -20.53 27.36
C ARG D 170 -61.54 -20.06 26.87
N GLN D 171 -62.51 -20.98 26.90
CA GLN D 171 -63.87 -20.67 26.46
C GLN D 171 -64.93 -21.07 27.48
N GLY D 172 -64.68 -20.71 28.72
CA GLY D 172 -65.73 -20.63 29.72
C GLY D 172 -65.95 -19.14 29.93
N ILE D 173 -64.94 -18.38 29.47
CA ILE D 173 -64.89 -16.93 29.57
C ILE D 173 -66.12 -16.21 28.99
N PRO E 3 -48.17 -42.30 17.64
CA PRO E 3 -48.98 -43.14 16.76
C PRO E 3 -49.18 -42.53 15.36
N GLY E 4 -49.41 -41.22 15.29
CA GLY E 4 -49.70 -40.56 14.03
C GLY E 4 -48.53 -40.56 13.04
N ASP E 5 -48.86 -40.48 11.76
CA ASP E 5 -47.89 -40.21 10.73
C ASP E 5 -47.19 -38.86 10.95
N LYS E 6 -45.94 -38.77 10.50
CA LYS E 6 -45.11 -37.58 10.71
C LYS E 6 -44.39 -37.16 9.43
N ILE E 7 -44.23 -35.85 9.24
CA ILE E 7 -43.23 -35.34 8.31
C ILE E 7 -42.38 -34.32 9.08
N CYS E 8 -41.08 -34.39 8.85
CA CYS E 8 -40.09 -33.64 9.61
C CYS E 8 -39.22 -32.84 8.64
N ILE E 9 -38.91 -31.59 8.98
CA ILE E 9 -37.95 -30.84 8.17
C ILE E 9 -36.61 -30.94 8.87
N GLY E 10 -35.52 -31.00 8.07
CA GLY E 10 -34.19 -31.27 8.59
C GLY E 10 -33.09 -30.95 7.59
N TYR E 11 -31.86 -31.31 7.94
CA TYR E 11 -30.70 -30.92 7.17
C TYR E 11 -29.64 -32.00 7.03
N HIS E 12 -28.82 -31.89 6.00
CA HIS E 12 -27.78 -32.86 5.70
C HIS E 12 -26.71 -32.97 6.79
N ALA E 13 -26.26 -34.20 7.01
CA ALA E 13 -25.14 -34.49 7.88
C ALA E 13 -24.26 -35.53 7.20
N ASN E 14 -22.99 -35.58 7.55
CA ASN E 14 -22.05 -36.51 6.92
C ASN E 14 -20.84 -36.87 7.78
N ASN E 15 -19.94 -37.67 7.21
CA ASN E 15 -18.77 -38.19 7.91
C ASN E 15 -17.62 -37.18 8.00
N SER E 16 -17.83 -35.99 7.48
CA SER E 16 -16.78 -34.99 7.42
C SER E 16 -16.25 -34.62 8.80
N THR E 17 -14.92 -34.52 8.89
CA THR E 17 -14.25 -34.00 10.07
C THR E 17 -13.55 -32.69 9.76
N THR E 18 -13.74 -32.17 8.56
CA THR E 18 -13.13 -30.92 8.16
C THR E 18 -13.74 -29.72 8.87
N GLN E 19 -12.90 -28.81 9.33
CA GLN E 19 -13.38 -27.67 10.12
C GLN E 19 -13.05 -26.33 9.50
N VAL E 20 -13.87 -25.35 9.85
CA VAL E 20 -13.65 -23.98 9.44
C VAL E 20 -13.73 -23.08 10.67
N ASP E 21 -13.21 -21.86 10.53
CA ASP E 21 -13.37 -20.86 11.58
C ASP E 21 -14.34 -19.79 11.10
N THR E 22 -15.06 -19.19 12.04
CA THR E 22 -15.91 -18.06 11.74
C THR E 22 -15.59 -16.99 12.76
N LEU E 23 -16.14 -15.80 12.58
CA LEU E 23 -15.96 -14.71 13.54
C LEU E 23 -16.45 -15.09 14.93
N LEU E 24 -17.50 -15.91 15.01
CA LEU E 24 -18.14 -16.23 16.29
C LEU E 24 -17.61 -17.50 16.93
N GLU E 25 -17.04 -18.38 16.13
CA GLU E 25 -16.71 -19.71 16.60
C GLU E 25 -15.54 -20.32 15.82
N LYS E 26 -14.65 -20.98 16.54
CA LYS E 26 -13.50 -21.66 15.94
C LYS E 26 -13.79 -23.15 15.82
N ASN E 27 -13.12 -23.82 14.89
CA ASN E 27 -13.22 -25.27 14.78
C ASN E 27 -14.65 -25.78 14.59
N VAL E 28 -15.39 -25.20 13.64
CA VAL E 28 -16.73 -25.70 13.34
C VAL E 28 -16.69 -26.73 12.23
N THR E 29 -16.98 -27.98 12.56
CA THR E 29 -17.10 -29.00 11.53
C THR E 29 -18.27 -28.69 10.62
N VAL E 30 -18.04 -28.83 9.33
CA VAL E 30 -19.00 -28.44 8.30
C VAL E 30 -19.02 -29.52 7.19
N THR E 31 -20.18 -29.73 6.60
CA THR E 31 -20.43 -30.85 5.69
C THR E 31 -19.57 -30.77 4.43
N HIS E 32 -19.44 -29.56 3.90
CA HIS E 32 -18.74 -29.30 2.64
C HIS E 32 -17.97 -27.98 2.77
N SER E 33 -16.76 -27.94 2.23
CA SER E 33 -15.95 -26.74 2.29
C SER E 33 -14.90 -26.73 1.17
N VAL E 34 -14.25 -25.58 0.96
CA VAL E 34 -13.27 -25.41 -0.11
C VAL E 34 -12.02 -24.68 0.41
N GLU E 35 -10.87 -25.33 0.28
CA GLU E 35 -9.57 -24.72 0.68
C GLU E 35 -9.06 -23.80 -0.43
N LEU E 36 -8.89 -22.52 -0.15
CA LEU E 36 -8.53 -21.56 -1.21
C LEU E 36 -7.01 -21.36 -1.31
N LEU E 37 -6.28 -21.85 -0.32
CA LEU E 37 -4.84 -21.57 -0.23
C LEU E 37 -3.99 -22.78 -0.58
N GLU E 38 -2.96 -22.53 -1.39
CA GLU E 38 -2.00 -23.58 -1.78
C GLU E 38 -0.68 -23.48 -1.01
N ASN E 39 -0.30 -24.53 -0.31
CA ASN E 39 0.96 -24.52 0.44
C ASN E 39 2.00 -25.54 -0.06
N GLN E 40 1.82 -26.06 -1.26
CA GLN E 40 2.66 -27.14 -1.77
C GLN E 40 3.34 -26.72 -3.06
N LYS E 41 4.58 -27.18 -3.25
CA LYS E 41 5.39 -26.74 -4.38
C LYS E 41 6.31 -27.84 -4.91
N GLU E 42 6.63 -27.78 -6.19
CA GLU E 42 7.67 -28.65 -6.73
C GLU E 42 8.98 -27.91 -6.54
N LYS E 43 9.91 -28.51 -5.79
CA LYS E 43 11.22 -27.93 -5.53
C LYS E 43 12.19 -27.96 -6.73
N ARG E 44 11.82 -27.31 -7.82
CA ARG E 44 12.66 -27.26 -8.99
C ARG E 44 12.28 -26.04 -9.82
N PHE E 45 13.09 -25.77 -10.85
CA PHE E 45 12.76 -24.74 -11.82
C PHE E 45 12.34 -25.41 -13.11
N CYS E 46 11.34 -24.86 -13.78
CA CYS E 46 10.77 -25.46 -14.99
C CYS E 46 10.67 -24.43 -16.07
N LYS E 47 10.37 -24.89 -17.27
CA LYS E 47 10.16 -23.98 -18.37
C LYS E 47 8.91 -23.17 -18.05
N ILE E 48 8.83 -21.95 -18.55
CA ILE E 48 7.62 -21.19 -18.34
C ILE E 48 6.77 -21.17 -19.60
N MET E 49 7.02 -20.26 -20.54
CA MET E 49 6.11 -20.26 -21.70
C MET E 49 6.64 -21.24 -22.73
N ASN E 50 6.73 -22.49 -22.30
CA ASN E 50 7.47 -23.54 -23.00
C ASN E 50 8.91 -23.08 -23.29
N LYS E 51 9.44 -22.21 -22.43
CA LYS E 51 10.75 -21.61 -22.62
C LYS E 51 11.66 -21.76 -21.40
N ALA E 52 12.87 -22.24 -21.65
CA ALA E 52 13.78 -22.61 -20.58
C ALA E 52 14.35 -21.36 -19.89
N PRO E 53 14.80 -21.52 -18.65
CA PRO E 53 15.50 -20.43 -17.98
C PRO E 53 16.99 -20.46 -18.34
N LEU E 54 17.67 -19.32 -18.16
CA LEU E 54 19.14 -19.26 -18.25
C LEU E 54 19.79 -19.69 -16.95
N ASP E 55 20.53 -20.80 -16.98
CA ASP E 55 21.31 -21.24 -15.83
C ASP E 55 22.71 -20.63 -15.94
N LEU E 56 23.07 -19.76 -14.99
CA LEU E 56 24.36 -19.09 -15.06
C LEU E 56 25.47 -19.97 -14.45
N LYS E 57 25.04 -21.12 -13.92
CA LYS E 57 25.90 -22.15 -13.36
C LYS E 57 26.93 -21.64 -12.35
N ASP E 58 28.18 -21.51 -12.78
CA ASP E 58 29.26 -21.13 -11.86
C ASP E 58 29.63 -19.68 -12.05
N CYS E 59 28.83 -18.94 -12.82
CA CYS E 59 29.08 -17.53 -13.06
C CYS E 59 28.00 -16.65 -12.42
N THR E 60 28.40 -15.46 -11.99
CA THR E 60 27.48 -14.41 -11.58
C THR E 60 27.02 -13.69 -12.84
N ILE E 61 26.03 -12.81 -12.70
CA ILE E 61 25.60 -11.97 -13.83
C ILE E 61 26.76 -11.14 -14.39
N GLU E 62 27.64 -10.64 -13.51
CA GLU E 62 28.80 -9.87 -13.96
C GLU E 62 29.77 -10.71 -14.80
N GLY E 63 30.10 -11.92 -14.31
CA GLY E 63 30.94 -12.86 -15.02
C GLY E 63 30.46 -13.13 -16.44
N TRP E 64 29.20 -13.51 -16.55
CA TRP E 64 28.52 -13.69 -17.82
C TRP E 64 28.59 -12.50 -18.81
N ILE E 65 28.00 -11.34 -18.48
CA ILE E 65 27.89 -10.32 -19.53
C ILE E 65 29.20 -9.55 -19.80
N LEU E 66 30.18 -9.63 -18.89
CA LEU E 66 31.50 -9.04 -19.16
C LEU E 66 32.32 -10.00 -19.99
N GLY E 67 32.03 -11.29 -19.87
CA GLY E 67 32.72 -12.30 -20.65
C GLY E 67 33.95 -12.81 -19.93
N ASN E 68 33.83 -12.94 -18.61
CA ASN E 68 34.85 -13.63 -17.82
C ASN E 68 35.23 -14.92 -18.56
N PRO E 69 36.53 -15.09 -18.82
CA PRO E 69 37.07 -16.22 -19.58
C PRO E 69 36.57 -17.59 -19.11
N LYS E 70 36.27 -17.78 -17.82
CA LYS E 70 35.71 -19.07 -17.41
C LYS E 70 34.17 -19.14 -17.53
N CYS E 71 33.57 -18.15 -18.19
CA CYS E 71 32.14 -18.22 -18.46
C CYS E 71 31.87 -18.41 -19.95
N ASP E 72 32.82 -19.04 -20.63
CA ASP E 72 32.70 -19.26 -22.06
C ASP E 72 31.49 -20.15 -22.40
N LEU E 73 31.16 -21.09 -21.53
CA LEU E 73 29.98 -21.95 -21.78
C LEU E 73 28.67 -21.12 -21.95
N LEU E 74 28.64 -19.89 -21.43
CA LEU E 74 27.52 -18.97 -21.61
C LEU E 74 27.69 -18.06 -22.80
N LEU E 75 28.93 -17.94 -23.28
CA LEU E 75 29.32 -17.00 -24.34
C LEU E 75 28.44 -17.07 -25.60
N GLY E 76 27.99 -15.92 -26.11
CA GLY E 76 27.16 -15.91 -27.31
C GLY E 76 25.71 -15.44 -27.14
N ASP E 77 24.81 -15.97 -27.96
CA ASP E 77 23.40 -15.55 -27.95
C ASP E 77 22.64 -16.24 -26.83
N GLN E 78 21.72 -15.53 -26.17
CA GLN E 78 20.87 -16.19 -25.17
C GLN E 78 19.40 -15.75 -25.23
N SER E 79 18.50 -16.71 -24.98
CA SER E 79 17.06 -16.49 -24.84
C SER E 79 16.58 -17.13 -23.54
N TRP E 80 15.74 -16.43 -22.78
CA TRP E 80 15.37 -16.98 -21.47
C TRP E 80 14.02 -16.51 -20.96
N SER E 81 13.39 -17.34 -20.12
CA SER E 81 12.10 -16.98 -19.52
C SER E 81 12.33 -16.36 -18.15
N TYR E 82 13.55 -16.55 -17.63
CA TYR E 82 13.99 -16.02 -16.33
C TYR E 82 15.39 -16.53 -16.05
N ILE E 83 16.13 -15.76 -15.26
CA ILE E 83 17.52 -16.10 -14.97
C ILE E 83 17.62 -16.80 -13.63
N VAL E 84 18.47 -17.83 -13.57
CA VAL E 84 18.83 -18.44 -12.31
C VAL E 84 20.33 -18.21 -12.03
N GLU E 85 20.62 -17.45 -10.97
CA GLU E 85 21.99 -17.24 -10.51
C GLU E 85 22.20 -18.07 -9.24
N ARG E 86 23.20 -18.94 -9.28
CA ARG E 86 23.54 -19.77 -8.15
C ARG E 86 24.34 -18.96 -7.13
N PRO E 87 24.02 -19.14 -5.83
CA PRO E 87 24.56 -18.31 -4.74
C PRO E 87 26.08 -18.41 -4.64
N ASN E 88 26.61 -19.61 -4.76
CA ASN E 88 28.05 -19.81 -4.58
C ASN E 88 28.86 -19.63 -5.86
N ALA E 89 28.22 -19.09 -6.90
CA ALA E 89 28.88 -18.89 -8.19
C ALA E 89 30.16 -18.09 -7.99
N GLN E 90 31.27 -18.59 -8.53
CA GLN E 90 32.58 -18.01 -8.23
C GLN E 90 33.12 -17.08 -9.31
N ASN E 91 32.65 -17.20 -10.54
CA ASN E 91 33.24 -16.41 -11.61
C ASN E 91 32.47 -15.14 -11.95
N GLY E 92 33.01 -14.01 -11.50
CA GLY E 92 32.41 -12.71 -11.77
C GLY E 92 33.41 -11.71 -12.35
N ILE E 93 33.64 -10.65 -11.59
CA ILE E 93 34.67 -9.68 -11.92
C ILE E 93 36.02 -10.23 -11.43
N CYS E 94 36.88 -10.57 -12.38
CA CYS E 94 38.08 -11.32 -12.04
C CYS E 94 39.23 -10.36 -11.76
N TYR E 95 39.37 -9.34 -12.59
CA TYR E 95 40.26 -8.23 -12.29
C TYR E 95 39.55 -7.24 -11.36
N PRO E 96 40.07 -7.02 -10.15
CA PRO E 96 39.36 -6.23 -9.13
C PRO E 96 39.03 -4.83 -9.62
N GLY E 97 37.88 -4.34 -9.19
CA GLY E 97 37.40 -3.06 -9.64
C GLY E 97 35.90 -3.06 -9.42
N VAL E 98 35.27 -1.89 -9.52
CA VAL E 98 33.85 -1.74 -9.26
C VAL E 98 33.06 -1.66 -10.56
N LEU E 99 31.97 -2.43 -10.68
CA LEU E 99 31.09 -2.25 -11.81
C LEU E 99 30.07 -1.19 -11.46
N ASN E 100 30.31 0.00 -11.99
CA ASN E 100 29.45 1.13 -11.70
C ASN E 100 27.98 0.99 -12.13
N GLU E 101 27.09 1.40 -11.22
CA GLU E 101 25.64 1.24 -11.38
C GLU E 101 25.25 -0.23 -11.55
N LEU E 102 25.78 -1.08 -10.69
CA LEU E 102 25.57 -2.52 -10.75
C LEU E 102 24.11 -2.92 -10.56
N GLU E 103 23.45 -2.34 -9.57
CA GLU E 103 22.11 -2.76 -9.21
C GLU E 103 21.13 -2.40 -10.34
N GLU E 104 21.35 -1.25 -10.96
CA GLU E 104 20.59 -0.78 -12.10
C GLU E 104 20.87 -1.59 -13.39
N LEU E 105 22.12 -2.06 -13.57
CA LEU E 105 22.44 -3.00 -14.65
C LEU E 105 21.72 -4.34 -14.45
N LYS E 106 21.76 -4.88 -13.23
CA LYS E 106 21.15 -6.17 -12.91
C LYS E 106 19.61 -6.08 -13.21
N ALA E 107 19.02 -4.92 -12.90
CA ALA E 107 17.59 -4.70 -13.14
C ALA E 107 17.25 -4.57 -14.62
N PHE E 108 18.14 -3.96 -15.39
CA PHE E 108 17.92 -3.82 -16.83
C PHE E 108 18.01 -5.20 -17.51
N ILE E 109 19.01 -5.98 -17.17
CA ILE E 109 19.18 -7.33 -17.67
C ILE E 109 17.98 -8.22 -17.43
N GLY E 110 17.52 -8.34 -16.20
CA GLY E 110 16.29 -9.06 -15.93
C GLY E 110 15.31 -8.09 -16.46
N SER E 111 14.23 -8.48 -17.08
CA SER E 111 13.45 -7.59 -17.95
C SER E 111 13.87 -7.68 -19.39
N GLY E 112 14.95 -8.37 -19.63
CA GLY E 112 15.28 -8.76 -20.96
C GLY E 112 14.71 -10.12 -21.14
N GLU E 113 14.63 -10.54 -22.39
CA GLU E 113 14.31 -11.90 -22.71
C GLU E 113 15.38 -12.51 -23.60
N ARG E 114 16.17 -11.68 -24.26
CA ARG E 114 17.17 -12.20 -25.16
C ARG E 114 18.29 -11.21 -25.48
N VAL E 115 19.51 -11.72 -25.59
CA VAL E 115 20.61 -10.93 -26.15
C VAL E 115 21.32 -11.63 -27.31
N GLU E 116 21.75 -10.84 -28.29
CA GLU E 116 22.61 -11.31 -29.37
C GLU E 116 24.00 -10.65 -29.29
N ARG E 117 25.02 -11.46 -29.05
CA ARG E 117 26.38 -10.96 -28.98
C ARG E 117 26.92 -10.66 -30.36
N PHE E 118 27.59 -9.52 -30.49
CA PHE E 118 28.25 -9.18 -31.75
C PHE E 118 29.47 -8.31 -31.48
N GLU E 119 30.39 -8.28 -32.44
CA GLU E 119 31.56 -7.42 -32.37
C GLU E 119 31.21 -5.96 -32.66
N MET E 120 31.23 -5.12 -31.63
CA MET E 120 30.89 -3.72 -31.81
C MET E 120 32.09 -2.91 -32.35
N PHE E 121 33.26 -3.13 -31.77
CA PHE E 121 34.49 -2.45 -32.19
C PHE E 121 35.56 -3.48 -32.50
N PRO E 122 35.84 -3.71 -33.78
CA PRO E 122 36.98 -4.57 -34.17
C PRO E 122 38.30 -4.06 -33.57
N LYS E 123 39.20 -4.97 -33.16
CA LYS E 123 40.50 -4.57 -32.62
C LYS E 123 41.23 -3.56 -33.53
N SER E 124 40.92 -3.60 -34.83
CA SER E 124 41.49 -2.70 -35.82
C SER E 124 41.00 -1.27 -35.70
N THR E 125 40.02 -1.04 -34.84
CA THR E 125 39.43 0.28 -34.67
C THR E 125 40.42 1.32 -34.16
N TRP E 126 41.37 0.87 -33.35
CA TRP E 126 42.29 1.77 -32.68
C TRP E 126 43.66 1.67 -33.33
N ALA E 127 44.14 2.80 -33.86
CA ALA E 127 45.36 2.80 -34.64
C ALA E 127 46.51 3.23 -33.77
N GLY E 128 47.66 2.58 -33.99
CA GLY E 128 48.88 2.95 -33.31
C GLY E 128 49.06 2.33 -31.95
N VAL E 129 48.29 1.27 -31.64
CA VAL E 129 48.37 0.64 -30.31
C VAL E 129 48.40 -0.88 -30.39
N ASP E 130 48.97 -1.52 -29.36
CA ASP E 130 48.96 -2.97 -29.23
C ASP E 130 47.63 -3.43 -28.61
N THR E 131 46.99 -4.36 -29.32
CA THR E 131 45.71 -4.89 -28.89
C THR E 131 45.84 -6.38 -28.49
N SER E 132 47.04 -6.93 -28.61
CA SER E 132 47.26 -8.36 -28.38
C SER E 132 47.85 -8.71 -27.02
N ARG E 133 48.21 -7.71 -26.24
CA ARG E 133 48.93 -7.97 -24.99
C ARG E 133 48.07 -7.77 -23.72
N GLY E 134 46.84 -7.26 -23.91
CA GLY E 134 45.96 -6.93 -22.80
C GLY E 134 45.39 -8.08 -21.98
N VAL E 135 46.27 -8.77 -21.29
CA VAL E 135 45.94 -10.02 -20.61
C VAL E 135 46.47 -9.99 -19.16
N THR E 136 45.84 -10.72 -18.23
CA THR E 136 46.30 -10.73 -16.83
C THR E 136 46.14 -12.10 -16.20
N ASN E 137 46.97 -12.36 -15.21
CA ASN E 137 46.89 -13.59 -14.42
C ASN E 137 45.76 -13.58 -13.39
N ALA E 138 45.10 -12.43 -13.25
CA ALA E 138 43.94 -12.38 -12.38
C ALA E 138 42.69 -12.89 -13.12
N CYS E 139 42.76 -12.98 -14.45
CA CYS E 139 41.63 -13.48 -15.27
C CYS E 139 41.99 -14.69 -16.12
N PRO E 140 42.33 -15.82 -15.50
CA PRO E 140 42.66 -16.97 -16.33
C PRO E 140 41.43 -17.55 -17.02
N SER E 141 41.64 -18.20 -18.17
CA SER E 141 40.62 -19.09 -18.70
C SER E 141 40.88 -20.45 -18.07
N TYR E 142 40.16 -21.48 -18.51
CA TYR E 142 40.45 -22.83 -18.02
C TYR E 142 41.70 -23.41 -18.69
N THR E 143 42.13 -22.82 -19.80
CA THR E 143 43.28 -23.36 -20.54
C THR E 143 44.53 -22.49 -20.58
N ILE E 144 44.42 -21.21 -20.22
CA ILE E 144 45.60 -20.38 -20.00
C ILE E 144 45.56 -19.61 -18.69
N ASP E 145 46.75 -19.45 -18.11
CA ASP E 145 46.91 -18.75 -16.83
C ASP E 145 46.58 -17.27 -16.94
N SER E 146 46.82 -16.66 -18.11
CA SER E 146 46.65 -15.22 -18.25
C SER E 146 45.79 -14.85 -19.45
N SER E 147 44.55 -14.42 -19.18
CA SER E 147 43.61 -14.05 -20.25
C SER E 147 42.84 -12.75 -19.90
N PHE E 148 41.63 -12.58 -20.43
CA PHE E 148 40.86 -11.36 -20.17
C PHE E 148 39.43 -11.52 -20.65
N TYR E 149 38.55 -10.60 -20.21
CA TYR E 149 37.13 -10.60 -20.60
C TYR E 149 36.98 -10.66 -22.10
N ARG E 150 36.01 -11.44 -22.58
CA ARG E 150 35.85 -11.65 -24.00
C ARG E 150 35.24 -10.42 -24.66
N ASN E 151 34.65 -9.56 -23.84
CA ASN E 151 33.86 -8.46 -24.36
C ASN E 151 34.60 -7.12 -24.32
N LEU E 152 35.82 -7.16 -23.79
CA LEU E 152 36.62 -5.97 -23.67
C LEU E 152 38.03 -6.25 -24.18
N VAL E 153 38.67 -5.20 -24.72
CA VAL E 153 40.08 -5.27 -25.05
C VAL E 153 40.94 -4.33 -24.20
N TRP E 154 41.78 -4.89 -23.35
CA TRP E 154 42.72 -4.08 -22.60
C TRP E 154 43.83 -3.54 -23.53
N ILE E 155 43.63 -2.33 -24.05
CA ILE E 155 44.57 -1.71 -24.98
C ILE E 155 45.81 -1.19 -24.25
N VAL E 156 46.96 -1.39 -24.90
CA VAL E 156 48.26 -1.13 -24.30
C VAL E 156 49.23 -0.50 -25.34
N LYS E 157 50.26 0.19 -24.86
CA LYS E 157 51.29 0.79 -25.69
C LYS E 157 51.96 -0.16 -26.68
N THR E 158 52.17 0.30 -27.92
CA THR E 158 53.07 -0.38 -28.85
C THR E 158 54.48 -0.43 -28.24
N ASP E 159 55.20 -1.52 -28.51
CA ASP E 159 56.61 -1.68 -28.12
C ASP E 159 57.39 -0.37 -28.28
N SER E 160 57.29 0.23 -29.46
CA SER E 160 57.75 1.59 -29.64
C SER E 160 56.65 2.55 -29.18
N ALA E 161 56.94 3.27 -28.11
CA ALA E 161 56.05 4.32 -27.61
C ALA E 161 55.74 5.32 -28.75
N THR E 162 54.77 6.21 -28.59
CA THR E 162 53.92 6.32 -27.42
C THR E 162 52.52 5.79 -27.69
N TYR E 163 51.59 6.20 -26.83
CA TYR E 163 50.19 5.85 -26.95
C TYR E 163 49.46 7.03 -27.58
N PRO E 164 49.13 6.94 -28.87
CA PRO E 164 48.48 8.06 -29.55
C PRO E 164 47.04 8.28 -29.11
N VAL E 165 46.41 9.34 -29.61
CA VAL E 165 44.98 9.47 -29.47
C VAL E 165 44.37 8.40 -30.38
N ILE E 166 43.50 7.57 -29.80
CA ILE E 166 42.76 6.56 -30.55
C ILE E 166 41.29 6.96 -30.57
N LYS E 167 40.59 6.54 -31.61
CA LYS E 167 39.20 6.94 -31.80
C LYS E 167 38.39 5.81 -32.42
N GLY E 168 37.12 5.74 -32.05
CA GLY E 168 36.24 4.75 -32.64
C GLY E 168 34.81 5.24 -32.57
N THR E 169 34.02 4.87 -33.57
CA THR E 169 32.60 5.18 -33.52
C THR E 169 31.78 3.98 -33.96
N TYR E 170 30.57 3.93 -33.44
CA TYR E 170 29.64 2.91 -33.84
C TYR E 170 28.26 3.56 -33.93
N ASN E 171 27.57 3.28 -35.03
CA ASN E 171 26.26 3.83 -35.27
C ASN E 171 25.23 2.73 -35.23
N ASN E 172 24.38 2.74 -34.21
CA ASN E 172 23.33 1.73 -34.11
C ASN E 172 22.23 1.91 -35.17
N THR E 173 22.31 1.12 -36.23
CA THR E 173 21.41 1.21 -37.38
C THR E 173 20.20 0.27 -37.24
N GLY E 174 20.26 -0.65 -36.29
CA GLY E 174 19.19 -1.62 -36.09
C GLY E 174 17.99 -1.05 -35.34
N THR E 175 17.10 -1.95 -34.92
CA THR E 175 15.91 -1.54 -34.21
C THR E 175 16.05 -1.85 -32.72
N GLN E 176 17.10 -2.57 -32.35
CA GLN E 176 17.28 -3.02 -30.97
C GLN E 176 18.30 -2.19 -30.17
N PRO E 177 17.99 -1.94 -28.88
CA PRO E 177 19.00 -1.27 -28.03
C PRO E 177 20.25 -2.12 -27.91
N ILE E 178 21.42 -1.50 -27.75
CA ILE E 178 22.67 -2.23 -27.56
C ILE E 178 23.27 -2.03 -26.16
N LEU E 179 23.46 -3.13 -25.44
CA LEU E 179 24.05 -3.10 -24.10
C LEU E 179 25.55 -3.34 -24.24
N TYR E 180 26.36 -2.39 -23.79
CA TYR E 180 27.79 -2.50 -23.99
C TYR E 180 28.59 -2.04 -22.78
N PHE E 181 29.86 -2.38 -22.78
CA PHE E 181 30.71 -2.22 -21.61
C PHE E 181 32.07 -1.61 -21.97
N TRP E 182 32.63 -0.84 -21.04
CA TRP E 182 34.02 -0.38 -21.17
C TRP E 182 34.55 -0.16 -19.77
N GLY E 183 35.80 0.27 -19.69
CA GLY E 183 36.48 0.43 -18.43
C GLY E 183 37.64 1.41 -18.53
N VAL E 184 38.19 1.75 -17.37
CA VAL E 184 39.31 2.66 -17.22
C VAL E 184 40.25 1.97 -16.25
N HIS E 185 41.50 1.80 -16.67
CA HIS E 185 42.51 1.14 -15.84
C HIS E 185 43.13 2.11 -14.85
N HIS E 186 43.35 1.67 -13.62
CA HIS E 186 43.96 2.51 -12.58
C HIS E 186 45.18 1.82 -12.00
N PRO E 187 46.38 2.05 -12.57
CA PRO E 187 47.59 1.39 -12.07
C PRO E 187 47.90 1.71 -10.60
N LEU E 188 48.56 0.78 -9.93
CA LEU E 188 48.97 1.01 -8.56
C LEU E 188 50.18 1.98 -8.51
N ASP E 189 50.96 2.05 -9.60
CA ASP E 189 52.20 2.86 -9.76
C ASP E 189 52.21 3.82 -10.91
N THR E 190 53.04 4.84 -10.82
CA THR E 190 53.42 5.60 -12.00
C THR E 190 54.31 4.77 -12.94
N THR E 191 55.00 3.77 -12.39
CA THR E 191 55.86 2.90 -13.19
C THR E 191 55.03 2.01 -14.14
N VAL E 192 53.95 1.43 -13.60
CA VAL E 192 53.05 0.65 -14.41
C VAL E 192 52.32 1.60 -15.36
N GLN E 193 51.91 2.77 -14.88
CA GLN E 193 51.29 3.77 -15.78
C GLN E 193 52.22 4.10 -16.95
N ASP E 194 53.48 4.39 -16.66
CA ASP E 194 54.41 4.75 -17.74
C ASP E 194 54.66 3.55 -18.65
N ASN E 195 54.91 2.40 -18.06
CA ASN E 195 55.14 1.19 -18.83
C ASN E 195 54.00 0.86 -19.82
N LEU E 196 52.75 0.88 -19.34
CA LEU E 196 51.59 0.48 -20.14
C LEU E 196 51.13 1.54 -21.14
N TYR E 197 51.09 2.77 -20.69
CA TYR E 197 50.56 3.89 -21.48
C TYR E 197 51.70 4.87 -21.61
N GLY E 198 51.50 6.02 -22.22
CA GLY E 198 52.66 6.90 -22.27
C GLY E 198 53.02 7.60 -20.95
N SER E 199 53.66 8.74 -21.08
CA SER E 199 53.69 9.69 -19.98
C SER E 199 52.70 10.74 -20.42
N GLY E 200 52.30 11.61 -19.50
CA GLY E 200 51.34 12.63 -19.84
C GLY E 200 49.98 12.37 -19.25
N ASP E 201 49.16 13.42 -19.25
CA ASP E 201 47.80 13.33 -18.75
C ASP E 201 46.91 12.48 -19.65
N LYS E 202 46.42 11.39 -19.08
CA LYS E 202 45.57 10.45 -19.81
C LYS E 202 44.10 10.61 -19.47
N TYR E 203 43.25 10.35 -20.47
CA TYR E 203 41.82 10.50 -20.35
C TYR E 203 41.09 9.41 -21.17
N VAL E 204 39.83 9.16 -20.81
CA VAL E 204 38.96 8.31 -21.60
C VAL E 204 37.65 9.04 -21.71
N ARG E 205 37.32 9.46 -22.93
CA ARG E 205 36.10 10.23 -23.13
C ARG E 205 35.15 9.54 -24.12
N MET E 206 33.87 9.44 -23.74
CA MET E 206 32.87 8.83 -24.59
C MET E 206 31.61 9.66 -24.65
N GLY E 207 30.86 9.52 -25.74
CA GLY E 207 29.70 10.35 -25.96
C GLY E 207 28.75 9.82 -27.02
N THR E 208 27.46 10.04 -26.78
CA THR E 208 26.42 9.72 -27.72
C THR E 208 25.58 10.98 -27.88
N GLU E 209 24.43 10.87 -28.53
CA GLU E 209 23.53 12.01 -28.65
C GLU E 209 22.91 12.42 -27.30
N SER E 210 22.94 11.51 -26.33
CA SER E 210 22.28 11.77 -25.05
C SER E 210 23.12 11.42 -23.81
N MET E 211 24.37 10.98 -24.02
CA MET E 211 25.22 10.55 -22.90
C MET E 211 26.62 11.15 -23.03
N ASN E 212 27.18 11.63 -21.91
CA ASN E 212 28.54 12.14 -21.81
C ASN E 212 29.36 11.37 -20.77
N PHE E 213 30.58 10.96 -21.11
CA PHE E 213 31.47 10.31 -20.17
C PHE E 213 32.90 10.83 -20.29
N ALA E 214 33.52 11.14 -19.14
CA ALA E 214 34.94 11.53 -19.09
C ALA E 214 35.56 11.05 -17.79
N LYS E 215 36.73 10.43 -17.89
CA LYS E 215 37.40 9.91 -16.70
C LYS E 215 38.90 9.87 -16.93
N SER E 216 39.66 10.10 -15.86
CA SER E 216 41.11 10.03 -15.88
C SER E 216 41.63 9.05 -14.84
N PRO E 217 42.78 8.44 -15.12
CA PRO E 217 43.36 7.48 -14.17
C PRO E 217 43.65 8.08 -12.78
N GLU E 218 43.59 7.21 -11.79
CA GLU E 218 43.67 7.56 -10.38
C GLU E 218 44.65 6.59 -9.76
N ILE E 219 45.92 6.95 -9.82
CA ILE E 219 46.96 5.99 -9.50
C ILE E 219 47.19 5.91 -8.00
N ALA E 220 47.18 4.69 -7.48
CA ALA E 220 47.32 4.42 -6.06
C ALA E 220 47.34 2.91 -5.87
N ALA E 221 48.00 2.44 -4.82
CA ALA E 221 47.95 1.03 -4.48
C ALA E 221 46.74 0.75 -3.61
N ARG E 222 45.90 -0.18 -4.04
CA ARG E 222 44.76 -0.62 -3.25
C ARG E 222 45.11 -1.98 -2.67
N PRO E 223 44.35 -2.46 -1.66
CA PRO E 223 44.69 -3.78 -1.12
C PRO E 223 44.68 -4.87 -2.21
N ALA E 224 45.54 -5.86 -2.08
CA ALA E 224 45.72 -6.83 -3.16
C ALA E 224 44.51 -7.75 -3.29
N VAL E 225 43.98 -7.87 -4.50
CA VAL E 225 42.86 -8.81 -4.75
C VAL E 225 43.11 -9.56 -6.05
N ASN E 226 43.15 -10.89 -5.96
CA ASN E 226 43.57 -11.71 -7.09
C ASN E 226 44.96 -11.24 -7.57
N GLY E 227 45.83 -10.94 -6.59
CA GLY E 227 47.18 -10.46 -6.84
C GLY E 227 47.34 -9.04 -7.37
N GLN E 228 46.23 -8.34 -7.52
CA GLN E 228 46.24 -7.01 -8.13
C GLN E 228 45.98 -5.91 -7.11
N ARG E 229 46.85 -4.90 -7.12
CA ARG E 229 46.71 -3.71 -6.31
C ARG E 229 46.26 -2.55 -7.22
N SER E 230 46.28 -2.80 -8.51
CA SER E 230 45.64 -1.92 -9.45
C SER E 230 44.13 -2.22 -9.47
N ARG E 231 43.36 -1.36 -10.12
CA ARG E 231 41.92 -1.53 -10.23
C ARG E 231 41.49 -1.12 -11.63
N ILE E 232 40.36 -1.67 -12.07
CA ILE E 232 39.66 -1.17 -13.24
C ILE E 232 38.29 -0.67 -12.80
N ASP E 233 37.93 0.55 -13.18
CA ASP E 233 36.54 0.99 -13.04
C ASP E 233 35.77 0.52 -14.28
N TYR E 234 34.77 -0.33 -14.08
CA TYR E 234 33.94 -0.81 -15.19
C TYR E 234 32.63 -0.02 -15.34
N TYR E 235 32.23 0.18 -16.60
CA TYR E 235 31.01 0.91 -16.90
C TYR E 235 30.15 0.19 -17.92
N TRP E 236 28.84 0.44 -17.86
CA TRP E 236 27.93 -0.09 -18.87
C TRP E 236 27.08 1.04 -19.39
N SER E 237 26.49 0.84 -20.55
CA SER E 237 25.51 1.77 -21.04
C SER E 237 24.60 1.09 -22.05
N VAL E 238 23.61 1.84 -22.53
CA VAL E 238 22.71 1.35 -23.55
C VAL E 238 22.62 2.35 -24.69
N LEU E 239 23.12 1.92 -25.85
CA LEU E 239 23.07 2.71 -27.07
C LEU E 239 21.71 2.49 -27.77
N ARG E 240 20.84 3.50 -27.73
CA ARG E 240 19.49 3.39 -28.28
C ARG E 240 19.52 3.21 -29.77
N PRO E 241 18.44 2.61 -30.34
CA PRO E 241 18.37 2.54 -31.80
C PRO E 241 18.46 3.94 -32.41
N GLY E 242 19.28 4.12 -33.43
CA GLY E 242 19.47 5.43 -34.02
C GLY E 242 20.60 6.25 -33.40
N GLU E 243 21.17 5.80 -32.27
CA GLU E 243 22.21 6.59 -31.60
C GLU E 243 23.63 6.17 -32.01
N THR E 244 24.52 7.15 -32.10
CA THR E 244 25.93 6.89 -32.39
C THR E 244 26.80 7.02 -31.14
N LEU E 245 27.76 6.11 -30.98
CA LEU E 245 28.74 6.17 -29.90
C LEU E 245 30.11 6.65 -30.41
N ASN E 246 30.69 7.69 -29.80
CA ASN E 246 32.08 8.06 -30.10
C ASN E 246 33.00 7.80 -28.93
N VAL E 247 34.10 7.11 -29.19
CA VAL E 247 35.11 6.80 -28.19
C VAL E 247 36.40 7.55 -28.49
N GLU E 248 37.01 8.12 -27.45
CA GLU E 248 38.31 8.75 -27.61
C GLU E 248 39.16 8.63 -26.36
N SER E 249 40.43 8.26 -26.53
CA SER E 249 41.36 8.08 -25.43
C SER E 249 42.82 8.19 -25.86
N ASN E 250 43.67 8.67 -24.95
CA ASN E 250 45.12 8.57 -25.16
C ASN E 250 45.79 7.67 -24.12
N GLY E 251 44.99 6.79 -23.50
CA GLY E 251 45.50 5.80 -22.57
C GLY E 251 44.50 5.33 -21.52
N ASN E 252 44.83 4.23 -20.85
CA ASN E 252 44.03 3.66 -19.75
C ASN E 252 42.63 3.16 -20.14
N LEU E 253 42.32 3.19 -21.43
CA LEU E 253 41.05 2.70 -21.96
C LEU E 253 41.01 1.17 -22.02
N ILE E 254 39.99 0.61 -21.37
CA ILE E 254 39.62 -0.78 -21.56
C ILE E 254 38.44 -0.76 -22.49
N ALA E 255 38.69 -1.13 -23.75
CA ALA E 255 37.79 -0.82 -24.85
C ALA E 255 36.61 -1.78 -24.99
N PRO E 256 35.43 -1.24 -25.36
CA PRO E 256 34.35 -2.14 -25.77
C PRO E 256 34.81 -2.98 -26.95
N TRP E 257 34.51 -4.28 -26.92
CA TRP E 257 34.86 -5.16 -28.02
C TRP E 257 33.59 -5.83 -28.56
N TYR E 258 33.04 -6.75 -27.77
CA TYR E 258 31.72 -7.30 -28.07
C TYR E 258 30.69 -6.63 -27.19
N ALA E 259 29.47 -6.55 -27.73
CA ALA E 259 28.31 -6.02 -27.03
C ALA E 259 27.07 -6.82 -27.39
N TYR E 260 25.92 -6.40 -26.86
CA TYR E 260 24.70 -7.16 -27.05
C TYR E 260 23.56 -6.36 -27.62
N LYS E 261 22.96 -6.91 -28.67
CA LYS E 261 21.62 -6.51 -29.07
C LYS E 261 20.71 -7.08 -28.00
N PHE E 262 19.91 -6.20 -27.41
CA PHE E 262 19.11 -6.56 -26.25
C PHE E 262 17.61 -6.42 -26.53
N VAL E 263 16.84 -7.50 -26.39
CA VAL E 263 15.39 -7.37 -26.56
C VAL E 263 14.66 -7.51 -25.24
N SER E 264 13.81 -6.53 -24.96
CA SER E 264 12.92 -6.57 -23.81
C SER E 264 11.69 -7.41 -24.10
N LYS E 267 6.75 -7.68 -20.29
CA LYS E 267 6.28 -8.68 -19.33
C LYS E 267 7.01 -8.53 -18.01
N LYS E 268 6.90 -9.57 -17.17
CA LYS E 268 7.61 -9.63 -15.89
C LYS E 268 8.91 -10.40 -16.07
N GLY E 269 10.01 -9.82 -15.61
CA GLY E 269 11.28 -10.52 -15.67
C GLY E 269 11.76 -10.95 -14.30
N ALA E 270 12.55 -12.01 -14.25
CA ALA E 270 12.96 -12.56 -12.97
C ALA E 270 14.41 -13.05 -12.94
N VAL E 271 15.14 -12.62 -11.91
CA VAL E 271 16.41 -13.21 -11.57
C VAL E 271 16.24 -13.94 -10.25
N PHE E 272 16.20 -15.27 -10.32
CA PHE E 272 16.07 -16.11 -9.14
C PHE E 272 17.45 -16.51 -8.66
N LYS E 273 17.77 -16.12 -7.43
CA LYS E 273 19.01 -16.54 -6.81
C LYS E 273 18.72 -17.76 -5.96
N SER E 274 19.06 -18.93 -6.48
CA SER E 274 18.67 -20.18 -5.87
C SER E 274 19.63 -21.28 -6.28
N ASP E 275 19.58 -22.40 -5.57
CA ASP E 275 20.39 -23.55 -5.90
C ASP E 275 19.54 -24.74 -6.36
N LEU E 276 18.25 -24.52 -6.56
CA LEU E 276 17.32 -25.58 -6.98
C LEU E 276 17.65 -26.10 -8.37
N PRO E 277 17.36 -27.40 -8.64
CA PRO E 277 17.71 -27.95 -9.96
C PRO E 277 16.80 -27.45 -11.06
N ILE E 278 17.31 -27.28 -12.28
CA ILE E 278 16.49 -26.96 -13.45
C ILE E 278 16.18 -28.24 -14.19
N GLU E 279 14.93 -28.69 -14.19
CA GLU E 279 14.64 -29.98 -14.80
C GLU E 279 13.80 -29.84 -16.07
N ASN E 280 13.58 -30.96 -16.75
CA ASN E 280 12.95 -30.97 -18.07
C ASN E 280 11.42 -31.00 -17.99
N CYS E 281 10.87 -30.01 -17.31
CA CYS E 281 9.45 -29.93 -17.03
C CYS E 281 8.88 -28.63 -17.59
N ASP E 282 7.55 -28.55 -17.62
CA ASP E 282 6.88 -27.34 -18.05
C ASP E 282 5.98 -26.87 -16.92
N ALA E 283 5.68 -25.58 -16.90
CA ALA E 283 4.88 -24.99 -15.83
C ALA E 283 4.30 -23.66 -16.25
N THR E 284 3.33 -23.20 -15.47
CA THR E 284 2.68 -21.92 -15.69
C THR E 284 3.11 -20.93 -14.62
N CYS E 285 3.42 -21.45 -13.43
CA CYS E 285 3.77 -20.61 -12.30
C CYS E 285 5.02 -21.09 -11.61
N GLN E 286 6.07 -20.26 -11.69
CA GLN E 286 7.35 -20.57 -11.09
C GLN E 286 7.69 -19.58 -9.99
N THR E 287 7.86 -20.06 -8.77
CA THR E 287 8.36 -19.19 -7.70
C THR E 287 9.84 -19.44 -7.44
N ILE E 288 10.46 -18.57 -6.63
CA ILE E 288 11.91 -18.68 -6.37
C ILE E 288 12.22 -19.97 -5.59
N THR E 289 11.24 -20.50 -4.86
CA THR E 289 11.43 -21.76 -4.14
C THR E 289 10.70 -22.93 -4.83
N GLY E 290 10.13 -22.70 -6.01
CA GLY E 290 9.57 -23.80 -6.75
C GLY E 290 8.31 -23.58 -7.56
N VAL E 291 7.92 -24.62 -8.28
CA VAL E 291 6.73 -24.58 -9.13
C VAL E 291 5.46 -24.73 -8.31
N LEU E 292 4.47 -23.90 -8.62
CA LEU E 292 3.11 -24.14 -8.16
C LEU E 292 2.35 -24.64 -9.37
N ARG E 293 1.67 -25.77 -9.20
CA ARG E 293 0.81 -26.30 -10.24
C ARG E 293 -0.54 -26.53 -9.58
N THR E 294 -1.40 -25.51 -9.64
CA THR E 294 -2.54 -25.41 -8.74
C THR E 294 -3.67 -24.60 -9.36
N ASN E 295 -4.88 -24.84 -8.90
CA ASN E 295 -5.99 -23.96 -9.24
C ASN E 295 -6.40 -23.03 -8.09
N LYS E 296 -5.76 -23.14 -6.94
CA LYS E 296 -6.11 -22.31 -5.81
C LYS E 296 -5.82 -20.80 -6.03
N THR E 297 -6.56 -19.98 -5.29
CA THR E 297 -6.56 -18.52 -5.36
C THR E 297 -5.42 -17.88 -4.56
N PHE E 298 -5.05 -18.53 -3.46
CA PHE E 298 -3.98 -18.05 -2.60
C PHE E 298 -2.82 -19.06 -2.51
N GLN E 299 -1.63 -18.56 -2.18
CA GLN E 299 -0.50 -19.43 -1.94
C GLN E 299 0.41 -18.96 -0.79
N ASN E 300 0.98 -19.86 -0.04
CA ASN E 300 1.84 -19.38 1.04
C ASN E 300 3.32 -19.66 0.80
N VAL E 301 3.65 -19.92 -0.44
CA VAL E 301 4.99 -20.38 -0.80
C VAL E 301 6.01 -19.24 -0.92
N SER E 302 5.70 -18.26 -1.77
CA SER E 302 6.62 -17.15 -2.00
C SER E 302 5.96 -15.96 -2.71
N PRO E 303 6.36 -14.73 -2.32
CA PRO E 303 6.05 -13.44 -2.97
C PRO E 303 6.82 -13.19 -4.27
N LEU E 304 7.85 -13.99 -4.55
CA LEU E 304 8.65 -13.80 -5.75
C LEU E 304 8.40 -14.88 -6.78
N TRP E 305 7.84 -14.49 -7.92
CA TRP E 305 7.52 -15.49 -8.94
C TRP E 305 7.44 -14.88 -10.32
N ILE E 306 7.45 -15.76 -11.30
CA ILE E 306 7.20 -15.43 -12.69
C ILE E 306 6.04 -16.33 -13.17
N GLY E 307 5.27 -15.87 -14.14
CA GLY E 307 4.10 -16.59 -14.63
C GLY E 307 2.80 -16.17 -13.96
N GLU E 308 1.77 -17.02 -14.04
CA GLU E 308 0.48 -16.71 -13.45
C GLU E 308 0.29 -17.49 -12.17
N CYS E 309 0.51 -16.82 -11.06
CA CYS E 309 0.53 -17.47 -9.77
C CYS E 309 -0.64 -17.00 -8.91
N PRO E 310 -1.01 -17.78 -7.89
CA PRO E 310 -1.99 -17.26 -6.94
C PRO E 310 -1.36 -16.14 -6.08
N LYS E 311 -2.21 -15.33 -5.44
CA LYS E 311 -1.80 -14.24 -4.55
C LYS E 311 -1.11 -14.77 -3.30
N TYR E 312 0.04 -14.20 -2.97
CA TYR E 312 0.78 -14.60 -1.78
C TYR E 312 0.22 -13.94 -0.51
N VAL E 313 0.04 -14.73 0.54
CA VAL E 313 -0.42 -14.26 1.84
C VAL E 313 0.35 -15.08 2.89
N LYS E 314 0.39 -14.60 4.12
CA LYS E 314 1.11 -15.29 5.20
C LYS E 314 0.27 -16.40 5.83
N SER E 315 -1.00 -16.51 5.42
CA SER E 315 -1.91 -17.50 6.01
C SER E 315 -1.44 -18.96 5.88
N GLU E 316 -1.81 -19.79 6.84
CA GLU E 316 -1.54 -21.21 6.74
C GLU E 316 -2.70 -21.96 6.05
N SER E 317 -3.92 -21.41 6.10
CA SER E 317 -5.08 -22.02 5.42
C SER E 317 -6.26 -21.05 5.27
N LEU E 318 -6.95 -21.12 4.13
CA LEU E 318 -8.11 -20.24 3.87
C LEU E 318 -9.33 -21.03 3.39
N ARG E 319 -9.96 -21.75 4.32
CA ARG E 319 -11.04 -22.65 3.96
C ARG E 319 -12.42 -22.00 4.14
N LEU E 320 -13.10 -21.82 3.01
CA LEU E 320 -14.47 -21.31 2.98
C LEU E 320 -15.42 -22.45 3.24
N ALA E 321 -16.28 -22.30 4.24
CA ALA E 321 -17.45 -23.16 4.34
C ALA E 321 -18.28 -23.03 3.08
N THR E 322 -18.71 -24.14 2.49
CA THR E 322 -19.74 -24.07 1.47
C THR E 322 -21.00 -24.75 1.98
N GLY E 323 -20.78 -25.86 2.68
CA GLY E 323 -21.81 -26.65 3.32
C GLY E 323 -22.27 -26.07 4.64
N LEU E 324 -23.32 -26.66 5.19
CA LEU E 324 -23.80 -26.31 6.52
C LEU E 324 -23.01 -26.97 7.65
N ARG E 325 -23.27 -26.55 8.87
CA ARG E 325 -22.62 -27.13 10.03
C ARG E 325 -22.96 -28.62 10.18
N ASN E 326 -21.95 -29.44 10.40
CA ASN E 326 -22.12 -30.90 10.45
C ASN E 326 -22.56 -31.37 11.83
N VAL E 327 -23.79 -31.85 11.97
CA VAL E 327 -24.25 -32.38 13.26
C VAL E 327 -24.86 -33.78 13.10
N PRO E 328 -24.02 -34.79 12.87
CA PRO E 328 -24.50 -36.17 12.70
C PRO E 328 -24.96 -36.81 14.02
N GLN E 329 -25.72 -37.90 13.92
CA GLN E 329 -26.24 -38.59 15.09
C GLN E 329 -25.68 -40.02 15.20
N GLY F 1 -28.34 -21.42 16.37
CA GLY F 1 -27.69 -20.72 15.29
C GLY F 1 -28.54 -19.50 15.23
N ILE F 2 -28.29 -18.56 14.31
CA ILE F 2 -29.01 -17.26 14.32
C ILE F 2 -30.51 -17.33 13.89
N PHE F 3 -30.85 -18.22 12.95
CA PHE F 3 -32.26 -18.47 12.66
C PHE F 3 -32.82 -19.59 13.52
N GLY F 4 -32.00 -20.16 14.39
CA GLY F 4 -32.48 -21.02 15.46
C GLY F 4 -32.87 -22.45 15.10
N ALA F 5 -32.82 -22.79 13.82
CA ALA F 5 -33.21 -24.12 13.38
C ALA F 5 -32.06 -25.10 13.52
N ILE F 6 -30.98 -24.84 12.78
CA ILE F 6 -29.82 -25.73 12.75
C ILE F 6 -29.10 -25.73 14.08
N ALA F 7 -28.83 -26.92 14.62
CA ALA F 7 -28.29 -27.06 15.98
C ALA F 7 -29.12 -26.27 16.99
N GLY F 8 -30.41 -26.19 16.72
CA GLY F 8 -31.33 -25.35 17.46
C GLY F 8 -32.58 -26.14 17.78
N PHE F 9 -33.74 -25.68 17.32
CA PHE F 9 -34.93 -26.47 17.65
C PHE F 9 -34.92 -27.78 16.82
N ILE F 10 -34.12 -27.86 15.75
CA ILE F 10 -33.86 -29.12 15.06
C ILE F 10 -32.46 -29.55 15.47
N GLU F 11 -32.41 -30.40 16.49
CA GLU F 11 -31.18 -30.62 17.25
C GLU F 11 -30.04 -31.23 16.46
N GLY F 12 -30.37 -32.08 15.50
CA GLY F 12 -29.33 -32.78 14.78
C GLY F 12 -29.55 -32.76 13.29
N GLY F 13 -28.53 -33.17 12.54
CA GLY F 13 -28.66 -33.34 11.10
C GLY F 13 -29.01 -34.78 10.77
N TRP F 14 -29.27 -35.03 9.49
CA TRP F 14 -29.59 -36.37 9.02
C TRP F 14 -28.50 -36.98 8.14
N THR F 15 -27.74 -37.91 8.69
CA THR F 15 -26.80 -38.69 7.87
C THR F 15 -27.50 -39.43 6.76
N GLY F 16 -28.81 -39.67 6.95
CA GLY F 16 -29.63 -40.43 6.02
C GLY F 16 -29.96 -39.69 4.75
N MET F 17 -30.09 -38.36 4.83
CA MET F 17 -30.47 -37.58 3.66
C MET F 17 -29.23 -37.20 2.83
N ILE F 18 -28.88 -38.03 1.86
CA ILE F 18 -27.62 -37.94 1.13
C ILE F 18 -27.65 -36.97 -0.05
N ASP F 19 -28.82 -36.78 -0.63
CA ASP F 19 -28.90 -36.14 -1.95
C ASP F 19 -29.24 -34.65 -1.91
N GLY F 20 -29.17 -34.03 -0.74
CA GLY F 20 -29.45 -32.61 -0.65
C GLY F 20 -28.96 -32.01 0.65
N TRP F 21 -28.92 -30.67 0.69
CA TRP F 21 -28.65 -29.94 1.93
C TRP F 21 -29.78 -29.90 2.97
N TYR F 22 -31.00 -29.66 2.49
CA TYR F 22 -32.20 -29.52 3.34
C TYR F 22 -33.28 -30.43 2.78
N GLY F 23 -34.22 -30.83 3.62
CA GLY F 23 -35.20 -31.81 3.17
C GLY F 23 -36.15 -32.35 4.20
N TYR F 24 -36.77 -33.48 3.86
CA TYR F 24 -37.86 -34.04 4.67
C TYR F 24 -37.65 -35.49 5.15
N HIS F 25 -38.04 -35.75 6.39
CA HIS F 25 -38.14 -37.10 6.91
C HIS F 25 -39.63 -37.43 7.20
N HIS F 26 -40.10 -38.58 6.74
CA HIS F 26 -41.49 -38.95 6.98
C HIS F 26 -41.56 -40.32 7.57
N GLU F 27 -42.51 -40.55 8.49
CA GLU F 27 -42.87 -41.90 8.88
C GLU F 27 -44.34 -42.20 8.55
N ASN F 28 -44.63 -43.36 8.01
CA ASN F 28 -46.02 -43.76 7.83
C ASN F 28 -46.17 -45.27 7.67
N SER F 29 -47.41 -45.74 7.67
CA SER F 29 -47.74 -47.16 7.62
C SER F 29 -46.90 -47.88 6.56
N GLN F 30 -46.59 -47.19 5.46
CA GLN F 30 -45.82 -47.77 4.36
C GLN F 30 -44.29 -47.76 4.57
N GLY F 31 -43.84 -46.98 5.54
CA GLY F 31 -42.42 -46.90 5.83
C GLY F 31 -41.97 -45.54 6.33
N SER F 32 -40.67 -45.28 6.21
CA SER F 32 -40.09 -44.01 6.62
C SER F 32 -38.89 -43.72 5.75
N GLY F 33 -38.58 -42.45 5.57
CA GLY F 33 -37.41 -42.13 4.74
C GLY F 33 -37.03 -40.67 4.67
N TYR F 34 -36.16 -40.36 3.70
CA TYR F 34 -35.59 -39.03 3.54
C TYR F 34 -35.73 -38.58 2.11
N ALA F 35 -35.97 -37.29 1.93
CA ALA F 35 -36.02 -36.70 0.60
C ALA F 35 -35.54 -35.24 0.66
N ALA F 36 -34.57 -34.90 -0.19
CA ALA F 36 -34.08 -33.54 -0.26
C ALA F 36 -35.13 -32.65 -0.89
N ASP F 37 -35.18 -31.40 -0.47
CA ASP F 37 -35.93 -30.40 -1.22
C ASP F 37 -34.98 -29.89 -2.31
N ARG F 38 -35.24 -30.33 -3.54
CA ARG F 38 -34.44 -30.03 -4.71
C ARG F 38 -34.33 -28.51 -4.95
N GLU F 39 -35.48 -27.82 -4.90
CA GLU F 39 -35.50 -26.39 -5.24
C GLU F 39 -34.69 -25.54 -4.28
N SER F 40 -34.89 -25.67 -2.98
CA SER F 40 -34.12 -24.83 -2.06
C SER F 40 -32.64 -25.27 -2.01
N THR F 41 -32.37 -26.55 -2.25
CA THR F 41 -30.99 -27.03 -2.24
C THR F 41 -30.22 -26.47 -3.42
N GLN F 42 -30.83 -26.50 -4.60
CA GLN F 42 -30.18 -25.98 -5.79
C GLN F 42 -29.99 -24.47 -5.71
N LYS F 43 -31.00 -23.78 -5.16
CA LYS F 43 -30.93 -22.35 -5.01
C LYS F 43 -29.81 -21.96 -4.05
N ALA F 44 -29.58 -22.78 -3.01
CA ALA F 44 -28.45 -22.57 -2.09
C ALA F 44 -27.08 -22.81 -2.77
N ILE F 45 -26.96 -23.94 -3.45
CA ILE F 45 -25.77 -24.26 -4.27
C ILE F 45 -25.44 -23.15 -5.25
N ASP F 46 -26.47 -22.61 -5.89
CA ASP F 46 -26.30 -21.51 -6.82
C ASP F 46 -25.75 -20.26 -6.14
N GLY F 47 -26.33 -19.95 -4.98
CA GLY F 47 -25.89 -18.83 -4.17
C GLY F 47 -24.47 -19.01 -3.65
N ILE F 48 -24.21 -20.13 -2.99
CA ILE F 48 -22.87 -20.41 -2.45
C ILE F 48 -21.80 -20.44 -3.57
N THR F 49 -22.13 -21.10 -4.68
CA THR F 49 -21.24 -21.14 -5.85
C THR F 49 -20.93 -19.73 -6.33
N ASN F 50 -21.95 -18.88 -6.41
CA ASN F 50 -21.69 -17.52 -6.83
C ASN F 50 -20.79 -16.73 -5.86
N LYS F 51 -20.95 -16.99 -4.55
CA LYS F 51 -20.18 -16.28 -3.54
C LYS F 51 -18.71 -16.68 -3.64
N VAL F 52 -18.45 -17.98 -3.71
CA VAL F 52 -17.09 -18.49 -3.88
C VAL F 52 -16.45 -17.90 -5.16
N ASN F 53 -17.21 -17.84 -6.25
CA ASN F 53 -16.64 -17.31 -7.49
C ASN F 53 -16.46 -15.79 -7.50
N SER F 54 -17.30 -15.09 -6.73
CA SER F 54 -17.13 -13.65 -6.55
C SER F 54 -15.85 -13.41 -5.75
N ILE F 55 -15.63 -14.21 -4.72
CA ILE F 55 -14.48 -14.03 -3.85
C ILE F 55 -13.18 -14.33 -4.61
N ILE F 56 -13.16 -15.42 -5.35
CA ILE F 56 -12.02 -15.78 -6.15
C ILE F 56 -11.74 -14.68 -7.19
N ASN F 57 -12.79 -14.21 -7.87
CA ASN F 57 -12.67 -13.15 -8.87
C ASN F 57 -12.13 -11.84 -8.30
N LYS F 58 -12.62 -11.43 -7.14
CA LYS F 58 -12.17 -10.17 -6.55
C LYS F 58 -10.73 -10.26 -6.01
N MET F 59 -10.29 -11.47 -5.67
CA MET F 59 -8.93 -11.75 -5.17
C MET F 59 -7.94 -12.06 -6.30
N ASN F 60 -8.36 -11.72 -7.52
CA ASN F 60 -7.66 -12.13 -8.72
C ASN F 60 -6.52 -11.23 -9.20
N THR F 61 -6.07 -10.33 -8.34
CA THR F 61 -4.95 -9.47 -8.64
C THR F 61 -3.86 -9.87 -7.66
N GLN F 62 -2.61 -9.68 -8.06
CA GLN F 62 -1.48 -9.99 -7.20
C GLN F 62 -0.61 -8.75 -7.04
N PHE F 63 -0.17 -8.50 -5.81
CA PHE F 63 0.90 -7.55 -5.62
C PHE F 63 2.21 -8.22 -6.05
N GLU F 64 3.05 -7.53 -6.80
CA GLU F 64 4.26 -8.16 -7.25
C GLU F 64 5.49 -7.72 -6.48
N ALA F 65 6.07 -8.65 -5.76
CA ALA F 65 7.35 -8.43 -5.12
C ALA F 65 8.46 -8.57 -6.14
N VAL F 66 9.54 -7.83 -5.95
CA VAL F 66 10.69 -7.89 -6.81
C VAL F 66 11.89 -8.10 -5.92
N ASP F 67 12.95 -8.63 -6.48
CA ASP F 67 14.15 -8.82 -5.69
C ASP F 67 15.21 -8.09 -6.46
N HIS F 68 15.01 -6.78 -6.53
CA HIS F 68 16.00 -5.86 -7.01
C HIS F 68 17.04 -5.77 -5.92
N GLU F 69 18.26 -5.50 -6.31
CA GLU F 69 19.36 -5.35 -5.35
C GLU F 69 19.56 -3.89 -4.98
N PHE F 70 20.06 -3.64 -3.79
CA PHE F 70 20.35 -2.26 -3.38
C PHE F 70 21.73 -2.17 -2.82
N SER F 71 22.42 -1.09 -3.16
CA SER F 71 23.81 -0.93 -2.75
C SER F 71 23.95 -0.48 -1.29
N ASN F 72 25.19 -0.27 -0.88
CA ASN F 72 25.44 0.13 0.51
C ASN F 72 25.24 1.63 0.72
N LEU F 73 24.88 2.35 -0.33
CA LEU F 73 24.40 3.73 -0.18
C LEU F 73 22.89 3.82 -0.47
N GLU F 74 22.19 2.69 -0.39
CA GLU F 74 20.77 2.67 -0.72
C GLU F 74 19.95 1.97 0.36
N ARG F 75 20.40 2.12 1.60
CA ARG F 75 19.73 1.54 2.74
C ARG F 75 18.30 2.07 2.90
N ARG F 76 18.10 3.37 2.65
CA ARG F 76 16.78 4.00 2.79
C ARG F 76 15.74 3.47 1.78
N ILE F 77 16.07 3.45 0.49
CA ILE F 77 15.07 3.00 -0.48
C ILE F 77 15.00 1.47 -0.48
N GLY F 78 16.09 0.81 -0.09
CA GLY F 78 16.06 -0.63 0.11
C GLY F 78 15.06 -0.92 1.22
N ASN F 79 15.18 -0.17 2.31
CA ASN F 79 14.26 -0.33 3.44
C ASN F 79 12.82 0.09 3.02
N LEU F 80 12.72 1.10 2.16
CA LEU F 80 11.43 1.60 1.67
C LEU F 80 10.69 0.48 0.90
N ASN F 81 11.41 -0.17 0.00
CA ASN F 81 10.89 -1.29 -0.76
C ASN F 81 10.36 -2.41 0.13
N LYS F 82 11.16 -2.78 1.14
CA LYS F 82 10.84 -3.84 2.08
C LYS F 82 9.55 -3.51 2.85
N ARG F 83 9.48 -2.31 3.42
CA ARG F 83 8.31 -1.91 4.18
C ARG F 83 7.08 -1.84 3.28
N MET F 84 7.29 -1.39 2.05
CA MET F 84 6.25 -1.30 1.06
C MET F 84 5.69 -2.70 0.77
N GLU F 85 6.55 -3.64 0.42
CA GLU F 85 6.11 -5.00 0.12
C GLU F 85 5.52 -5.74 1.33
N ASP F 86 6.10 -5.55 2.51
CA ASP F 86 5.55 -6.17 3.71
C ASP F 86 4.23 -5.51 4.07
N GLY F 87 4.06 -4.26 3.64
CA GLY F 87 2.86 -3.51 3.94
C GLY F 87 1.69 -4.05 3.12
N PHE F 88 1.93 -4.32 1.84
CA PHE F 88 0.85 -4.89 1.01
C PHE F 88 0.62 -6.34 1.38
N LEU F 89 1.70 -7.06 1.68
CA LEU F 89 1.54 -8.43 2.18
C LEU F 89 0.61 -8.49 3.41
N ASP F 90 0.80 -7.58 4.35
CA ASP F 90 -0.04 -7.55 5.55
C ASP F 90 -1.53 -7.19 5.30
N VAL F 91 -1.79 -6.32 4.34
CA VAL F 91 -3.14 -5.89 4.02
C VAL F 91 -3.94 -7.01 3.35
N TRP F 92 -3.32 -7.68 2.38
CA TRP F 92 -3.99 -8.78 1.67
C TRP F 92 -4.14 -9.99 2.56
N THR F 93 -3.21 -10.20 3.49
CA THR F 93 -3.32 -11.29 4.44
C THR F 93 -4.50 -11.00 5.39
N TYR F 94 -4.60 -9.74 5.78
CA TYR F 94 -5.71 -9.30 6.58
C TYR F 94 -7.01 -9.44 5.77
N ASN F 95 -7.03 -8.90 4.55
CA ASN F 95 -8.26 -8.96 3.75
C ASN F 95 -8.76 -10.39 3.57
N ALA F 96 -7.87 -11.31 3.21
CA ALA F 96 -8.29 -12.70 2.99
C ALA F 96 -8.73 -13.39 4.29
N GLU F 97 -8.01 -13.20 5.38
CA GLU F 97 -8.36 -13.95 6.59
C GLU F 97 -9.68 -13.46 7.22
N LEU F 98 -9.93 -12.16 7.14
CA LEU F 98 -11.14 -11.62 7.76
C LEU F 98 -12.36 -11.94 6.92
N LEU F 99 -12.18 -11.90 5.60
CA LEU F 99 -13.25 -12.22 4.68
C LEU F 99 -13.71 -13.66 4.89
N VAL F 100 -12.75 -14.56 5.04
CA VAL F 100 -13.04 -15.98 5.27
C VAL F 100 -13.81 -16.17 6.60
N LEU F 101 -13.39 -15.51 7.68
CA LEU F 101 -14.07 -15.63 8.96
C LEU F 101 -15.52 -15.12 8.89
N LEU F 102 -15.70 -14.00 8.20
CA LEU F 102 -16.98 -13.31 8.10
C LEU F 102 -17.94 -14.10 7.24
N GLU F 103 -17.44 -14.46 6.07
CA GLU F 103 -18.23 -15.17 5.10
C GLU F 103 -18.61 -16.54 5.60
N ASN F 104 -17.72 -17.17 6.36
CA ASN F 104 -18.07 -18.46 6.97
C ASN F 104 -19.23 -18.31 7.94
N GLU F 105 -19.20 -17.26 8.75
CA GLU F 105 -20.31 -17.00 9.67
C GLU F 105 -21.61 -16.76 8.92
N ARG F 106 -21.54 -16.04 7.81
CA ARG F 106 -22.75 -15.72 7.10
C ARG F 106 -23.30 -16.92 6.31
N THR F 107 -22.42 -17.78 5.80
CA THR F 107 -22.88 -18.94 5.03
C THR F 107 -23.56 -19.94 5.96
N LEU F 108 -23.08 -20.07 7.21
CA LEU F 108 -23.76 -20.93 8.16
C LEU F 108 -25.17 -20.37 8.46
N ASP F 109 -25.30 -19.04 8.56
CA ASP F 109 -26.61 -18.44 8.82
C ASP F 109 -27.56 -18.60 7.63
N LEU F 110 -27.01 -18.59 6.42
CA LEU F 110 -27.82 -18.74 5.24
C LEU F 110 -28.47 -20.12 5.25
N HIS F 111 -27.65 -21.16 5.44
CA HIS F 111 -28.16 -22.51 5.61
C HIS F 111 -29.21 -22.60 6.71
N ASP F 112 -28.94 -21.99 7.86
CA ASP F 112 -29.90 -21.97 8.94
C ASP F 112 -31.23 -21.34 8.51
N ALA F 113 -31.14 -20.21 7.80
CA ALA F 113 -32.30 -19.52 7.30
C ALA F 113 -33.12 -20.39 6.35
N ASN F 114 -32.42 -21.10 5.45
CA ASN F 114 -33.08 -21.96 4.45
C ASN F 114 -33.83 -23.10 5.09
N VAL F 115 -33.27 -23.66 6.16
CA VAL F 115 -33.92 -24.75 6.86
C VAL F 115 -35.17 -24.20 7.55
N LYS F 116 -35.01 -23.08 8.24
CA LYS F 116 -36.11 -22.38 8.90
C LYS F 116 -37.29 -22.08 7.95
N ASN F 117 -36.99 -21.57 6.76
CA ASN F 117 -38.04 -21.19 5.82
C ASN F 117 -38.72 -22.40 5.18
N LEU F 118 -38.01 -23.51 5.06
CA LEU F 118 -38.60 -24.78 4.65
C LEU F 118 -39.56 -25.27 5.73
N TYR F 119 -39.14 -25.13 6.97
CA TYR F 119 -40.00 -25.54 8.07
C TYR F 119 -41.27 -24.71 8.05
N GLU F 120 -41.17 -23.43 7.71
CA GLU F 120 -42.35 -22.56 7.77
C GLU F 120 -43.27 -22.75 6.56
N LYS F 121 -42.68 -23.18 5.44
CA LYS F 121 -43.42 -23.52 4.23
C LYS F 121 -44.38 -24.69 4.49
N VAL F 122 -43.84 -25.75 5.09
CA VAL F 122 -44.63 -26.91 5.48
C VAL F 122 -45.70 -26.56 6.48
N LYS F 123 -45.31 -25.92 7.56
CA LYS F 123 -46.20 -25.50 8.63
C LYS F 123 -47.42 -24.75 8.13
N SER F 124 -47.20 -23.86 7.18
CA SER F 124 -48.24 -23.03 6.61
C SER F 124 -49.25 -23.83 5.73
N GLN F 125 -48.78 -24.89 5.06
CA GLN F 125 -49.64 -25.82 4.34
C GLN F 125 -50.53 -26.60 5.28
N LEU F 126 -49.92 -27.16 6.30
CA LEU F 126 -50.53 -28.16 7.16
C LEU F 126 -51.62 -27.57 8.07
N ARG F 127 -51.46 -26.29 8.43
CA ARG F 127 -52.36 -25.61 9.37
C ARG F 127 -52.63 -26.50 10.59
N ASP F 128 -53.91 -26.68 10.93
CA ASP F 128 -54.33 -27.51 12.06
C ASP F 128 -54.69 -28.98 11.73
N ASN F 129 -54.34 -29.43 10.52
CA ASN F 129 -54.41 -30.85 10.17
C ASN F 129 -53.25 -31.64 10.75
N ALA F 130 -52.37 -30.95 11.47
CA ALA F 130 -51.21 -31.57 12.07
C ALA F 130 -50.73 -30.81 13.28
N ASN F 131 -49.97 -31.49 14.11
CA ASN F 131 -49.47 -30.92 15.35
C ASN F 131 -47.99 -30.63 15.22
N ASP F 132 -47.61 -29.39 15.52
CA ASP F 132 -46.21 -28.98 15.45
C ASP F 132 -45.57 -29.35 16.76
N LEU F 133 -44.61 -30.26 16.70
CA LEU F 133 -43.81 -30.63 17.85
C LEU F 133 -42.70 -29.60 17.97
N GLY F 134 -41.88 -29.70 19.00
CA GLY F 134 -40.82 -28.73 19.19
C GLY F 134 -39.78 -28.69 18.09
N ASN F 135 -39.59 -29.83 17.43
CA ASN F 135 -38.38 -30.21 16.74
C ASN F 135 -38.30 -30.18 15.21
N GLY F 136 -39.13 -29.39 14.53
CA GLY F 136 -39.19 -29.43 13.07
C GLY F 136 -40.14 -30.49 12.52
N CYS F 137 -40.78 -31.24 13.43
CA CYS F 137 -41.66 -32.37 13.07
C CYS F 137 -43.13 -32.05 13.26
N PHE F 138 -43.95 -32.58 12.37
CA PHE F 138 -45.40 -32.45 12.40
C PHE F 138 -46.08 -33.82 12.48
N GLU F 139 -46.90 -34.02 13.50
CA GLU F 139 -47.65 -35.26 13.64
C GLU F 139 -49.05 -35.06 13.07
N PHE F 140 -49.39 -35.76 12.00
CA PHE F 140 -50.66 -35.57 11.31
C PHE F 140 -51.87 -36.00 12.14
N TRP F 141 -52.97 -35.26 12.00
CA TRP F 141 -54.23 -35.62 12.65
C TRP F 141 -55.03 -36.54 11.73
N HIS F 142 -54.44 -36.91 10.60
CA HIS F 142 -55.07 -37.82 9.65
C HIS F 142 -54.08 -38.88 9.14
N LYS F 143 -54.59 -39.86 8.41
CA LYS F 143 -53.67 -40.74 7.68
C LYS F 143 -53.04 -40.07 6.47
N CYS F 144 -51.71 -40.03 6.46
CA CYS F 144 -51.01 -39.40 5.35
C CYS F 144 -50.29 -40.48 4.55
N ASP F 145 -50.79 -40.64 3.33
CA ASP F 145 -50.35 -41.58 2.33
C ASP F 145 -49.00 -41.17 1.73
N ASN F 146 -48.31 -42.09 1.04
CA ASN F 146 -47.09 -41.74 0.32
C ASN F 146 -47.40 -40.61 -0.65
N GLU F 147 -48.57 -40.66 -1.28
CA GLU F 147 -49.07 -39.58 -2.14
C GLU F 147 -49.26 -38.30 -1.36
N CYS F 148 -49.83 -38.44 -0.17
CA CYS F 148 -50.04 -37.30 0.72
C CYS F 148 -48.70 -36.65 1.15
N MET F 149 -47.73 -37.48 1.49
CA MET F 149 -46.41 -36.99 1.86
C MET F 149 -45.76 -36.24 0.69
N GLU F 150 -45.90 -36.80 -0.52
CA GLU F 150 -45.38 -36.18 -1.74
C GLU F 150 -46.01 -34.82 -2.01
N SER F 151 -47.30 -34.70 -1.74
CA SER F 151 -48.00 -33.44 -1.99
C SER F 151 -47.55 -32.36 -1.00
N VAL F 152 -47.24 -32.76 0.23
CA VAL F 152 -46.65 -31.86 1.20
C VAL F 152 -45.31 -31.31 0.70
N LYS F 153 -44.48 -32.18 0.09
CA LYS F 153 -43.15 -31.80 -0.36
C LYS F 153 -43.20 -30.97 -1.64
N ASN F 154 -44.26 -31.18 -2.42
CA ASN F 154 -44.53 -30.51 -3.69
C ASN F 154 -45.09 -29.11 -3.53
N GLY F 155 -45.63 -28.82 -2.35
CA GLY F 155 -46.41 -27.62 -2.15
C GLY F 155 -47.84 -27.73 -2.70
N THR F 156 -48.30 -28.94 -2.95
CA THR F 156 -49.66 -29.15 -3.44
C THR F 156 -50.53 -29.88 -2.43
N TYR F 157 -50.24 -29.70 -1.14
CA TYR F 157 -50.99 -30.38 -0.10
C TYR F 157 -52.43 -29.86 -0.03
N ASP F 158 -53.39 -30.76 0.15
CA ASP F 158 -54.80 -30.41 0.05
C ASP F 158 -55.42 -30.35 1.44
N TYR F 159 -55.44 -29.18 2.06
CA TYR F 159 -55.96 -29.03 3.41
C TYR F 159 -57.47 -29.30 3.56
N PRO F 160 -58.32 -28.71 2.68
CA PRO F 160 -59.75 -28.97 2.92
C PRO F 160 -60.08 -30.45 2.83
N LYS F 161 -59.41 -31.17 1.94
CA LYS F 161 -59.61 -32.60 1.72
C LYS F 161 -59.48 -33.41 3.01
N TYR F 162 -58.69 -32.93 3.97
CA TYR F 162 -58.47 -33.70 5.19
C TYR F 162 -58.96 -32.97 6.45
N GLN F 163 -59.55 -31.80 6.27
CA GLN F 163 -60.00 -31.00 7.39
C GLN F 163 -60.96 -31.78 8.33
N LYS F 164 -62.04 -32.34 7.78
CA LYS F 164 -63.01 -33.07 8.62
C LYS F 164 -62.41 -34.27 9.36
N GLU F 165 -61.72 -35.16 8.65
CA GLU F 165 -61.00 -36.27 9.27
C GLU F 165 -60.05 -35.81 10.38
N SER F 166 -59.41 -34.66 10.18
CA SER F 166 -58.44 -34.15 11.15
C SER F 166 -59.15 -33.56 12.35
N LYS F 167 -60.28 -32.89 12.09
CA LYS F 167 -61.10 -32.32 13.15
C LYS F 167 -61.51 -33.42 14.15
N LEU F 168 -62.01 -34.53 13.61
CA LEU F 168 -62.46 -35.67 14.40
C LEU F 168 -61.43 -36.19 15.39
N ASN F 169 -60.27 -36.64 14.88
CA ASN F 169 -59.25 -37.23 15.74
C ASN F 169 -58.66 -36.23 16.70
N ARG F 170 -58.63 -34.97 16.27
CA ARG F 170 -58.22 -33.87 17.13
C ARG F 170 -59.16 -33.83 18.35
N GLN F 171 -60.42 -34.25 18.14
CA GLN F 171 -61.43 -34.29 19.21
C GLN F 171 -61.44 -35.55 20.08
N GLY F 172 -60.91 -36.66 19.56
CA GLY F 172 -60.85 -37.91 20.31
C GLY F 172 -60.08 -37.82 21.62
#